data_7P0Z
#
_entry.id   7P0Z
#
_entity_poly.entity_id   1
_entity_poly.type   'polypeptide(L)'
_entity_poly.pdbx_seq_one_letter_code
;SMHSQPQTVTVDQQEILNRADEVEAPMATPPTDVPQAPSGLTAANNAAEQLAVSADNVRLYLQAGERERQRLATSLRNAA
AAYGEVEDESATALDNDGNGEVDAQSAGGAGAGQTESLEETPKVAAAGESDFTDLKTAATKLESGDQGTSMVNFADGWNN
FNLSLQRDIKRFRIFENWEGDAATACEASMDQQKEWILHMAKLSASLAKQANFMAQLQLWARRGHPTLADIVELERLAKD
PDYQEQAIKLYAEYQETSEKVLSEYNTKADLEPVNPPKPPAAIKIDPP
;
_entity_poly.pdbx_strand_id   A,B,C,D,E,F,G
#
# COMPACT_ATOMS: atom_id res chain seq x y z
N THR A 10 -31.79 -45.23 6.73
CA THR A 10 -32.76 -44.16 6.61
C THR A 10 -32.15 -42.86 7.08
N VAL A 11 -32.66 -42.32 8.17
CA VAL A 11 -32.11 -41.12 8.80
C VAL A 11 -31.77 -41.46 10.23
N ASP A 12 -30.53 -41.18 10.63
CA ASP A 12 -30.07 -41.46 11.97
C ASP A 12 -30.34 -40.26 12.87
N GLN A 13 -31.50 -40.27 13.50
CA GLN A 13 -31.82 -39.28 14.51
C GLN A 13 -30.85 -39.31 15.67
N GLN A 14 -30.34 -40.49 16.01
CA GLN A 14 -29.49 -40.58 17.18
C GLN A 14 -28.19 -39.83 16.96
N GLU A 15 -27.67 -39.85 15.73
CA GLU A 15 -26.49 -39.05 15.44
C GLU A 15 -26.76 -37.57 15.67
N ILE A 16 -27.92 -37.10 15.22
CA ILE A 16 -28.23 -35.69 15.41
C ILE A 16 -28.37 -35.34 16.88
N LEU A 17 -29.04 -36.19 17.65
CA LEU A 17 -29.18 -35.88 19.07
C LEU A 17 -27.84 -35.89 19.78
N ASN A 18 -26.98 -36.83 19.45
CA ASN A 18 -25.66 -36.85 20.07
C ASN A 18 -24.88 -35.61 19.70
N ARG A 19 -24.97 -35.16 18.46
CA ARG A 19 -24.27 -33.96 18.07
C ARG A 19 -24.84 -32.74 18.76
N ALA A 20 -26.15 -32.72 18.99
CA ALA A 20 -26.74 -31.61 19.73
C ALA A 20 -26.22 -31.55 21.15
N ASP A 21 -26.10 -32.69 21.81
CA ASP A 21 -25.51 -32.65 23.14
C ASP A 21 -24.05 -32.26 23.11
N GLU A 22 -23.32 -32.68 22.08
CA GLU A 22 -21.92 -32.35 21.99
C GLU A 22 -21.69 -30.87 21.73
N VAL A 23 -22.60 -30.21 21.00
CA VAL A 23 -22.28 -28.86 20.57
C VAL A 23 -22.50 -27.86 21.69
N GLU A 24 -23.38 -28.16 22.64
CA GLU A 24 -23.65 -27.24 23.73
C GLU A 24 -22.99 -27.68 25.03
N ALA A 25 -22.10 -28.65 24.97
CA ALA A 25 -21.34 -28.97 26.16
C ALA A 25 -20.45 -27.79 26.52
N PRO A 26 -20.15 -27.58 27.80
CA PRO A 26 -19.32 -26.44 28.18
C PRO A 26 -17.96 -26.51 27.50
N MET A 27 -17.48 -25.35 27.08
CA MET A 27 -16.13 -25.25 26.59
C MET A 27 -15.21 -24.92 27.75
N ALA A 28 -13.96 -24.63 27.45
CA ALA A 28 -13.00 -24.30 28.48
C ALA A 28 -13.45 -23.06 29.23
N THR A 29 -13.11 -23.00 30.49
CA THR A 29 -13.41 -21.83 31.27
C THR A 29 -12.30 -20.81 31.09
N PRO A 30 -12.63 -19.57 30.76
CA PRO A 30 -11.60 -18.55 30.60
C PRO A 30 -10.96 -18.19 31.92
N PRO A 31 -9.75 -17.65 31.90
CA PRO A 31 -9.12 -17.24 33.16
C PRO A 31 -9.84 -16.05 33.78
N THR A 32 -9.74 -15.93 35.09
CA THR A 32 -10.38 -14.83 35.79
C THR A 32 -9.42 -13.98 36.59
N ASP A 33 -8.13 -14.20 36.47
CA ASP A 33 -7.22 -13.44 37.30
C ASP A 33 -7.05 -12.03 36.78
N VAL A 34 -6.80 -11.11 37.69
CA VAL A 34 -6.77 -9.68 37.37
C VAL A 34 -5.32 -9.24 37.32
N PRO A 35 -4.84 -8.72 36.20
CA PRO A 35 -3.42 -8.36 36.09
C PRO A 35 -3.14 -7.03 36.76
N GLN A 36 -2.07 -6.98 37.54
CA GLN A 36 -1.69 -5.76 38.23
C GLN A 36 -0.69 -4.97 37.42
N ALA A 37 -0.57 -3.71 37.78
CA ALA A 37 0.38 -2.84 37.10
C ALA A 37 1.79 -3.30 37.39
N PRO A 38 2.64 -3.39 36.37
CA PRO A 38 4.01 -3.86 36.62
C PRO A 38 4.83 -2.92 37.48
N SER A 39 4.54 -1.63 37.47
CA SER A 39 5.32 -0.67 38.22
C SER A 39 4.35 0.33 38.83
N GLY A 40 4.89 1.46 39.29
CA GLY A 40 4.10 2.53 39.82
C GLY A 40 3.81 3.64 38.85
N LEU A 41 4.33 3.56 37.64
CA LEU A 41 4.08 4.59 36.66
C LEU A 41 2.60 4.65 36.29
N THR A 42 2.15 5.82 35.91
CA THR A 42 0.74 6.00 35.60
C THR A 42 0.37 5.27 34.32
N ALA A 43 1.27 5.25 33.34
CA ALA A 43 0.99 4.52 32.12
C ALA A 43 0.87 3.03 32.38
N ALA A 44 1.66 2.52 33.33
CA ALA A 44 1.54 1.12 33.68
C ALA A 44 0.18 0.81 34.27
N ASN A 45 -0.31 1.68 35.13
CA ASN A 45 -1.63 1.45 35.71
C ASN A 45 -2.69 1.52 34.64
N ASN A 46 -2.56 2.46 33.71
CA ASN A 46 -3.48 2.52 32.59
C ASN A 46 -3.46 1.23 31.79
N ALA A 47 -2.28 0.69 31.53
CA ALA A 47 -2.17 -0.52 30.75
C ALA A 47 -2.82 -1.69 31.48
N ALA A 48 -2.59 -1.79 32.78
CA ALA A 48 -3.20 -2.88 33.53
C ALA A 48 -4.71 -2.76 33.51
N GLU A 49 -5.23 -1.55 33.63
CA GLU A 49 -6.67 -1.39 33.61
C GLU A 49 -7.25 -1.66 32.23
N GLN A 50 -6.54 -1.27 31.18
CA GLN A 50 -6.97 -1.61 29.83
C GLN A 50 -7.04 -3.12 29.65
N LEU A 51 -6.03 -3.84 30.14
CA LEU A 51 -6.06 -5.30 30.07
C LEU A 51 -7.22 -5.88 30.85
N ALA A 52 -7.47 -5.37 32.04
CA ALA A 52 -8.57 -5.90 32.83
C ALA A 52 -9.90 -5.71 32.11
N VAL A 53 -10.10 -4.54 31.53
CA VAL A 53 -11.34 -4.27 30.82
C VAL A 53 -11.47 -5.15 29.59
N SER A 54 -10.39 -5.31 28.84
CA SER A 54 -10.44 -6.18 27.67
C SER A 54 -10.77 -7.60 28.06
N ALA A 55 -10.19 -8.09 29.17
CA ALA A 55 -10.50 -9.43 29.63
C ALA A 55 -11.96 -9.57 29.99
N ASP A 56 -12.50 -8.61 30.73
CA ASP A 56 -13.92 -8.63 31.05
C ASP A 56 -14.78 -8.67 29.80
N ASN A 57 -14.42 -7.89 28.80
CA ASN A 57 -15.24 -7.83 27.60
C ASN A 57 -15.19 -9.15 26.83
N VAL A 58 -14.03 -9.77 26.80
CA VAL A 58 -13.92 -11.07 26.16
C VAL A 58 -14.76 -12.12 26.89
N ARG A 59 -14.74 -12.09 28.22
CA ARG A 59 -15.54 -13.05 28.97
C ARG A 59 -17.02 -12.85 28.70
N LEU A 60 -17.46 -11.61 28.61
CA LEU A 60 -18.85 -11.32 28.30
C LEU A 60 -19.26 -11.89 26.94
N TYR A 61 -18.43 -11.68 25.93
CA TYR A 61 -18.81 -12.22 24.63
C TYR A 61 -18.75 -13.74 24.60
N LEU A 62 -17.93 -14.35 25.44
CA LEU A 62 -17.94 -15.79 25.53
C LEU A 62 -19.28 -16.29 26.04
N GLN A 63 -19.84 -15.58 27.02
CA GLN A 63 -21.19 -15.95 27.47
C GLN A 63 -22.22 -15.80 26.35
N ALA A 64 -22.05 -14.78 25.52
CA ALA A 64 -22.96 -14.67 24.38
C ALA A 64 -22.86 -15.89 23.46
N GLY A 65 -21.63 -16.29 23.15
CA GLY A 65 -21.44 -17.46 22.30
C GLY A 65 -22.04 -18.71 22.91
N GLU A 66 -21.96 -18.83 24.22
CA GLU A 66 -22.59 -19.95 24.90
C GLU A 66 -24.09 -19.98 24.66
N ARG A 67 -24.73 -18.82 24.72
CA ARG A 67 -26.15 -18.80 24.41
C ARG A 67 -26.41 -19.23 22.96
N GLU A 68 -25.59 -18.77 22.04
CA GLU A 68 -25.80 -19.17 20.66
C GLU A 68 -25.68 -20.67 20.50
N ARG A 69 -24.79 -21.29 21.23
CA ARG A 69 -24.66 -22.74 21.11
C ARG A 69 -25.86 -23.46 21.71
N GLN A 70 -26.44 -22.94 22.78
CA GLN A 70 -27.68 -23.55 23.25
C GLN A 70 -28.76 -23.47 22.20
N ARG A 71 -28.90 -22.33 21.56
CA ARG A 71 -29.94 -22.21 20.55
C ARG A 71 -29.68 -23.13 19.38
N LEU A 72 -28.43 -23.29 19.00
CA LEU A 72 -28.11 -24.22 17.93
C LEU A 72 -28.46 -25.65 18.31
N ALA A 73 -28.19 -26.03 19.55
CA ALA A 73 -28.56 -27.37 19.99
C ALA A 73 -30.06 -27.57 19.98
N THR A 74 -30.81 -26.55 20.39
CA THR A 74 -32.26 -26.64 20.31
C THR A 74 -32.72 -26.82 18.87
N SER A 75 -32.14 -26.06 17.94
CA SER A 75 -32.55 -26.22 16.55
C SER A 75 -32.23 -27.61 16.04
N LEU A 76 -31.10 -28.18 16.46
CA LEU A 76 -30.78 -29.53 16.04
C LEU A 76 -31.78 -30.53 16.59
N ARG A 77 -32.20 -30.37 17.83
CA ARG A 77 -33.19 -31.27 18.37
C ARG A 77 -34.51 -31.16 17.65
N ASN A 78 -34.90 -29.96 17.27
CA ASN A 78 -36.12 -29.83 16.48
C ASN A 78 -35.97 -30.51 15.12
N ALA A 79 -34.84 -30.29 14.48
CA ALA A 79 -34.59 -30.93 13.19
C ALA A 79 -34.63 -32.45 13.32
N ALA A 80 -34.15 -32.97 14.43
CA ALA A 80 -34.23 -34.40 14.66
C ALA A 80 -35.67 -34.83 14.83
N ALA A 81 -36.46 -34.07 15.57
CA ALA A 81 -37.86 -34.40 15.73
C ALA A 81 -38.63 -34.36 14.43
N ALA A 82 -38.07 -33.77 13.39
CA ALA A 82 -38.73 -33.81 12.10
C ALA A 82 -38.92 -35.22 11.55
N TYR A 83 -38.24 -36.22 12.08
CA TYR A 83 -38.36 -37.57 11.52
C TYR A 83 -39.34 -38.44 12.28
N GLY A 84 -39.10 -38.67 13.56
CA GLY A 84 -40.02 -39.51 14.29
C GLY A 84 -40.15 -39.03 15.71
N GLU A 85 -40.99 -39.73 16.46
CA GLU A 85 -41.16 -39.41 17.88
C GLU A 85 -39.82 -39.57 18.58
N VAL A 86 -39.58 -38.73 19.57
CA VAL A 86 -38.33 -38.85 20.32
C VAL A 86 -38.63 -39.33 21.73
N SER A 130 20.85 21.47 41.54
CA SER A 130 20.12 20.42 40.83
C SER A 130 19.61 19.38 41.80
N ASP A 131 18.30 19.32 41.98
CA ASP A 131 17.74 18.32 42.86
C ASP A 131 17.40 17.06 42.09
N PHE A 132 17.30 15.98 42.83
CA PHE A 132 17.14 14.66 42.26
C PHE A 132 15.73 14.13 42.44
N THR A 133 14.78 14.99 42.76
CA THR A 133 13.47 14.49 43.17
C THR A 133 12.64 14.02 41.98
N ASP A 134 12.80 14.62 40.81
CA ASP A 134 12.14 14.03 39.65
C ASP A 134 12.74 12.68 39.30
N LEU A 135 14.06 12.57 39.35
CA LEU A 135 14.69 11.28 39.12
C LEU A 135 14.33 10.30 40.21
N LYS A 136 14.31 10.74 41.46
CA LYS A 136 13.97 9.80 42.53
C LYS A 136 12.53 9.36 42.41
N THR A 137 11.64 10.24 41.99
CA THR A 137 10.25 9.85 41.79
C THR A 137 10.13 8.84 40.66
N ALA A 138 10.75 9.14 39.52
CA ALA A 138 10.70 8.23 38.40
C ALA A 138 11.23 6.86 38.77
N ALA A 139 12.39 6.82 39.42
CA ALA A 139 12.97 5.54 39.78
C ALA A 139 12.12 4.80 40.80
N THR A 140 11.59 5.52 41.78
CA THR A 140 10.82 4.85 42.81
C THR A 140 9.59 4.20 42.21
N LYS A 141 8.91 4.90 41.33
CA LYS A 141 7.78 4.31 40.64
C LYS A 141 8.21 3.13 39.80
N LEU A 142 9.28 3.29 39.02
CA LEU A 142 9.69 2.22 38.13
C LEU A 142 10.05 0.94 38.87
N GLU A 143 10.54 1.04 40.08
CA GLU A 143 10.96 -0.17 40.77
C GLU A 143 9.91 -0.68 41.73
N SER A 144 8.76 -0.04 41.80
CA SER A 144 7.69 -0.54 42.61
C SER A 144 6.90 -1.61 41.84
N GLY A 145 5.81 -2.06 42.41
CA GLY A 145 4.99 -3.04 41.76
C GLY A 145 5.62 -4.42 41.81
N ASP A 146 5.02 -5.34 41.07
CA ASP A 146 5.52 -6.69 41.06
C ASP A 146 6.41 -6.98 39.89
N GLN A 147 6.70 -5.96 39.09
CA GLN A 147 7.64 -6.03 37.99
C GLN A 147 7.19 -6.96 36.89
N GLY A 148 5.91 -7.33 36.90
CA GLY A 148 5.31 -8.03 35.80
C GLY A 148 4.98 -9.48 36.00
N THR A 149 5.07 -10.01 37.21
CA THR A 149 4.78 -11.43 37.35
C THR A 149 3.30 -11.70 37.15
N SER A 150 2.43 -10.82 37.62
CA SER A 150 1.01 -11.05 37.40
C SER A 150 0.64 -10.88 35.94
N MET A 151 1.37 -10.06 35.21
CA MET A 151 1.19 -9.99 33.77
C MET A 151 1.53 -11.31 33.12
N VAL A 152 2.59 -11.97 33.57
CA VAL A 152 2.97 -13.24 32.98
C VAL A 152 1.96 -14.32 33.33
N ASN A 153 1.46 -14.32 34.57
CA ASN A 153 0.41 -15.27 34.90
C ASN A 153 -0.83 -15.05 34.05
N PHE A 154 -1.22 -13.79 33.88
CA PHE A 154 -2.33 -13.43 33.02
C PHE A 154 -2.12 -13.95 31.60
N ALA A 155 -0.95 -13.71 31.05
CA ALA A 155 -0.67 -14.12 29.70
C ALA A 155 -0.69 -15.63 29.56
N ASP A 156 -0.15 -16.35 30.53
CA ASP A 156 -0.18 -17.80 30.48
C ASP A 156 -1.61 -18.30 30.46
N GLY A 157 -2.44 -17.77 31.35
CA GLY A 157 -3.82 -18.19 31.37
C GLY A 157 -4.52 -17.95 30.06
N TRP A 158 -4.29 -16.79 29.45
CA TRP A 158 -4.99 -16.51 28.22
C TRP A 158 -4.43 -17.29 27.03
N ASN A 159 -3.14 -17.60 27.02
CA ASN A 159 -2.62 -18.49 26.00
C ASN A 159 -3.19 -19.89 26.13
N ASN A 160 -3.30 -20.38 27.36
CA ASN A 160 -3.93 -21.67 27.55
C ASN A 160 -5.35 -21.66 27.03
N PHE A 161 -6.07 -20.58 27.30
CA PHE A 161 -7.43 -20.49 26.81
C PHE A 161 -7.49 -20.48 25.29
N ASN A 162 -6.62 -19.70 24.65
CA ASN A 162 -6.44 -19.74 23.21
C ASN A 162 -6.34 -21.17 22.68
N LEU A 163 -5.39 -21.92 23.23
CA LEU A 163 -5.18 -23.27 22.73
C LEU A 163 -6.39 -24.17 23.01
N SER A 164 -6.99 -24.04 24.17
CA SER A 164 -8.07 -24.94 24.49
C SER A 164 -9.34 -24.62 23.69
N LEU A 165 -9.53 -23.36 23.30
CA LEU A 165 -10.58 -23.07 22.33
C LEU A 165 -10.27 -23.70 20.99
N GLN A 166 -9.04 -23.55 20.53
CA GLN A 166 -8.68 -24.16 19.26
C GLN A 166 -8.85 -25.68 19.26
N ARG A 167 -8.68 -26.32 20.39
CA ARG A 167 -8.85 -27.76 20.40
C ARG A 167 -10.29 -28.19 20.41
N ASP A 168 -11.23 -27.27 20.51
CA ASP A 168 -12.61 -27.63 20.77
C ASP A 168 -13.53 -27.32 19.62
N ILE A 169 -13.04 -27.35 18.39
CA ILE A 169 -13.89 -27.13 17.24
C ILE A 169 -14.34 -28.44 16.59
N LYS A 170 -13.99 -29.58 17.17
CA LYS A 170 -14.58 -30.84 16.72
C LYS A 170 -16.09 -30.80 16.77
N ARG A 171 -16.64 -30.14 17.78
CA ARG A 171 -18.08 -30.10 17.93
C ARG A 171 -18.78 -29.43 16.76
N PHE A 172 -18.07 -28.89 15.80
CA PHE A 172 -18.73 -28.28 14.65
C PHE A 172 -18.46 -29.03 13.36
N ARG A 173 -17.90 -30.23 13.43
CA ARG A 173 -17.65 -30.98 12.22
C ARG A 173 -18.94 -31.32 11.49
N ILE A 174 -18.80 -31.61 10.20
CA ILE A 174 -19.92 -32.05 9.39
C ILE A 174 -20.47 -33.38 9.90
N PHE A 175 -21.67 -33.70 9.46
CA PHE A 175 -22.33 -34.93 9.87
C PHE A 175 -21.89 -36.08 8.98
N GLU A 176 -21.85 -37.26 9.56
CA GLU A 176 -21.62 -38.45 8.76
C GLU A 176 -22.85 -38.84 7.95
N ASN A 177 -23.93 -39.16 8.64
CA ASN A 177 -25.07 -39.81 8.01
C ASN A 177 -26.27 -38.92 7.81
N TRP A 178 -26.15 -37.63 8.00
CA TRP A 178 -27.30 -36.77 7.85
C TRP A 178 -27.13 -35.91 6.61
N GLU A 179 -28.21 -35.76 5.85
CA GLU A 179 -28.11 -35.11 4.57
C GLU A 179 -29.44 -34.44 4.27
N GLY A 180 -29.43 -33.56 3.29
CA GLY A 180 -30.62 -32.81 2.93
C GLY A 180 -30.49 -31.36 3.27
N ASP A 181 -31.60 -30.64 3.17
CA ASP A 181 -31.56 -29.19 3.31
C ASP A 181 -31.31 -28.78 4.75
N ALA A 182 -32.00 -29.41 5.69
CA ALA A 182 -31.79 -29.05 7.08
C ALA A 182 -30.36 -29.35 7.51
N ALA A 183 -29.82 -30.48 7.07
CA ALA A 183 -28.45 -30.81 7.40
C ALA A 183 -27.47 -29.80 6.82
N THR A 184 -27.68 -29.39 5.57
CA THR A 184 -26.81 -28.38 4.99
C THR A 184 -26.89 -27.08 5.77
N ALA A 185 -28.09 -26.66 6.14
CA ALA A 185 -28.25 -25.40 6.84
C ALA A 185 -27.62 -25.46 8.23
N CYS A 186 -27.79 -26.58 8.92
CA CYS A 186 -27.20 -26.73 10.24
C CYS A 186 -25.68 -26.80 10.15
N GLU A 187 -25.15 -27.42 9.11
CA GLU A 187 -23.71 -27.42 8.92
C GLU A 187 -23.19 -26.02 8.66
N ALA A 188 -23.91 -25.23 7.88
CA ALA A 188 -23.49 -23.85 7.67
C ALA A 188 -23.50 -23.07 8.98
N SER A 189 -24.52 -23.30 9.80
CA SER A 189 -24.58 -22.63 11.08
C SER A 189 -23.43 -23.05 12.00
N MET A 190 -23.14 -24.35 12.07
CA MET A 190 -22.02 -24.81 12.88
C MET A 190 -20.70 -24.26 12.35
N ASP A 191 -20.57 -24.16 11.04
CA ASP A 191 -19.38 -23.56 10.47
C ASP A 191 -19.22 -22.12 10.91
N GLN A 192 -20.31 -21.38 10.95
CA GLN A 192 -20.25 -20.00 11.43
C GLN A 192 -19.82 -19.94 12.88
N GLN A 193 -20.39 -20.81 13.71
CA GLN A 193 -19.97 -20.83 15.11
C GLN A 193 -18.50 -21.15 15.22
N LYS A 194 -18.01 -22.07 14.40
CA LYS A 194 -16.60 -22.41 14.40
C LYS A 194 -15.75 -21.21 14.05
N GLU A 195 -16.17 -20.45 13.04
CA GLU A 195 -15.42 -19.27 12.65
C GLU A 195 -15.37 -18.27 13.79
N TRP A 196 -16.49 -18.07 14.45
CA TRP A 196 -16.50 -17.13 15.57
C TRP A 196 -15.60 -17.60 16.69
N ILE A 197 -15.59 -18.90 16.97
CA ILE A 197 -14.75 -19.42 18.02
C ILE A 197 -13.28 -19.22 17.68
N LEU A 198 -12.90 -19.43 16.43
CA LEU A 198 -11.51 -19.21 16.05
C LEU A 198 -11.14 -17.74 16.17
N HIS A 199 -12.04 -16.85 15.80
CA HIS A 199 -11.78 -15.43 16.00
C HIS A 199 -11.62 -15.10 17.47
N MET A 200 -12.42 -15.72 18.33
CA MET A 200 -12.31 -15.46 19.76
C MET A 200 -11.00 -15.98 20.31
N ALA A 201 -10.55 -17.13 19.81
CA ALA A 201 -9.25 -17.64 20.23
C ALA A 201 -8.14 -16.69 19.80
N LYS A 202 -8.26 -16.13 18.61
CA LYS A 202 -7.28 -15.17 18.14
C LYS A 202 -7.25 -13.94 19.03
N LEU A 203 -8.42 -13.49 19.48
CA LEU A 203 -8.47 -12.35 20.39
C LEU A 203 -7.84 -12.70 21.73
N SER A 204 -8.10 -13.90 22.23
CA SER A 204 -7.43 -14.34 23.45
C SER A 204 -5.92 -14.33 23.29
N ALA A 205 -5.45 -14.79 22.14
CA ALA A 205 -4.02 -14.77 21.89
C ALA A 205 -3.49 -13.35 21.89
N SER A 206 -4.20 -12.43 21.26
CA SER A 206 -3.73 -11.06 21.24
C SER A 206 -3.72 -10.46 22.63
N LEU A 207 -4.65 -10.88 23.46
CA LEU A 207 -4.66 -10.44 24.84
C LEU A 207 -3.40 -10.89 25.57
N ALA A 208 -3.07 -12.17 25.44
CA ALA A 208 -1.87 -12.68 26.08
C ALA A 208 -0.63 -12.01 25.50
N LYS A 209 -0.65 -11.75 24.20
CA LYS A 209 0.47 -11.09 23.56
C LYS A 209 0.70 -9.70 24.15
N GLN A 210 -0.37 -8.95 24.37
CA GLN A 210 -0.22 -7.64 24.99
C GLN A 210 0.32 -7.75 26.41
N ALA A 211 -0.16 -8.73 27.17
CA ALA A 211 0.37 -8.86 28.52
C ALA A 211 1.87 -9.18 28.51
N ASN A 212 2.29 -10.07 27.62
CA ASN A 212 3.70 -10.37 27.50
C ASN A 212 4.48 -9.14 27.10
N PHE A 213 3.91 -8.34 26.22
CA PHE A 213 4.55 -7.11 25.80
C PHE A 213 4.76 -6.19 26.98
N MET A 214 3.78 -6.09 27.87
CA MET A 214 3.94 -5.24 29.03
C MET A 214 5.04 -5.74 29.95
N ALA A 215 5.12 -7.04 30.14
CA ALA A 215 6.20 -7.58 30.96
C ALA A 215 7.57 -7.28 30.35
N GLN A 216 7.71 -7.46 29.04
CA GLN A 216 8.99 -7.17 28.44
C GLN A 216 9.31 -5.70 28.49
N LEU A 217 8.30 -4.85 28.37
CA LEU A 217 8.51 -3.42 28.48
C LEU A 217 9.02 -3.07 29.87
N GLN A 218 8.47 -3.68 30.89
CA GLN A 218 8.94 -3.43 32.24
C GLN A 218 10.40 -3.81 32.39
N LEU A 219 10.79 -4.96 31.86
CA LEU A 219 12.20 -5.33 31.95
C LEU A 219 13.09 -4.37 31.18
N TRP A 220 12.68 -3.98 29.98
CA TRP A 220 13.48 -3.09 29.16
C TRP A 220 13.68 -1.76 29.84
N ALA A 221 12.63 -1.24 30.44
CA ALA A 221 12.73 0.03 31.13
C ALA A 221 13.58 -0.10 32.37
N ARG A 222 13.53 -1.25 33.03
CA ARG A 222 14.27 -1.36 34.27
C ARG A 222 15.75 -1.45 34.02
N ARG A 223 16.16 -2.09 32.94
CA ARG A 223 17.58 -2.08 32.68
C ARG A 223 18.02 -0.90 31.83
N GLY A 224 17.10 -0.07 31.39
CA GLY A 224 17.53 1.10 30.69
C GLY A 224 17.53 2.37 31.49
N HIS A 225 17.15 2.31 32.74
CA HIS A 225 16.91 3.46 33.56
C HIS A 225 17.78 3.42 34.79
N PRO A 226 18.33 4.55 35.20
CA PRO A 226 19.20 4.58 36.38
C PRO A 226 18.47 4.14 37.63
N THR A 227 19.14 3.30 38.40
CA THR A 227 18.56 2.72 39.59
C THR A 227 18.30 3.80 40.64
N LEU A 228 17.45 3.48 41.61
CA LEU A 228 17.30 4.33 42.77
C LEU A 228 18.60 4.40 43.56
N ALA A 229 19.31 3.28 43.67
CA ALA A 229 20.60 3.28 44.34
C ALA A 229 21.60 4.16 43.60
N ASP A 230 21.60 4.12 42.28
CA ASP A 230 22.51 4.99 41.53
C ASP A 230 22.17 6.45 41.74
N ILE A 231 20.89 6.76 41.91
CA ILE A 231 20.52 8.15 42.10
C ILE A 231 20.92 8.61 43.49
N VAL A 232 20.74 7.75 44.48
CA VAL A 232 21.21 8.08 45.82
C VAL A 232 22.72 8.26 45.84
N GLU A 233 23.43 7.39 45.15
CA GLU A 233 24.86 7.56 45.00
C GLU A 233 25.19 8.91 44.37
N LEU A 234 24.59 9.22 43.25
CA LEU A 234 24.96 10.44 42.55
C LEU A 234 24.67 11.66 43.41
N GLU A 235 23.54 11.65 44.11
CA GLU A 235 23.22 12.76 44.99
C GLU A 235 24.26 12.92 46.08
N ARG A 236 24.55 11.84 46.81
CA ARG A 236 25.51 11.96 47.90
C ARG A 236 26.87 12.39 47.39
N LEU A 237 27.41 11.66 46.42
CA LEU A 237 28.66 12.08 45.80
C LEU A 237 28.58 13.49 45.23
N ALA A 238 27.39 14.06 45.11
CA ALA A 238 27.31 15.49 44.85
C ALA A 238 27.22 16.31 46.12
N LYS A 239 27.06 15.68 47.28
CA LYS A 239 27.08 16.43 48.52
C LYS A 239 28.51 16.87 48.88
N ASP A 240 29.52 16.16 48.40
CA ASP A 240 30.90 16.55 48.63
C ASP A 240 31.36 17.56 47.60
N PRO A 241 32.00 18.66 48.00
CA PRO A 241 32.38 19.71 47.05
C PRO A 241 33.78 19.52 46.48
N ASP A 242 34.01 18.41 45.80
CA ASP A 242 35.21 18.23 44.99
C ASP A 242 34.95 17.67 43.61
N TYR A 243 33.80 17.03 43.37
CA TYR A 243 33.54 16.26 42.17
C TYR A 243 32.65 16.97 41.18
N GLN A 244 32.09 18.13 41.55
CA GLN A 244 31.05 18.80 40.78
C GLN A 244 31.28 18.69 39.29
N GLU A 245 32.51 18.95 38.85
CA GLU A 245 32.88 18.78 37.45
C GLU A 245 32.34 17.48 36.87
N GLN A 246 32.16 16.47 37.71
CA GLN A 246 31.73 15.16 37.25
C GLN A 246 30.27 14.90 37.57
N ALA A 247 29.89 15.13 38.82
CA ALA A 247 28.53 14.85 39.26
C ALA A 247 27.50 15.65 38.47
N ILE A 248 27.78 16.91 38.18
CA ILE A 248 26.79 17.70 37.45
C ILE A 248 26.60 17.14 36.06
N LYS A 249 27.70 16.75 35.41
CA LYS A 249 27.64 16.06 34.13
C LYS A 249 26.79 14.79 34.24
N LEU A 250 27.04 13.98 35.25
CA LEU A 250 26.31 12.73 35.41
C LEU A 250 24.84 12.98 35.68
N TYR A 251 24.52 14.02 36.44
CA TYR A 251 23.12 14.35 36.69
C TYR A 251 22.41 14.69 35.40
N ALA A 252 23.03 15.51 34.57
CA ALA A 252 22.39 15.83 33.31
C ALA A 252 22.22 14.59 32.46
N GLU A 253 23.19 13.70 32.46
CA GLU A 253 23.06 12.50 31.63
C GLU A 253 21.94 11.60 32.14
N TYR A 254 21.87 11.40 33.46
CA TYR A 254 20.77 10.63 34.02
C TYR A 254 19.45 11.25 33.64
N GLN A 255 19.31 12.54 33.82
CA GLN A 255 18.03 13.17 33.61
C GLN A 255 17.61 13.05 32.16
N GLU A 256 18.58 13.15 31.26
CA GLU A 256 18.33 12.84 29.86
C GLU A 256 17.77 11.44 29.70
N THR A 257 18.57 10.43 30.06
CA THR A 257 18.16 9.05 29.83
C THR A 257 16.81 8.76 30.47
N SER A 258 16.53 9.39 31.61
CA SER A 258 15.29 9.14 32.31
C SER A 258 14.11 9.68 31.52
N GLU A 259 14.19 10.92 31.05
CA GLU A 259 13.12 11.40 30.20
C GLU A 259 12.96 10.50 28.99
N LYS A 260 14.07 10.00 28.45
CA LYS A 260 13.99 9.22 27.23
C LYS A 260 13.28 7.89 27.46
N VAL A 261 13.71 7.18 28.50
CA VAL A 261 13.10 5.93 28.87
C VAL A 261 11.63 6.10 29.21
N LEU A 262 11.29 7.12 29.98
CA LEU A 262 9.90 7.30 30.35
C LEU A 262 9.03 7.69 29.18
N SER A 263 9.54 8.44 28.22
CA SER A 263 8.72 8.72 27.04
C SER A 263 8.46 7.44 26.26
N GLU A 264 9.50 6.64 26.06
CA GLU A 264 9.31 5.33 25.43
C GLU A 264 8.25 4.52 26.18
N TYR A 265 8.39 4.45 27.49
CA TYR A 265 7.48 3.68 28.31
C TYR A 265 6.06 4.16 28.16
N ASN A 266 5.86 5.47 28.15
CA ASN A 266 4.52 6.00 28.13
C ASN A 266 3.87 5.77 26.79
N THR A 267 4.62 5.80 25.71
CA THR A 267 3.92 5.60 24.46
C THR A 267 3.70 4.12 24.18
N LYS A 268 4.67 3.27 24.49
CA LYS A 268 4.47 1.87 24.17
C LYS A 268 3.51 1.19 25.11
N ALA A 269 3.29 1.74 26.29
CA ALA A 269 2.33 1.16 27.22
C ALA A 269 0.91 1.60 26.94
N ASP A 270 0.65 2.12 25.77
CA ASP A 270 -0.70 2.52 25.40
C ASP A 270 -1.32 1.39 24.59
N LEU A 271 -2.14 0.58 25.24
CA LEU A 271 -2.61 -0.66 24.66
C LEU A 271 -3.92 -0.47 23.91
N GLU A 272 -4.03 -1.15 22.80
CA GLU A 272 -5.28 -1.15 22.06
C GLU A 272 -6.36 -1.87 22.86
N PRO A 273 -7.58 -1.35 22.88
CA PRO A 273 -8.70 -2.14 23.39
C PRO A 273 -9.02 -3.29 22.47
N VAL A 274 -9.67 -4.29 23.02
CA VAL A 274 -10.06 -5.49 22.30
C VAL A 274 -11.58 -5.53 22.27
N ASN A 275 -12.18 -5.36 21.10
CA ASN A 275 -13.62 -5.52 21.05
C ASN A 275 -14.00 -6.78 20.31
N PRO A 276 -14.64 -7.72 20.99
CA PRO A 276 -15.04 -8.96 20.35
C PRO A 276 -16.26 -8.76 19.49
N PRO A 277 -16.32 -9.36 18.32
CA PRO A 277 -17.58 -9.36 17.57
C PRO A 277 -18.58 -10.26 18.25
N LYS A 278 -19.85 -9.92 18.10
CA LYS A 278 -20.85 -10.79 18.66
C LYS A 278 -20.96 -12.04 17.81
N PRO A 279 -21.33 -13.16 18.41
CA PRO A 279 -21.40 -14.40 17.65
C PRO A 279 -22.53 -14.34 16.64
N PRO A 280 -22.38 -14.99 15.49
CA PRO A 280 -23.47 -15.03 14.51
C PRO A 280 -24.68 -15.73 15.11
N ALA A 281 -25.85 -15.29 14.68
CA ALA A 281 -27.07 -15.89 15.18
C ALA A 281 -27.13 -17.34 14.77
N ALA A 282 -27.55 -18.19 15.69
CA ALA A 282 -27.79 -19.58 15.37
C ALA A 282 -28.97 -19.71 14.42
N ILE A 283 -28.94 -20.76 13.60
CA ILE A 283 -30.10 -21.04 12.78
C ILE A 283 -31.26 -21.46 13.67
N LYS A 284 -32.46 -21.01 13.33
CA LYS A 284 -33.64 -21.37 14.10
C LYS A 284 -34.45 -22.40 13.35
N ILE A 285 -34.75 -23.51 14.03
CA ILE A 285 -35.62 -24.55 13.50
C ILE A 285 -36.73 -24.72 14.50
N ASP A 286 -37.95 -24.49 14.07
CA ASP A 286 -39.06 -24.64 14.99
C ASP A 286 -39.40 -26.10 15.21
N PRO A 287 -39.98 -26.44 16.36
CA PRO A 287 -40.46 -27.79 16.55
C PRO A 287 -41.54 -28.10 15.52
N PRO A 288 -41.63 -29.34 15.10
CA PRO A 288 -42.65 -29.82 14.16
C PRO A 288 -44.07 -29.59 14.67
N THR B 10 -42.97 -18.37 30.29
CA THR B 10 -43.62 -17.63 29.22
C THR B 10 -42.68 -16.56 28.71
N VAL B 11 -43.05 -15.30 28.92
CA VAL B 11 -42.22 -14.15 28.59
C VAL B 11 -42.01 -13.33 29.83
N ASP B 12 -40.75 -13.06 30.16
CA ASP B 12 -40.40 -12.29 31.34
C ASP B 12 -40.36 -10.81 30.99
N GLN B 13 -41.50 -10.14 31.16
CA GLN B 13 -41.55 -8.70 31.03
C GLN B 13 -40.65 -8.00 32.03
N GLN B 14 -40.49 -8.57 33.21
CA GLN B 14 -39.72 -7.88 34.23
C GLN B 14 -38.26 -7.79 33.83
N GLU B 15 -37.74 -8.81 33.15
CA GLU B 15 -36.38 -8.72 32.64
C GLU B 15 -36.25 -7.57 31.66
N ILE B 16 -37.21 -7.42 30.77
CA ILE B 16 -37.15 -6.33 29.79
C ILE B 16 -37.22 -4.99 30.48
N LEU B 17 -38.10 -4.83 31.45
CA LEU B 17 -38.19 -3.53 32.12
C LEU B 17 -36.92 -3.21 32.88
N ASN B 18 -36.34 -4.20 33.54
CA ASN B 18 -35.09 -3.95 34.24
C ASN B 18 -33.99 -3.57 33.27
N ARG B 19 -33.93 -4.22 32.12
CA ARG B 19 -32.92 -3.87 31.14
C ARG B 19 -33.15 -2.48 30.58
N ALA B 20 -34.42 -2.08 30.44
CA ALA B 20 -34.70 -0.72 29.98
C ALA B 20 -34.21 0.30 30.98
N ASP B 21 -34.42 0.07 32.26
CA ASP B 21 -33.87 1.01 33.23
C ASP B 21 -32.35 0.99 33.24
N GLU B 22 -31.75 -0.17 33.03
CA GLU B 22 -30.30 -0.25 33.04
C GLU B 22 -29.68 0.44 31.84
N VAL B 23 -30.36 0.46 30.69
CA VAL B 23 -29.68 0.94 29.51
C VAL B 23 -29.64 2.45 29.46
N GLU B 24 -30.59 3.13 30.10
CA GLU B 24 -30.62 4.57 30.10
C GLU B 24 -30.13 5.17 31.40
N ALA B 25 -29.53 4.38 32.27
CA ALA B 25 -28.92 4.95 33.44
C ALA B 25 -27.75 5.82 33.00
N PRO B 26 -27.43 6.88 33.76
CA PRO B 26 -26.33 7.75 33.36
C PRO B 26 -25.03 6.98 33.26
N MET B 27 -24.24 7.30 32.25
CA MET B 27 -22.90 6.78 32.15
C MET B 27 -21.96 7.72 32.87
N ALA B 28 -20.67 7.48 32.73
CA ALA B 28 -19.67 8.32 33.37
C ALA B 28 -19.79 9.75 32.87
N THR B 29 -19.48 10.67 33.72
CA THR B 29 -19.46 12.06 33.32
C THR B 29 -18.11 12.38 32.68
N PRO B 30 -18.09 12.97 31.51
CA PRO B 30 -16.81 13.33 30.88
C PRO B 30 -16.13 14.46 31.64
N PRO B 31 -14.82 14.59 31.50
CA PRO B 31 -14.13 15.71 32.14
C PRO B 31 -14.51 17.03 31.53
N THR B 32 -14.41 18.08 32.32
CA THR B 32 -14.74 19.41 31.85
C THR B 32 -13.61 20.40 31.96
N ASP B 33 -12.42 19.97 32.31
CA ASP B 33 -11.36 20.93 32.51
C ASP B 33 -10.80 21.40 31.18
N VAL B 34 -10.33 22.64 31.16
CA VAL B 34 -9.91 23.29 29.93
C VAL B 34 -8.39 23.29 29.89
N PRO B 35 -7.77 22.69 28.89
CA PRO B 35 -6.30 22.60 28.86
C PRO B 35 -5.68 23.92 28.39
N GLN B 36 -4.66 24.36 29.10
CA GLN B 36 -3.98 25.59 28.74
C GLN B 36 -2.78 25.33 27.85
N ALA B 37 -2.34 26.36 27.20
CA ALA B 37 -1.17 26.26 26.33
C ALA B 37 0.06 25.96 27.17
N PRO B 38 0.87 24.99 26.76
CA PRO B 38 2.06 24.66 27.55
C PRO B 38 3.09 25.78 27.62
N SER B 39 3.16 26.63 26.61
CA SER B 39 4.15 27.69 26.57
C SER B 39 3.47 28.93 26.03
N GLY B 40 4.29 29.91 25.63
CA GLY B 40 3.80 31.12 25.03
C GLY B 40 3.85 31.13 23.53
N LEU B 41 4.35 30.08 22.91
CA LEU B 41 4.40 30.02 21.47
C LEU B 41 3.01 30.01 20.87
N THR B 42 2.91 30.55 19.66
CA THR B 42 1.60 30.65 19.02
C THR B 42 1.07 29.27 18.63
N ALA B 43 1.95 28.37 18.22
CA ALA B 43 1.51 27.03 17.88
C ALA B 43 0.99 26.31 19.11
N ALA B 44 1.59 26.58 20.27
CA ALA B 44 1.09 25.97 21.49
C ALA B 44 -0.32 26.45 21.81
N ASN B 45 -0.58 27.74 21.63
CA ASN B 45 -1.91 28.24 21.88
C ASN B 45 -2.90 27.64 20.91
N ASN B 46 -2.50 27.51 19.64
CA ASN B 46 -3.34 26.85 18.67
C ASN B 46 -3.66 25.42 19.08
N ALA B 47 -2.66 24.70 19.56
CA ALA B 47 -2.87 23.33 19.96
C ALA B 47 -3.82 23.24 21.15
N ALA B 48 -3.65 24.11 22.12
CA ALA B 48 -4.55 24.10 23.25
C ALA B 48 -5.98 24.41 22.83
N GLU B 49 -6.15 25.35 21.92
CA GLU B 49 -7.49 25.67 21.48
C GLU B 49 -8.09 24.54 20.65
N GLN B 50 -7.28 23.88 19.83
CA GLN B 50 -7.76 22.71 19.11
C GLN B 50 -8.23 21.63 20.06
N LEU B 51 -7.47 21.38 21.13
CA LEU B 51 -7.89 20.41 22.12
C LEU B 51 -9.18 20.82 22.81
N ALA B 52 -9.30 22.09 23.16
CA ALA B 52 -10.53 22.52 23.83
C ALA B 52 -11.74 22.31 22.92
N VAL B 53 -11.60 22.64 21.65
CA VAL B 53 -12.70 22.49 20.72
C VAL B 53 -13.04 21.02 20.53
N SER B 54 -12.03 20.17 20.39
CA SER B 54 -12.29 18.75 20.25
C SER B 54 -13.00 18.19 21.48
N ALA B 55 -12.60 18.64 22.66
CA ALA B 55 -13.26 18.18 23.87
C ALA B 55 -14.72 18.61 23.90
N ASP B 56 -14.99 19.86 23.56
CA ASP B 56 -16.37 20.32 23.48
C ASP B 56 -17.19 19.48 22.51
N ASN B 57 -16.61 19.16 21.36
CA ASN B 57 -17.36 18.43 20.36
C ASN B 57 -17.65 17.00 20.83
N VAL B 58 -16.71 16.39 21.51
CA VAL B 58 -16.93 15.07 22.05
C VAL B 58 -18.04 15.09 23.11
N ARG B 59 -18.04 16.12 23.96
CA ARG B 59 -19.08 16.20 24.97
C ARG B 59 -20.45 16.36 24.34
N LEU B 60 -20.54 17.16 23.28
CA LEU B 60 -21.79 17.32 22.56
C LEU B 60 -22.31 16.00 22.01
N TYR B 61 -21.43 15.24 21.37
CA TYR B 61 -21.91 13.97 20.83
C TYR B 61 -22.27 12.98 21.93
N LEU B 62 -21.66 13.10 23.09
CA LEU B 62 -22.07 12.25 24.19
C LEU B 62 -23.50 12.55 24.60
N GLN B 63 -23.87 13.82 24.61
CA GLN B 63 -25.28 14.14 24.87
C GLN B 63 -26.21 13.56 23.82
N ALA B 64 -25.75 13.55 22.56
CA ALA B 64 -26.57 12.91 21.54
C ALA B 64 -26.78 11.42 21.84
N GLY B 65 -25.70 10.73 22.21
CA GLY B 65 -25.82 9.31 22.54
C GLY B 65 -26.75 9.09 23.72
N GLU B 66 -26.74 10.00 24.67
CA GLU B 66 -27.66 9.90 25.79
C GLU B 66 -29.10 9.94 25.33
N ARG B 67 -29.41 10.82 24.39
CA ARG B 67 -30.76 10.82 23.87
C ARG B 67 -31.10 9.51 23.17
N GLU B 68 -30.17 8.97 22.41
CA GLU B 68 -30.45 7.70 21.76
C GLU B 68 -30.73 6.60 22.77
N ARG B 69 -30.05 6.63 23.89
CA ARG B 69 -30.33 5.60 24.89
C ARG B 69 -31.69 5.79 25.54
N GLN B 70 -32.12 7.03 25.75
CA GLN B 70 -33.49 7.20 26.23
C GLN B 70 -34.49 6.63 25.24
N ARG B 71 -34.30 6.89 23.95
CA ARG B 71 -35.25 6.37 22.99
C ARG B 71 -35.23 4.85 22.96
N LEU B 72 -34.06 4.26 23.10
CA LEU B 72 -33.98 2.80 23.14
C LEU B 72 -34.71 2.25 24.35
N ALA B 73 -34.58 2.89 25.50
CA ALA B 73 -35.31 2.45 26.68
C ALA B 73 -36.80 2.56 26.48
N THR B 74 -37.26 3.64 25.85
CA THR B 74 -38.68 3.75 25.55
C THR B 74 -39.14 2.62 24.63
N SER B 75 -38.36 2.30 23.61
CA SER B 75 -38.76 1.22 22.73
C SER B 75 -38.82 -0.10 23.47
N LEU B 76 -37.89 -0.32 24.40
CA LEU B 76 -37.95 -1.54 25.18
C LEU B 76 -39.19 -1.61 26.05
N ARG B 77 -39.57 -0.49 26.64
CA ARG B 77 -40.79 -0.49 27.45
C ARG B 77 -42.02 -0.77 26.61
N ASN B 78 -42.06 -0.22 25.40
CA ASN B 78 -43.18 -0.55 24.53
C ASN B 78 -43.19 -2.03 24.16
N ALA B 79 -42.03 -2.56 23.83
CA ALA B 79 -41.94 -3.97 23.51
C ALA B 79 -42.38 -4.83 24.68
N ALA B 80 -42.09 -4.40 25.89
CA ALA B 80 -42.55 -5.12 27.06
C ALA B 80 -44.07 -5.03 27.18
N ALA B 81 -44.64 -3.86 26.92
CA ALA B 81 -46.07 -3.72 26.98
C ALA B 81 -46.77 -4.55 25.92
N ALA B 82 -46.06 -5.06 24.94
CA ALA B 82 -46.68 -5.96 23.98
C ALA B 82 -47.23 -7.23 24.60
N TYR B 83 -46.86 -7.59 25.83
CA TYR B 83 -47.32 -8.83 26.41
C TYR B 83 -48.52 -8.65 27.33
N GLY B 84 -48.38 -7.87 28.38
CA GLY B 84 -49.51 -7.69 29.27
C GLY B 84 -49.52 -6.30 29.82
N GLU B 85 -50.54 -6.03 30.63
CA GLU B 85 -50.64 -4.73 31.28
C GLU B 85 -49.41 -4.52 32.15
N VAL B 86 -48.98 -3.27 32.24
CA VAL B 86 -47.83 -2.98 33.09
C VAL B 86 -48.28 -2.17 34.29
N SER B 130 25.01 41.69 16.05
CA SER B 130 24.05 40.61 16.19
C SER B 130 23.25 40.76 17.46
N ASP B 131 21.98 41.06 17.35
CA ASP B 131 21.15 41.20 18.52
C ASP B 131 20.49 39.87 18.86
N PHE B 132 20.08 39.76 20.10
CA PHE B 132 19.59 38.52 20.66
C PHE B 132 18.08 38.56 20.85
N THR B 133 17.39 39.50 20.23
CA THR B 133 16.00 39.70 20.57
C THR B 133 15.09 38.63 19.96
N ASP B 134 15.43 38.10 18.79
CA ASP B 134 14.66 36.96 18.32
C ASP B 134 14.88 35.75 19.21
N LEU B 135 16.12 35.50 19.61
CA LEU B 135 16.39 34.41 20.53
C LEU B 135 15.74 34.66 21.87
N LYS B 136 15.82 35.89 22.38
CA LYS B 136 15.22 36.17 23.67
C LYS B 136 13.71 36.03 23.61
N THR B 137 13.10 36.41 22.50
CA THR B 137 11.66 36.23 22.34
C THR B 137 11.30 34.76 22.31
N ALA B 138 11.99 33.99 21.48
CA ALA B 138 11.73 32.57 21.40
C ALA B 138 11.86 31.91 22.75
N ALA B 139 12.95 32.17 23.46
CA ALA B 139 13.16 31.55 24.75
C ALA B 139 12.12 32.00 25.76
N THR B 140 11.78 33.28 25.77
CA THR B 140 10.84 33.76 26.76
C THR B 140 9.49 33.09 26.58
N LYS B 141 9.05 32.98 25.33
CA LYS B 141 7.81 32.26 25.07
C LYS B 141 7.93 30.80 25.48
N LEU B 142 9.01 30.15 25.09
CA LEU B 142 9.14 28.73 25.36
C LEU B 142 9.12 28.42 26.85
N GLU B 143 9.60 29.33 27.68
CA GLU B 143 9.66 29.02 29.10
C GLU B 143 8.49 29.58 29.87
N SER B 144 7.56 30.23 29.20
CA SER B 144 6.37 30.70 29.87
C SER B 144 5.34 29.57 29.96
N GLY B 145 4.16 29.90 30.42
CA GLY B 145 3.11 28.91 30.53
C GLY B 145 3.35 27.98 31.69
N ASP B 146 2.54 26.94 31.75
CA ASP B 146 2.65 25.99 32.84
C ASP B 146 3.46 24.77 32.48
N GLN B 147 4.03 24.76 31.28
CA GLN B 147 4.94 23.73 30.82
C GLN B 147 4.27 22.39 30.68
N GLY B 148 2.94 22.37 30.68
CA GLY B 148 2.20 21.19 30.33
C GLY B 148 1.49 20.48 31.44
N THR B 149 1.40 21.05 32.64
CA THR B 149 0.73 20.31 33.70
C THR B 149 -0.76 20.22 33.44
N SER B 150 -1.37 21.27 32.91
CA SER B 150 -2.79 21.18 32.64
C SER B 150 -3.07 20.24 31.48
N MET B 151 -2.13 20.10 30.56
CA MET B 151 -2.26 19.08 29.54
C MET B 151 -2.27 17.70 30.15
N VAL B 152 -1.44 17.46 31.15
CA VAL B 152 -1.41 16.14 31.76
C VAL B 152 -2.67 15.89 32.56
N ASN B 153 -3.19 16.91 33.25
CA ASN B 153 -4.46 16.72 33.93
C ASN B 153 -5.58 16.42 32.94
N PHE B 154 -5.61 17.15 31.84
CA PHE B 154 -6.56 16.91 30.77
C PHE B 154 -6.47 15.47 30.27
N ALA B 155 -5.27 15.02 30.00
CA ALA B 155 -5.07 13.67 29.47
C ALA B 155 -5.50 12.62 30.47
N ASP B 156 -5.20 12.82 31.75
CA ASP B 156 -5.61 11.87 32.75
C ASP B 156 -7.13 11.76 32.80
N GLY B 157 -7.80 12.91 32.81
CA GLY B 157 -9.25 12.89 32.84
C GLY B 157 -9.82 12.15 31.64
N TRP B 158 -9.28 12.40 30.46
CA TRP B 158 -9.86 11.75 29.30
C TRP B 158 -9.50 10.27 29.22
N ASN B 159 -8.34 9.85 29.71
CA ASN B 159 -8.06 8.42 29.81
C ASN B 159 -8.99 7.74 30.78
N ASN B 160 -9.26 8.38 31.92
CA ASN B 160 -10.22 7.81 32.85
C ASN B 160 -11.57 7.66 32.19
N PHE B 161 -11.98 8.65 31.42
CA PHE B 161 -13.25 8.56 30.74
C PHE B 161 -13.27 7.42 29.72
N ASN B 162 -12.22 7.29 28.93
CA ASN B 162 -12.02 6.14 28.06
C ASN B 162 -12.30 4.83 28.79
N LEU B 163 -11.60 4.61 29.89
CA LEU B 163 -11.76 3.35 30.59
C LEU B 163 -13.16 3.18 31.15
N SER B 164 -13.73 4.25 31.68
CA SER B 164 -15.03 4.10 32.31
C SER B 164 -16.14 3.90 31.28
N LEU B 165 -15.97 4.42 30.07
CA LEU B 165 -16.89 4.05 29.00
C LEU B 165 -16.73 2.58 28.65
N GLN B 166 -15.50 2.11 28.52
CA GLN B 166 -15.29 0.70 28.21
C GLN B 166 -15.87 -0.22 29.26
N ARG B 167 -15.90 0.21 30.52
CA ARG B 167 -16.45 -0.67 31.53
C ARG B 167 -17.96 -0.70 31.53
N ASP B 168 -18.61 0.11 30.72
CA ASP B 168 -20.04 0.31 30.86
C ASP B 168 -20.82 -0.22 29.67
N ILE B 169 -20.33 -1.25 29.00
CA ILE B 169 -21.07 -1.85 27.91
C ILE B 169 -21.84 -3.09 28.34
N LYS B 170 -21.82 -3.44 29.63
CA LYS B 170 -22.72 -4.48 30.12
C LYS B 170 -24.16 -4.17 29.79
N ARG B 171 -24.54 -2.90 29.83
CA ARG B 171 -25.91 -2.53 29.60
C ARG B 171 -26.39 -2.88 28.20
N PHE B 172 -25.53 -3.38 27.33
CA PHE B 172 -25.98 -3.77 26.01
C PHE B 172 -25.90 -5.26 25.76
N ARG B 173 -25.69 -6.05 26.80
CA ARG B 173 -25.62 -7.49 26.61
C ARG B 173 -26.94 -8.04 26.10
N ILE B 174 -26.86 -9.22 25.50
CA ILE B 174 -28.04 -9.93 25.05
C ILE B 174 -28.93 -10.30 26.22
N PHE B 175 -30.17 -10.64 25.90
CA PHE B 175 -31.14 -11.00 26.92
C PHE B 175 -31.02 -12.48 27.27
N GLU B 176 -31.31 -12.79 28.52
CA GLU B 176 -31.39 -14.19 28.91
C GLU B 176 -32.66 -14.84 28.39
N ASN B 177 -33.81 -14.34 28.84
CA ASN B 177 -35.07 -15.06 28.66
C ASN B 177 -35.98 -14.45 27.61
N TRP B 178 -35.52 -13.51 26.83
CA TRP B 178 -36.39 -12.90 25.85
C TRP B 178 -35.97 -13.32 24.46
N GLU B 179 -36.95 -13.63 23.62
CA GLU B 179 -36.65 -14.20 22.33
C GLU B 179 -37.74 -13.79 21.36
N GLY B 180 -37.48 -13.97 20.08
CA GLY B 180 -38.41 -13.59 19.05
C GLY B 180 -37.89 -12.42 18.24
N ASP B 181 -38.77 -11.88 17.41
CA ASP B 181 -38.35 -10.86 16.46
C ASP B 181 -38.02 -9.55 17.16
N ALA B 182 -38.87 -9.12 18.07
CA ALA B 182 -38.60 -7.87 18.78
C ALA B 182 -37.31 -7.97 19.58
N ALA B 183 -37.09 -9.10 20.23
CA ALA B 183 -35.87 -9.28 20.99
C ALA B 183 -34.64 -9.24 20.08
N THR B 184 -34.71 -9.89 18.93
CA THR B 184 -33.58 -9.83 18.00
C THR B 184 -33.32 -8.41 17.54
N ALA B 185 -34.38 -7.68 17.22
CA ALA B 185 -34.20 -6.32 16.74
C ALA B 185 -33.64 -5.41 17.83
N CYS B 186 -34.12 -5.57 19.05
CA CYS B 186 -33.62 -4.76 20.15
C CYS B 186 -32.18 -5.11 20.47
N GLU B 187 -31.81 -6.37 20.36
CA GLU B 187 -30.42 -6.75 20.55
C GLU B 187 -29.54 -6.14 19.48
N ALA B 188 -30.00 -6.12 18.23
CA ALA B 188 -29.22 -5.47 17.19
C ALA B 188 -29.05 -3.99 17.47
N SER B 189 -30.10 -3.35 17.96
CA SER B 189 -30.01 -1.94 18.29
C SER B 189 -29.03 -1.71 19.45
N MET B 190 -29.11 -2.52 20.50
CA MET B 190 -28.17 -2.38 21.61
C MET B 190 -26.74 -2.63 21.15
N ASP B 191 -26.56 -3.58 20.25
CA ASP B 191 -25.24 -3.84 19.71
C ASP B 191 -24.71 -2.62 18.98
N GLN B 192 -25.56 -1.94 18.23
CA GLN B 192 -25.14 -0.72 17.56
C GLN B 192 -24.74 0.35 18.55
N GLN B 193 -25.54 0.52 19.60
CA GLN B 193 -25.17 1.50 20.62
C GLN B 193 -23.84 1.15 21.24
N LYS B 194 -23.60 -0.14 21.48
CA LYS B 194 -22.34 -0.58 22.04
C LYS B 194 -21.19 -0.23 21.13
N GLU B 195 -21.36 -0.45 19.82
CA GLU B 195 -20.31 -0.11 18.87
C GLU B 195 -20.02 1.38 18.89
N TRP B 196 -21.06 2.19 18.94
CA TRP B 196 -20.84 3.62 18.98
C TRP B 196 -20.13 4.04 20.26
N ILE B 197 -20.47 3.43 21.38
CA ILE B 197 -19.82 3.75 22.63
C ILE B 197 -18.35 3.39 22.59
N LEU B 198 -18.02 2.25 22.00
CA LEU B 198 -16.61 1.88 21.90
C LEU B 198 -15.86 2.83 20.99
N HIS B 199 -16.47 3.27 19.90
CA HIS B 199 -15.84 4.26 19.06
C HIS B 199 -15.63 5.57 19.82
N MET B 200 -16.59 5.95 20.65
CA MET B 200 -16.44 7.18 21.42
C MET B 200 -15.33 7.07 22.45
N ALA B 201 -15.20 5.89 23.05
CA ALA B 201 -14.09 5.67 23.97
C ALA B 201 -12.76 5.77 23.26
N LYS B 202 -12.70 5.23 22.05
CA LYS B 202 -11.49 5.33 21.26
C LYS B 202 -11.15 6.78 20.94
N LEU B 203 -12.16 7.58 20.66
CA LEU B 203 -11.92 9.00 20.42
C LEU B 203 -11.43 9.70 21.68
N SER B 204 -12.02 9.36 22.83
CA SER B 204 -11.52 9.90 24.08
C SER B 204 -10.06 9.54 24.29
N ALA B 205 -9.71 8.31 23.99
CA ALA B 205 -8.32 7.89 24.12
C ALA B 205 -7.43 8.71 23.21
N SER B 206 -7.85 8.93 21.98
CA SER B 206 -7.03 9.70 21.07
C SER B 206 -6.88 11.14 21.54
N LEU B 207 -7.91 11.65 22.18
CA LEU B 207 -7.83 12.98 22.77
C LEU B 207 -6.75 13.03 23.84
N ALA B 208 -6.77 12.07 24.75
CA ALA B 208 -5.77 12.04 25.80
C ALA B 208 -4.38 11.82 25.21
N LYS B 209 -4.31 11.01 24.18
CA LYS B 209 -3.03 10.76 23.52
C LYS B 209 -2.45 12.05 22.95
N GLN B 210 -3.28 12.86 22.31
CA GLN B 210 -2.80 14.13 21.80
C GLN B 210 -2.34 15.06 22.92
N ALA B 211 -3.07 15.10 24.02
CA ALA B 211 -2.63 15.94 25.12
C ALA B 211 -1.28 15.50 25.67
N ASN B 212 -1.10 14.20 25.83
CA ASN B 212 0.19 13.68 26.27
C ASN B 212 1.28 14.03 25.28
N PHE B 213 0.96 13.95 24.01
CA PHE B 213 1.92 14.31 22.98
C PHE B 213 2.35 15.76 23.12
N MET B 214 1.41 16.65 23.42
CA MET B 214 1.77 18.05 23.59
C MET B 214 2.68 18.25 24.79
N ALA B 215 2.39 17.56 25.89
CA ALA B 215 3.27 17.67 27.05
C ALA B 215 4.69 17.17 26.73
N GLN B 216 4.79 16.05 26.05
CA GLN B 216 6.13 15.56 25.72
C GLN B 216 6.83 16.48 24.74
N LEU B 217 6.09 17.09 23.83
CA LEU B 217 6.68 18.05 22.91
C LEU B 217 7.24 19.23 23.67
N GLN B 218 6.51 19.71 24.67
CA GLN B 218 7.01 20.82 25.46
C GLN B 218 8.31 20.45 26.16
N LEU B 219 8.39 19.26 26.73
CA LEU B 219 9.64 18.86 27.37
C LEU B 219 10.77 18.75 26.35
N TRP B 220 10.51 18.15 25.21
CA TRP B 220 11.53 17.96 24.21
C TRP B 220 12.07 19.28 23.72
N ALA B 221 11.19 20.25 23.51
CA ALA B 221 11.62 21.55 23.06
C ALA B 221 12.37 22.27 24.15
N ARG B 222 12.00 22.05 25.40
CA ARG B 222 12.65 22.81 26.45
C ARG B 222 14.07 22.31 26.67
N ARG B 223 14.31 21.03 26.53
CA ARG B 223 15.68 20.60 26.66
C ARG B 223 16.44 20.64 25.35
N GLY B 224 15.79 20.98 24.26
CA GLY B 224 16.53 21.12 23.03
C GLY B 224 16.86 22.53 22.63
N HIS B 225 16.46 23.50 23.43
CA HIS B 225 16.52 24.88 23.06
C HIS B 225 17.32 25.66 24.09
N PRO B 226 18.15 26.59 23.64
CA PRO B 226 18.96 27.37 24.58
C PRO B 226 18.12 28.15 25.56
N THR B 227 18.52 28.10 26.82
CA THR B 227 17.78 28.72 27.90
C THR B 227 17.80 30.24 27.74
N LEU B 228 16.88 30.91 28.41
CA LEU B 228 16.94 32.35 28.52
C LEU B 228 18.19 32.79 29.27
N ALA B 229 18.57 32.05 30.31
CA ALA B 229 19.79 32.34 31.03
C ALA B 229 21.01 32.18 30.13
N ASP B 230 21.03 31.15 29.30
CA ASP B 230 22.15 30.99 28.38
C ASP B 230 22.22 32.12 27.37
N ILE B 231 21.07 32.66 26.98
CA ILE B 231 21.08 33.74 26.02
C ILE B 231 21.56 35.02 26.68
N VAL B 232 21.14 35.26 27.91
CA VAL B 232 21.65 36.41 28.64
C VAL B 232 23.15 36.29 28.86
N GLU B 233 23.62 35.10 29.19
CA GLU B 233 25.04 34.87 29.27
C GLU B 233 25.74 35.19 27.97
N LEU B 234 25.26 34.64 26.87
CA LEU B 234 25.97 34.82 25.61
C LEU B 234 26.00 36.27 25.23
N GLU B 235 24.90 36.98 25.44
CA GLU B 235 24.86 38.41 25.15
C GLU B 235 25.89 39.16 25.97
N ARG B 236 25.86 39.00 27.29
CA ARG B 236 26.80 39.74 28.12
C ARG B 236 28.23 39.40 27.77
N LEU B 237 28.58 38.12 27.80
CA LEU B 237 29.91 37.71 27.36
C LEU B 237 30.22 38.19 25.94
N ALA B 238 29.23 38.64 25.18
CA ALA B 238 29.55 39.36 23.97
C ALA B 238 29.66 40.87 24.18
N LYS B 239 29.31 41.36 25.36
CA LYS B 239 29.51 42.78 25.63
C LYS B 239 30.99 43.11 25.85
N ASP B 240 31.78 42.13 26.27
CA ASP B 240 33.21 42.32 26.46
C ASP B 240 33.95 42.11 25.13
N PRO B 241 34.85 43.00 24.74
CA PRO B 241 35.53 42.88 23.44
C PRO B 241 36.84 42.10 23.50
N ASP B 242 36.77 40.85 23.92
CA ASP B 242 37.89 39.94 23.78
C ASP B 242 37.51 38.57 23.23
N TYR B 243 36.24 38.18 23.29
CA TYR B 243 35.80 36.83 23.02
C TYR B 243 35.16 36.67 21.66
N GLN B 244 34.93 37.76 20.94
CA GLN B 244 34.13 37.78 19.72
C GLN B 244 34.34 36.54 18.88
N GLU B 245 35.61 36.18 18.67
CA GLU B 245 35.95 34.94 17.97
C GLU B 245 35.10 33.77 18.41
N GLN B 246 34.62 33.80 19.65
CA GLN B 246 33.87 32.69 20.20
C GLN B 246 32.39 33.00 20.29
N ALA B 247 32.06 34.15 20.85
CA ALA B 247 30.67 34.53 21.04
C ALA B 247 29.91 34.60 19.73
N ILE B 248 30.53 35.14 18.68
CA ILE B 248 29.80 35.25 17.42
C ILE B 248 29.49 33.87 16.87
N LYS B 249 30.46 32.95 16.97
CA LYS B 249 30.24 31.56 16.63
C LYS B 249 29.08 30.97 17.43
N LEU B 250 29.08 31.18 18.74
CA LEU B 250 28.04 30.63 19.59
C LEU B 250 26.68 31.23 19.26
N TYR B 251 26.64 32.52 18.93
CA TYR B 251 25.38 33.14 18.55
C TYR B 251 24.81 32.49 17.32
N ALA B 252 25.65 32.28 16.31
CA ALA B 252 25.14 31.64 15.12
C ALA B 252 24.66 30.24 15.42
N GLU B 253 25.36 29.51 16.28
CA GLU B 253 24.92 28.15 16.58
C GLU B 253 23.58 28.14 17.33
N TYR B 254 23.44 29.03 18.31
CA TYR B 254 22.17 29.14 19.00
C TYR B 254 21.07 29.46 18.02
N GLN B 255 21.28 30.43 17.16
CA GLN B 255 20.22 30.89 16.30
C GLN B 255 19.81 29.78 15.33
N GLU B 256 20.79 29.00 14.90
CA GLU B 256 20.50 27.79 14.16
C GLU B 256 19.58 26.87 14.95
N THR B 257 20.07 26.37 16.08
CA THR B 257 19.31 25.40 16.85
C THR B 257 17.92 25.92 17.18
N SER B 258 17.80 27.22 17.40
CA SER B 258 16.52 27.80 17.76
C SER B 258 15.55 27.72 16.61
N GLU B 259 15.97 28.14 15.42
CA GLU B 259 15.09 27.97 14.28
C GLU B 259 14.71 26.51 14.10
N LYS B 260 15.66 25.61 14.36
CA LYS B 260 15.40 24.20 14.12
C LYS B 260 14.35 23.66 15.08
N VAL B 261 14.54 23.93 16.36
CA VAL B 261 13.62 23.51 17.39
C VAL B 261 12.24 24.11 17.16
N LEU B 262 12.18 25.39 16.84
CA LEU B 262 10.88 26.02 16.65
C LEU B 262 10.17 25.52 15.42
N SER B 263 10.88 25.17 14.35
CA SER B 263 10.19 24.59 13.21
C SER B 263 9.61 23.24 13.56
N GLU B 264 10.40 22.41 14.25
CA GLU B 264 9.88 21.14 14.74
C GLU B 264 8.63 21.36 15.59
N TYR B 265 8.71 22.30 16.52
CA TYR B 265 7.61 22.57 17.43
C TYR B 265 6.38 22.99 16.66
N ASN B 266 6.54 23.83 15.67
CA ASN B 266 5.39 24.37 14.98
C ASN B 266 4.73 23.33 14.12
N THR B 267 5.49 22.40 13.56
CA THR B 267 4.78 21.44 12.74
C THR B 267 4.18 20.33 13.58
N LYS B 268 4.87 19.87 14.61
CA LYS B 268 4.31 18.78 15.38
C LYS B 268 3.18 19.21 16.28
N ALA B 269 3.09 20.48 16.60
CA ALA B 269 1.99 20.98 17.40
C ALA B 269 0.76 21.28 16.60
N ASP B 270 0.66 20.76 15.40
CA ASP B 270 -0.52 20.95 14.58
C ASP B 270 -1.40 19.71 14.74
N LEU B 271 -2.42 19.83 15.57
CA LEU B 271 -3.20 18.69 16.00
C LEU B 271 -4.39 18.46 15.08
N GLU B 272 -4.67 17.20 14.83
CA GLU B 272 -5.85 16.84 14.07
C GLU B 272 -7.10 17.16 14.88
N PRO B 273 -8.13 17.70 14.25
CA PRO B 273 -9.43 17.78 14.91
C PRO B 273 -10.04 16.40 15.07
N VAL B 274 -10.95 16.29 16.02
CA VAL B 274 -11.63 15.05 16.33
C VAL B 274 -13.10 15.24 16.01
N ASN B 275 -13.61 14.56 15.00
CA ASN B 275 -15.04 14.66 14.77
C ASN B 275 -15.73 13.36 15.10
N PRO B 276 -16.61 13.38 16.10
CA PRO B 276 -17.31 12.18 16.49
C PRO B 276 -18.43 11.85 15.53
N PRO B 277 -18.62 10.60 15.18
CA PRO B 277 -19.81 10.23 14.42
C PRO B 277 -21.04 10.35 15.29
N LYS B 278 -22.16 10.64 14.68
CA LYS B 278 -23.37 10.68 15.46
C LYS B 278 -23.79 9.26 15.78
N PRO B 279 -24.47 9.07 16.90
CA PRO B 279 -24.86 7.73 17.29
C PRO B 279 -25.91 7.18 16.34
N PRO B 280 -25.91 5.87 16.09
CA PRO B 280 -26.95 5.28 15.26
C PRO B 280 -28.32 5.49 15.88
N ALA B 281 -29.32 5.64 15.04
CA ALA B 281 -30.66 5.83 15.52
C ALA B 281 -31.11 4.60 16.30
N ALA B 282 -31.76 4.84 17.43
CA ALA B 282 -32.36 3.75 18.17
C ALA B 282 -33.51 3.14 17.40
N ILE B 283 -33.75 1.86 17.62
CA ILE B 283 -34.93 1.24 17.04
C ILE B 283 -36.18 1.82 17.68
N LYS B 284 -37.20 2.05 16.87
CA LYS B 284 -38.45 2.61 17.36
C LYS B 284 -39.50 1.52 17.45
N ILE B 285 -40.09 1.37 18.63
CA ILE B 285 -41.20 0.46 18.85
C ILE B 285 -42.34 1.28 19.39
N ASP B 286 -43.45 1.30 18.68
CA ASP B 286 -44.57 2.09 19.13
C ASP B 286 -45.30 1.38 20.27
N PRO B 287 -45.97 2.13 21.13
CA PRO B 287 -46.80 1.49 22.14
C PRO B 287 -47.90 0.71 21.46
N PRO B 288 -48.32 -0.39 22.06
CA PRO B 288 -49.41 -1.24 21.57
C PRO B 288 -50.73 -0.48 21.44
N THR C 10 -46.96 18.27 23.72
CA THR C 10 -47.35 18.04 22.34
C THR C 10 -46.15 18.18 21.43
N VAL C 11 -46.17 19.20 20.58
CA VAL C 11 -45.06 19.53 19.70
C VAL C 11 -44.66 20.96 19.97
N ASP C 12 -43.37 21.18 20.26
CA ASP C 12 -42.86 22.50 20.55
C ASP C 12 -42.41 23.17 19.26
N GLN C 13 -43.33 23.90 18.64
CA GLN C 13 -42.99 24.72 17.49
C GLN C 13 -41.95 25.77 17.83
N GLN C 14 -41.98 26.29 19.05
CA GLN C 14 -41.07 27.37 19.38
C GLN C 14 -39.63 26.88 19.38
N GLU C 15 -39.39 25.64 19.79
CA GLU C 15 -38.05 25.09 19.68
C GLU C 15 -37.59 25.06 18.23
N ILE C 16 -38.46 24.64 17.33
CA ILE C 16 -38.09 24.57 15.93
C ILE C 16 -37.80 25.95 15.37
N LEU C 17 -38.63 26.93 15.70
CA LEU C 17 -38.38 28.27 15.18
C LEU C 17 -37.08 28.85 15.72
N ASN C 18 -36.81 28.63 17.00
CA ASN C 18 -35.55 29.11 17.55
C ASN C 18 -34.37 28.44 16.88
N ARG C 19 -34.46 27.15 16.61
CA ARG C 19 -33.38 26.46 15.94
C ARG C 19 -33.21 26.96 14.51
N ALA C 20 -34.32 27.30 13.85
CA ALA C 20 -34.22 27.86 12.51
C ALA C 20 -33.48 29.19 12.52
N ASP C 21 -33.78 30.05 13.48
CA ASP C 21 -33.01 31.29 13.54
C ASP C 21 -31.56 31.03 13.90
N GLU C 22 -31.28 30.04 14.74
CA GLU C 22 -29.92 29.77 15.12
C GLU C 22 -29.10 29.20 13.97
N VAL C 23 -29.73 28.46 13.06
CA VAL C 23 -28.92 27.75 12.10
C VAL C 23 -28.48 28.66 10.97
N GLU C 24 -29.22 29.72 10.69
CA GLU C 24 -28.86 30.64 9.63
C GLU C 24 -28.25 31.92 10.16
N ALA C 25 -27.90 31.98 11.43
CA ALA C 25 -27.19 33.14 11.91
C ALA C 25 -25.82 33.18 11.24
N PRO C 26 -25.24 34.36 11.04
CA PRO C 26 -23.94 34.43 10.39
C PRO C 26 -22.89 33.66 11.17
N MET C 27 -22.02 32.97 10.44
CA MET C 27 -20.88 32.35 11.05
C MET C 27 -19.73 33.34 11.05
N ALA C 28 -18.54 32.86 11.41
CA ALA C 28 -17.38 33.73 11.44
C ALA C 28 -17.09 34.27 10.04
N THR C 29 -16.56 35.45 10.00
CA THR C 29 -16.15 36.01 8.73
C THR C 29 -14.76 35.52 8.38
N PRO C 30 -14.55 35.00 7.18
CA PRO C 30 -13.22 34.55 6.80
C PRO C 30 -12.27 35.71 6.62
N PRO C 31 -10.97 35.49 6.71
CA PRO C 31 -10.01 36.57 6.48
C PRO C 31 -10.01 37.00 5.04
N THR C 32 -9.65 38.26 4.81
CA THR C 32 -9.60 38.79 3.46
C THR C 32 -8.24 39.31 3.06
N ASP C 33 -7.22 39.11 3.87
CA ASP C 33 -5.94 39.70 3.53
C ASP C 33 -5.25 38.90 2.44
N VAL C 34 -4.46 39.59 1.64
CA VAL C 34 -3.85 39.01 0.45
C VAL C 34 -2.39 38.74 0.75
N PRO C 35 -1.93 37.49 0.67
CA PRO C 35 -0.55 37.18 1.04
C PRO C 35 0.41 37.55 -0.08
N GLN C 36 1.50 38.20 0.28
CA GLN C 36 2.50 38.61 -0.70
C GLN C 36 3.60 37.56 -0.82
N ALA C 37 4.32 37.66 -1.91
CA ALA C 37 5.43 36.75 -2.15
C ALA C 37 6.52 36.98 -1.11
N PRO C 38 7.05 35.94 -0.51
CA PRO C 38 8.09 36.14 0.52
C PRO C 38 9.37 36.73 -0.02
N SER C 39 9.69 36.49 -1.29
CA SER C 39 10.93 36.97 -1.86
C SER C 39 10.63 37.46 -3.27
N GLY C 40 11.69 37.64 -4.06
CA GLY C 40 11.56 38.03 -5.43
C GLY C 40 11.64 36.89 -6.41
N LEU C 41 11.85 35.68 -5.94
CA LEU C 41 11.92 34.54 -6.83
C LEU C 41 10.59 34.30 -7.52
N THR C 42 10.66 33.75 -8.72
CA THR C 42 9.44 33.54 -9.49
C THR C 42 8.56 32.46 -8.86
N ALA C 43 9.18 31.43 -8.29
CA ALA C 43 8.40 30.40 -7.64
C ALA C 43 7.68 30.95 -6.43
N ALA C 44 8.30 31.91 -5.73
CA ALA C 44 7.63 32.53 -4.61
C ALA C 44 6.40 33.30 -5.04
N ASN C 45 6.50 34.02 -6.16
CA ASN C 45 5.35 34.74 -6.65
C ASN C 45 4.25 33.78 -7.06
N ASN C 46 4.63 32.69 -7.70
CA ASN C 46 3.66 31.66 -8.04
C ASN C 46 2.96 31.13 -6.81
N ALA C 47 3.72 30.87 -5.75
CA ALA C 47 3.14 30.34 -4.54
C ALA C 47 2.17 31.33 -3.92
N ALA C 48 2.55 32.60 -3.88
CA ALA C 48 1.66 33.60 -3.32
C ALA C 48 0.38 33.69 -4.13
N GLU C 49 0.49 33.63 -5.44
CA GLU C 49 -0.71 33.70 -6.26
C GLU C 49 -1.58 32.47 -6.11
N GLN C 50 -0.96 31.30 -5.98
CA GLN C 50 -1.72 30.09 -5.71
C GLN C 50 -2.49 30.21 -4.41
N LEU C 51 -1.84 30.74 -3.37
CA LEU C 51 -2.53 30.95 -2.11
C LEU C 51 -3.67 31.93 -2.24
N ALA C 52 -3.46 33.03 -2.96
CA ALA C 52 -4.53 34.00 -3.11
C ALA C 52 -5.73 33.38 -3.80
N VAL C 53 -5.48 32.60 -4.85
CA VAL C 53 -6.57 31.97 -5.58
C VAL C 53 -7.29 30.95 -4.72
N SER C 54 -6.55 30.15 -3.97
CA SER C 54 -7.18 29.18 -3.08
C SER C 54 -8.04 29.88 -2.03
N ALA C 55 -7.55 30.99 -1.50
CA ALA C 55 -8.34 31.72 -0.52
C ALA C 55 -9.63 32.25 -1.13
N ASP C 56 -9.55 32.83 -2.32
CA ASP C 56 -10.75 33.28 -3.01
C ASP C 56 -11.74 32.15 -3.22
N ASN C 57 -11.24 30.98 -3.61
CA ASN C 57 -12.15 29.88 -3.88
C ASN C 57 -12.82 29.39 -2.61
N VAL C 58 -12.09 29.37 -1.51
CA VAL C 58 -12.68 28.98 -0.24
C VAL C 58 -13.75 29.97 0.17
N ARG C 59 -13.50 31.27 0.00
CA ARG C 59 -14.50 32.25 0.36
C ARG C 59 -15.76 32.09 -0.47
N LEU C 60 -15.60 31.80 -1.76
CA LEU C 60 -16.75 31.56 -2.62
C LEU C 60 -17.60 30.40 -2.14
N TYR C 61 -16.95 29.29 -1.81
CA TYR C 61 -17.74 28.16 -1.34
C TYR C 61 -18.38 28.42 0.02
N LEU C 62 -17.78 29.28 0.83
CA LEU C 62 -18.43 29.64 2.07
C LEU C 62 -19.73 30.37 1.81
N GLN C 63 -19.75 31.24 0.81
CA GLN C 63 -21.02 31.87 0.44
C GLN C 63 -22.04 30.85 -0.03
N ALA C 64 -21.59 29.82 -0.74
CA ALA C 64 -22.53 28.77 -1.12
C ALA C 64 -23.14 28.09 0.11
N GLY C 65 -22.30 27.76 1.09
CA GLY C 65 -22.80 27.14 2.31
C GLY C 65 -23.78 28.04 3.04
N GLU C 66 -23.54 29.33 3.00
CA GLU C 66 -24.48 30.27 3.61
C GLU C 66 -25.84 30.17 2.95
N ARG C 67 -25.88 30.07 1.63
CA ARG C 67 -27.18 29.89 1.00
C ARG C 67 -27.84 28.59 1.42
N GLU C 68 -27.07 27.52 1.53
CA GLU C 68 -27.67 26.27 1.96
C GLU C 68 -28.27 26.39 3.36
N ARG C 69 -27.63 27.15 4.22
CA ARG C 69 -28.19 27.30 5.55
C ARG C 69 -29.46 28.14 5.54
N GLN C 70 -29.55 29.14 4.68
CA GLN C 70 -30.83 29.83 4.57
C GLN C 70 -31.93 28.89 4.12
N ARG C 71 -31.65 28.05 3.14
CA ARG C 71 -32.68 27.14 2.68
C ARG C 71 -33.07 26.15 3.77
N LEU C 72 -32.11 25.69 4.55
CA LEU C 72 -32.43 24.80 5.64
C LEU C 72 -33.31 25.49 6.68
N ALA C 73 -33.03 26.74 6.99
CA ALA C 73 -33.87 27.47 7.92
C ALA C 73 -35.28 27.63 7.39
N THR C 74 -35.41 27.90 6.10
CA THR C 74 -36.75 27.97 5.50
C THR C 74 -37.47 26.64 5.62
N SER C 75 -36.78 25.54 5.35
CA SER C 75 -37.45 24.25 5.48
C SER C 75 -37.88 23.99 6.91
N LEU C 76 -37.07 24.41 7.89
CA LEU C 76 -37.46 24.24 9.27
C LEU C 76 -38.69 25.05 9.61
N ARG C 77 -38.77 26.27 9.10
CA ARG C 77 -39.96 27.07 9.37
C ARG C 77 -41.20 26.46 8.74
N ASN C 78 -41.07 25.89 7.55
CA ASN C 78 -42.21 25.21 6.97
C ASN C 78 -42.62 24.01 7.81
N ALA C 79 -41.63 23.22 8.23
CA ALA C 79 -41.92 22.07 9.06
C ALA C 79 -42.61 22.49 10.36
N ALA C 80 -42.24 23.64 10.90
CA ALA C 80 -42.90 24.14 12.08
C ALA C 80 -44.34 24.53 11.77
N ALA C 81 -44.56 25.17 10.62
CA ALA C 81 -45.91 25.53 10.24
C ALA C 81 -46.79 24.32 10.00
N ALA C 82 -46.21 23.13 9.89
CA ALA C 82 -47.03 21.95 9.78
C ALA C 82 -47.93 21.70 11.00
N TYR C 83 -47.69 22.35 12.13
CA TYR C 83 -48.49 22.08 13.32
C TYR C 83 -49.60 23.08 13.52
N GLY C 84 -49.28 24.35 13.67
CA GLY C 84 -50.34 25.30 13.88
C GLY C 84 -49.99 26.61 13.22
N GLU C 85 -50.91 27.56 13.33
CA GLU C 85 -50.67 28.89 12.79
C GLU C 85 -49.45 29.48 13.47
N VAL C 86 -48.69 30.27 12.72
CA VAL C 86 -47.52 30.91 13.31
C VAL C 86 -47.76 32.41 13.41
N SER C 130 35.02 34.48 -14.34
CA SER C 130 33.80 34.05 -13.67
C SER C 130 33.05 35.25 -13.12
N ASP C 131 31.90 35.55 -13.71
CA ASP C 131 31.11 36.67 -13.22
C ASP C 131 30.12 36.19 -12.17
N PHE C 132 29.67 37.14 -11.37
CA PHE C 132 28.85 36.85 -10.22
C PHE C 132 27.40 37.26 -10.45
N THR C 133 27.01 37.50 -11.69
CA THR C 133 25.71 38.10 -11.92
C THR C 133 24.56 37.11 -11.73
N ASP C 134 24.77 35.84 -12.04
CA ASP C 134 23.73 34.89 -11.69
C ASP C 134 23.60 34.75 -10.18
N LEU C 135 24.71 34.70 -9.47
CA LEU C 135 24.66 34.66 -8.02
C LEU C 135 24.08 35.96 -7.46
N LYS C 136 24.47 37.09 -8.01
CA LYS C 136 23.95 38.34 -7.51
C LYS C 136 22.46 38.46 -7.77
N THR C 137 21.99 37.96 -8.91
CA THR C 137 20.57 37.96 -9.19
C THR C 137 19.82 37.06 -8.22
N ALA C 138 20.29 35.83 -8.05
CA ALA C 138 19.66 34.91 -7.13
C ALA C 138 19.58 35.51 -5.73
N ALA C 139 20.69 36.03 -5.23
CA ALA C 139 20.69 36.59 -3.89
C ALA C 139 19.79 37.80 -3.78
N THR C 140 19.81 38.67 -4.78
CA THR C 140 19.01 39.87 -4.69
C THR C 140 17.54 39.53 -4.62
N LYS C 141 17.11 38.59 -5.44
CA LYS C 141 15.73 38.13 -5.37
C LYS C 141 15.44 37.51 -4.02
N LEU C 142 16.31 36.62 -3.55
CA LEU C 142 16.04 35.91 -2.32
C LEU C 142 15.91 36.85 -1.14
N GLU C 143 16.60 37.97 -1.14
CA GLU C 143 16.54 38.84 0.02
C GLU C 143 15.56 39.97 -0.15
N SER C 144 14.85 40.02 -1.25
CA SER C 144 13.82 41.02 -1.42
C SER C 144 12.52 40.54 -0.76
N GLY C 145 11.46 41.29 -0.96
CA GLY C 145 10.19 40.92 -0.40
C GLY C 145 10.14 41.17 1.09
N ASP C 146 9.07 40.69 1.71
CA ASP C 146 8.90 40.89 3.13
C ASP C 146 9.36 39.71 3.95
N GLN C 147 9.93 38.70 3.30
CA GLN C 147 10.53 37.57 3.95
C GLN C 147 9.53 36.71 4.69
N GLY C 148 8.25 36.91 4.41
CA GLY C 148 7.22 36.02 4.88
C GLY C 148 6.32 36.53 5.97
N THR C 149 6.37 37.81 6.32
CA THR C 149 5.50 38.26 7.40
C THR C 149 4.04 38.24 6.97
N SER C 150 3.76 38.61 5.73
CA SER C 150 2.37 38.58 5.29
C SER C 150 1.87 37.15 5.16
N MET C 151 2.76 36.22 4.87
CA MET C 151 2.38 34.81 4.92
C MET C 151 1.98 34.39 6.32
N VAL C 152 2.69 34.88 7.33
CA VAL C 152 2.36 34.50 8.68
C VAL C 152 1.05 35.15 9.12
N ASN C 153 0.82 36.40 8.72
CA ASN C 153 -0.47 37.00 9.02
C ASN C 153 -1.61 36.25 8.35
N PHE C 154 -1.42 35.88 7.10
CA PHE C 154 -2.38 35.07 6.37
C PHE C 154 -2.67 33.77 7.10
N ALA C 155 -1.63 33.07 7.51
CA ALA C 155 -1.80 31.80 8.19
C ALA C 155 -2.51 31.96 9.51
N ASP C 156 -2.19 33.00 10.26
CA ASP C 156 -2.87 33.23 11.52
C ASP C 156 -4.36 33.45 11.29
N GLY C 157 -4.69 34.29 10.32
CA GLY C 157 -6.09 34.52 10.04
C GLY C 157 -6.82 33.25 9.67
N TRP C 158 -6.21 32.42 8.85
CA TRP C 158 -6.92 31.22 8.43
C TRP C 158 -6.97 30.16 9.53
N ASN C 159 -5.98 30.09 10.40
CA ASN C 159 -6.09 29.21 11.56
C ASN C 159 -7.20 29.67 12.50
N ASN C 160 -7.30 30.98 12.72
CA ASN C 160 -8.40 31.47 13.52
C ASN C 160 -9.73 31.10 12.90
N PHE C 161 -9.84 31.21 11.59
CA PHE C 161 -11.08 30.85 10.94
C PHE C 161 -11.38 29.36 11.09
N ASN C 162 -10.38 28.51 10.91
CA ASN C 162 -10.49 27.09 11.22
C ASN C 162 -11.13 26.85 12.59
N LEU C 163 -10.54 27.43 13.62
CA LEU C 163 -11.05 27.19 14.96
C LEU C 163 -12.45 27.74 15.13
N SER C 164 -12.72 28.91 14.58
CA SER C 164 -14.02 29.51 14.82
C SER C 164 -15.13 28.77 14.06
N LEU C 165 -14.80 28.16 12.92
CA LEU C 165 -15.76 27.26 12.30
C LEU C 165 -16.00 26.05 13.16
N GLN C 166 -14.94 25.45 13.68
CA GLN C 166 -15.11 24.29 14.55
C GLN C 166 -15.94 24.60 15.77
N ARG C 167 -15.88 25.82 16.28
CA ARG C 167 -16.67 26.12 17.46
C ARG C 167 -18.12 26.35 17.15
N ASP C 168 -18.52 26.35 15.90
CA ASP C 168 -19.85 26.81 15.53
C ASP C 168 -20.71 25.70 14.96
N ILE C 169 -20.51 24.47 15.39
CA ILE C 169 -21.36 23.38 14.95
C ILE C 169 -22.44 23.05 15.97
N LYS C 170 -22.55 23.80 17.06
CA LYS C 170 -23.71 23.66 17.93
C LYS C 170 -25.00 23.84 17.18
N ARG C 171 -25.02 24.74 16.21
CA ARG C 171 -26.24 25.01 15.49
C ARG C 171 -26.76 23.81 14.73
N PHE C 172 -26.06 22.70 14.71
CA PHE C 172 -26.57 21.52 14.03
C PHE C 172 -26.88 20.38 14.96
N ARG C 173 -26.91 20.63 16.26
CA ARG C 173 -27.24 19.56 17.20
C ARG C 173 -28.65 19.04 16.98
N ILE C 174 -28.88 17.83 17.47
CA ILE C 174 -30.20 17.23 17.43
C ILE C 174 -31.18 18.03 18.27
N PHE C 175 -32.45 17.76 18.03
CA PHE C 175 -33.51 18.46 18.75
C PHE C 175 -33.79 17.78 20.07
N GLU C 176 -34.19 18.58 21.05
CA GLU C 176 -34.65 18.00 22.31
C GLU C 176 -36.04 17.41 22.16
N ASN C 177 -37.02 18.24 21.85
CA ASN C 177 -38.42 17.86 21.97
C ASN C 177 -39.11 17.60 20.65
N TRP C 178 -38.40 17.53 19.55
CA TRP C 178 -39.05 17.32 18.28
C TRP C 178 -38.73 15.92 17.78
N GLU C 179 -39.74 15.25 17.24
CA GLU C 179 -39.58 13.86 16.88
C GLU C 179 -40.50 13.55 15.71
N GLY C 180 -40.27 12.44 15.07
CA GLY C 180 -41.04 12.05 13.91
C GLY C 180 -40.21 12.09 12.65
N ASP C 181 -40.89 11.95 11.52
CA ASP C 181 -40.18 11.80 10.25
C ASP C 181 -39.53 13.11 9.82
N ALA C 182 -40.25 14.21 9.92
CA ALA C 182 -39.67 15.49 9.54
C ALA C 182 -38.48 15.82 10.41
N ALA C 183 -38.58 15.57 11.71
CA ALA C 183 -37.47 15.83 12.60
C ALA C 183 -36.26 14.97 12.25
N THR C 184 -36.47 13.69 11.95
CA THR C 184 -35.36 12.85 11.55
C THR C 184 -34.71 13.36 10.28
N ALA C 185 -35.52 13.75 9.31
CA ALA C 185 -34.97 14.21 8.04
C ALA C 185 -34.21 15.52 8.20
N CYS C 186 -34.74 16.43 9.01
CA CYS C 186 -34.07 17.69 9.26
C CYS C 186 -32.78 17.49 10.05
N GLU C 187 -32.76 16.53 10.97
CA GLU C 187 -31.54 16.21 11.66
C GLU C 187 -30.49 15.64 10.72
N ALA C 188 -30.91 14.79 9.79
CA ALA C 188 -29.96 14.29 8.81
C ALA C 188 -29.40 15.41 7.96
N SER C 189 -30.25 16.35 7.58
CA SER C 189 -29.78 17.48 6.80
C SER C 189 -28.81 18.35 7.59
N MET C 190 -29.13 18.65 8.84
CA MET C 190 -28.20 19.41 9.67
C MET C 190 -26.89 18.68 9.88
N ASP C 191 -26.95 17.36 10.02
CA ASP C 191 -25.74 16.58 10.14
C ASP C 191 -24.88 16.71 8.88
N GLN C 192 -25.50 16.71 7.72
CA GLN C 192 -24.76 16.90 6.49
C GLN C 192 -24.10 18.27 6.44
N GLN C 193 -24.84 19.31 6.84
CA GLN C 193 -24.24 20.63 6.86
C GLN C 193 -23.07 20.68 7.83
N LYS C 194 -23.20 20.00 8.96
CA LYS C 194 -22.12 19.95 9.93
C LYS C 194 -20.89 19.28 9.31
N GLU C 195 -21.09 18.19 8.59
CA GLU C 195 -19.97 17.52 7.96
C GLU C 195 -19.29 18.42 6.96
N TRP C 196 -20.07 19.13 6.17
CA TRP C 196 -19.47 20.04 5.20
C TRP C 196 -18.70 21.16 5.89
N ILE C 197 -19.22 21.68 6.99
CA ILE C 197 -18.54 22.73 7.71
C ILE C 197 -17.21 22.22 8.27
N LEU C 198 -17.19 21.01 8.79
CA LEU C 198 -15.93 20.46 9.29
C LEU C 198 -14.93 20.26 8.17
N HIS C 199 -15.39 19.81 7.02
CA HIS C 199 -14.49 19.70 5.88
C HIS C 199 -13.95 21.07 5.48
N MET C 200 -14.78 22.10 5.53
CA MET C 200 -14.32 23.43 5.17
C MET C 200 -13.31 23.96 6.17
N ALA C 201 -13.51 23.65 7.44
CA ALA C 201 -12.53 24.03 8.44
C ALA C 201 -11.20 23.33 8.19
N LYS C 202 -11.27 22.07 7.81
CA LYS C 202 -10.06 21.34 7.49
C LYS C 202 -9.33 21.95 6.31
N LEU C 203 -10.08 22.41 5.31
CA LEU C 203 -9.46 23.09 4.19
C LEU C 203 -8.83 24.41 4.60
N SER C 204 -9.50 25.16 5.46
CA SER C 204 -8.91 26.37 6.00
C SER C 204 -7.60 26.07 6.73
N ALA C 205 -7.59 24.99 7.50
CA ALA C 205 -6.37 24.60 8.19
C ALA C 205 -5.27 24.29 7.19
N SER C 206 -5.59 23.56 6.14
CA SER C 206 -4.57 23.23 5.17
C SER C 206 -4.05 24.48 4.46
N LEU C 207 -4.92 25.45 4.28
CA LEU C 207 -4.49 26.72 3.72
C LEU C 207 -3.46 27.40 4.61
N ALA C 208 -3.77 27.48 5.91
CA ALA C 208 -2.83 28.10 6.83
C ALA C 208 -1.54 27.29 6.90
N LYS C 209 -1.66 25.98 6.82
CA LYS C 209 -0.49 25.12 6.86
C LYS C 209 0.43 25.40 5.69
N GLN C 210 -0.14 25.57 4.49
CA GLN C 210 0.68 25.91 3.35
C GLN C 210 1.35 27.27 3.51
N ALA C 211 0.63 28.24 4.03
CA ALA C 211 1.26 29.54 4.23
C ALA C 211 2.43 29.46 5.21
N ASN C 212 2.25 28.72 6.30
CA ASN C 212 3.34 28.53 7.24
C ASN C 212 4.51 27.83 6.59
N PHE C 213 4.20 26.87 5.73
CA PHE C 213 5.24 26.16 5.01
C PHE C 213 6.05 27.11 4.15
N MET C 214 5.38 28.05 3.49
CA MET C 214 6.10 29.01 2.67
C MET C 214 7.00 29.89 3.50
N ALA C 215 6.52 30.33 4.67
CA ALA C 215 7.37 31.14 5.53
C ALA C 215 8.61 30.36 5.98
N GLN C 216 8.42 29.11 6.38
CA GLN C 216 9.57 28.34 6.82
C GLN C 216 10.52 28.06 5.66
N LEU C 217 9.99 27.88 4.47
CA LEU C 217 10.84 27.70 3.30
C LEU C 217 11.68 28.93 3.05
N GLN C 218 11.09 30.11 3.20
CA GLN C 218 11.85 31.33 3.02
C GLN C 218 12.99 31.41 4.02
N LEU C 219 12.73 31.08 5.28
CA LEU C 219 13.81 31.11 6.26
C LEU C 219 14.90 30.09 5.92
N TRP C 220 14.50 28.88 5.56
CA TRP C 220 15.46 27.83 5.26
C TRP C 220 16.35 28.22 4.11
N ALA C 221 15.76 28.81 3.08
CA ALA C 221 16.53 29.22 1.93
C ALA C 221 17.44 30.38 2.28
N ARG C 222 16.99 31.26 3.17
CA ARG C 222 17.80 32.42 3.45
C ARG C 222 19.02 32.05 4.27
N ARG C 223 18.91 31.09 5.15
CA ARG C 223 20.12 30.70 5.85
C ARG C 223 20.88 29.60 5.14
N GLY C 224 20.37 29.10 4.03
CA GLY C 224 21.15 28.14 3.29
C GLY C 224 21.86 28.67 2.08
N HIS C 225 21.71 29.96 1.81
CA HIS C 225 22.15 30.54 0.58
C HIS C 225 23.11 31.68 0.86
N PRO C 226 24.17 31.81 0.08
CA PRO C 226 25.15 32.87 0.30
C PRO C 226 24.53 34.24 0.20
N THR C 227 24.87 35.10 1.13
CA THR C 227 24.31 36.42 1.22
C THR C 227 24.74 37.27 0.03
N LEU C 228 24.02 38.35 -0.22
CA LEU C 228 24.47 39.33 -1.19
C LEU C 228 25.77 39.97 -0.74
N ALA C 229 25.91 40.23 0.55
CA ALA C 229 27.16 40.77 1.08
C ALA C 229 28.31 39.78 0.87
N ASP C 230 28.06 38.50 1.08
CA ASP C 230 29.12 37.53 0.85
C ASP C 230 29.51 37.47 -0.61
N ILE C 231 28.56 37.69 -1.52
CA ILE C 231 28.88 37.65 -2.93
C ILE C 231 29.67 38.87 -3.33
N VAL C 232 29.31 40.03 -2.78
CA VAL C 232 30.09 41.23 -3.03
C VAL C 232 31.51 41.07 -2.47
N GLU C 233 31.62 40.50 -1.29
CA GLU C 233 32.93 40.19 -0.76
C GLU C 233 33.72 39.29 -1.70
N LEU C 234 33.13 38.18 -2.11
CA LEU C 234 33.88 37.23 -2.90
C LEU C 234 34.32 37.86 -4.21
N GLU C 235 33.45 38.65 -4.83
CA GLU C 235 33.80 39.33 -6.06
C GLU C 235 34.98 40.26 -5.85
N ARG C 236 34.88 41.16 -4.87
CA ARG C 236 35.96 42.12 -4.67
C ARG C 236 37.25 41.40 -4.33
N LEU C 237 37.24 40.55 -3.32
CA LEU C 237 38.42 39.74 -3.02
C LEU C 237 38.87 38.92 -4.22
N ALA C 238 38.07 38.80 -5.25
CA ALA C 238 38.60 38.28 -6.51
C ALA C 238 39.10 39.37 -7.43
N LYS C 239 38.88 40.63 -7.10
CA LYS C 239 39.45 41.71 -7.90
C LYS C 239 40.96 41.84 -7.67
N ASP C 240 41.44 41.42 -6.52
CA ASP C 240 42.87 41.44 -6.22
C ASP C 240 43.54 40.19 -6.77
N PRO C 241 44.67 40.31 -7.48
CA PRO C 241 45.31 39.14 -8.09
C PRO C 241 46.36 38.48 -7.20
N ASP C 242 45.95 38.02 -6.03
CA ASP C 242 46.78 37.16 -5.21
C ASP C 242 46.06 35.94 -4.67
N TYR C 243 44.73 35.94 -4.62
CA TYR C 243 43.95 34.94 -3.91
C TYR C 243 43.31 33.92 -4.82
N GLN C 244 43.40 34.11 -6.14
CA GLN C 244 42.67 33.32 -7.13
C GLN C 244 42.55 31.87 -6.73
N GLU C 245 43.68 31.27 -6.32
CA GLU C 245 43.69 29.91 -5.81
C GLU C 245 42.53 29.64 -4.85
N GLN C 246 42.06 30.68 -4.16
CA GLN C 246 41.03 30.51 -3.16
C GLN C 246 39.68 31.01 -3.66
N ALA C 247 39.67 32.22 -4.21
CA ALA C 247 38.42 32.83 -4.65
C ALA C 247 37.74 32.00 -5.73
N ILE C 248 38.49 31.45 -6.66
CA ILE C 248 37.86 30.68 -7.72
C ILE C 248 37.19 29.44 -7.14
N LYS C 249 37.88 28.78 -6.21
CA LYS C 249 37.30 27.68 -5.47
C LYS C 249 36.01 28.10 -4.78
N LEU C 250 36.04 29.22 -4.07
CA LEU C 250 34.87 29.69 -3.35
C LEU C 250 33.73 30.03 -4.30
N TYR C 251 34.05 30.61 -5.45
CA TYR C 251 33.01 30.91 -6.43
C TYR C 251 32.31 29.66 -6.88
N ALA C 252 33.08 28.63 -7.20
CA ALA C 252 32.45 27.40 -7.62
C ALA C 252 31.59 26.83 -6.51
N GLU C 253 32.05 26.90 -5.27
CA GLU C 253 31.26 26.35 -4.19
C GLU C 253 29.96 27.12 -3.98
N TYR C 254 30.04 28.45 -4.02
CA TYR C 254 28.83 29.25 -3.94
C TYR C 254 27.87 28.88 -5.04
N GLN C 255 28.36 28.82 -6.26
CA GLN C 255 27.48 28.61 -7.39
C GLN C 255 26.81 27.25 -7.29
N GLU C 256 27.55 26.26 -6.80
CA GLU C 256 26.96 24.98 -6.47
C GLU C 256 25.81 25.15 -5.49
N THR C 257 26.12 25.62 -4.28
CA THR C 257 25.11 25.71 -3.24
C THR C 257 23.90 26.51 -3.71
N SER C 258 24.13 27.53 -4.52
CA SER C 258 23.05 28.37 -4.99
C SER C 258 22.12 27.61 -5.91
N GLU C 259 22.67 26.90 -6.89
CA GLU C 259 21.80 26.07 -7.71
C GLU C 259 21.04 25.07 -6.84
N LYS C 260 21.70 24.55 -5.81
CA LYS C 260 21.07 23.51 -5.00
C LYS C 260 19.90 24.07 -4.21
N VAL C 261 20.13 25.18 -3.52
CA VAL C 261 19.11 25.84 -2.76
C VAL C 261 17.95 26.27 -3.65
N LEU C 262 18.24 26.85 -4.80
CA LEU C 262 17.16 27.31 -5.65
C LEU C 262 16.37 26.17 -6.25
N SER C 263 16.99 25.04 -6.54
CA SER C 263 16.19 23.91 -7.02
C SER C 263 15.26 23.41 -5.93
N GLU C 264 15.78 23.28 -4.71
CA GLU C 264 14.92 22.95 -3.58
C GLU C 264 13.76 23.93 -3.46
N TYR C 265 14.07 25.21 -3.51
CA TYR C 265 13.07 26.25 -3.36
C TYR C 265 12.01 26.14 -4.44
N ASN C 266 12.42 25.89 -5.66
CA ASN C 266 11.47 25.89 -6.74
C ASN C 266 10.57 24.68 -6.69
N THR C 267 11.06 23.56 -6.22
CA THR C 267 10.14 22.44 -6.21
C THR C 267 9.24 22.47 -4.99
N LYS C 268 9.76 22.85 -3.83
CA LYS C 268 8.91 22.82 -2.66
C LYS C 268 7.92 23.97 -2.64
N ALA C 269 8.17 25.04 -3.37
CA ALA C 269 7.24 26.13 -3.44
C ALA C 269 6.14 25.91 -4.45
N ASP C 270 5.94 24.70 -4.88
CA ASP C 270 4.87 24.38 -5.82
C ASP C 270 3.68 23.87 -5.00
N LEU C 271 2.71 24.74 -4.77
CA LEU C 271 1.64 24.46 -3.83
C LEU C 271 0.45 23.81 -4.53
N GLU C 272 -0.14 22.87 -3.84
CA GLU C 272 -1.37 22.26 -4.32
C GLU C 272 -2.50 23.27 -4.31
N PRO C 273 -3.33 23.30 -5.33
CA PRO C 273 -4.58 24.06 -5.24
C PRO C 273 -5.54 23.42 -4.26
N VAL C 274 -6.46 24.21 -3.77
CA VAL C 274 -7.46 23.76 -2.81
C VAL C 274 -8.81 23.89 -3.48
N ASN C 275 -9.47 22.76 -3.76
CA ASN C 275 -10.82 22.89 -4.29
C ASN C 275 -11.84 22.43 -3.28
N PRO C 276 -12.70 23.34 -2.85
CA PRO C 276 -13.71 22.99 -1.86
C PRO C 276 -14.85 22.24 -2.51
N PRO C 277 -15.37 21.21 -1.86
CA PRO C 277 -16.60 20.59 -2.34
C PRO C 277 -17.76 21.52 -2.13
N LYS C 278 -18.75 21.43 -2.99
CA LYS C 278 -19.92 22.24 -2.77
C LYS C 278 -20.72 21.66 -1.62
N PRO C 279 -21.45 22.50 -0.90
CA PRO C 279 -22.20 22.00 0.25
C PRO C 279 -23.33 21.10 -0.20
N PRO C 280 -23.69 20.09 0.58
CA PRO C 280 -24.83 19.25 0.23
C PRO C 280 -26.10 20.07 0.20
N ALA C 281 -27.00 19.69 -0.68
CA ALA C 281 -28.26 20.40 -0.79
C ALA C 281 -29.04 20.28 0.50
N ALA C 282 -29.62 21.39 0.92
CA ALA C 282 -30.51 21.36 2.07
C ALA C 282 -31.77 20.58 1.76
N ILE C 283 -32.35 19.98 2.78
CA ILE C 283 -33.63 19.33 2.59
C ILE C 283 -34.69 20.39 2.32
N LYS C 284 -35.60 20.09 1.40
CA LYS C 284 -36.66 21.01 1.05
C LYS C 284 -37.97 20.57 1.67
N ILE C 285 -38.60 21.45 2.41
CA ILE C 285 -39.92 21.23 2.97
C ILE C 285 -40.81 22.35 2.47
N ASP C 286 -41.85 22.00 1.76
CA ASP C 286 -42.73 23.02 1.24
C ASP C 286 -43.65 23.54 2.34
N PRO C 287 -44.11 24.78 2.21
CA PRO C 287 -45.10 25.28 3.14
C PRO C 287 -46.36 24.44 3.04
N PRO C 288 -47.07 24.27 4.13
CA PRO C 288 -48.34 23.54 4.19
C PRO C 288 -49.40 24.13 3.27
N THR D 10 -40.75 37.12 -8.04
CA THR D 10 -41.17 35.98 -8.86
C THR D 10 -39.95 35.19 -9.29
N VAL D 11 -39.67 35.19 -10.59
CA VAL D 11 -38.49 34.57 -11.15
C VAL D 11 -37.73 35.61 -11.93
N ASP D 12 -36.44 35.75 -11.62
CA ASP D 12 -35.59 36.72 -12.29
C ASP D 12 -34.95 36.10 -13.51
N GLN D 13 -35.63 36.24 -14.65
CA GLN D 13 -35.05 35.84 -15.91
C GLN D 13 -33.78 36.60 -16.23
N GLN D 14 -33.69 37.84 -15.81
CA GLN D 14 -32.53 38.63 -16.18
C GLN D 14 -31.27 38.08 -15.53
N GLU D 15 -31.39 37.57 -14.30
CA GLU D 15 -30.24 36.93 -13.69
C GLU D 15 -29.78 35.73 -14.49
N ILE D 16 -30.72 34.92 -14.97
CA ILE D 16 -30.34 33.76 -15.75
C ILE D 16 -29.68 34.17 -17.06
N LEU D 17 -30.22 35.17 -17.74
CA LEU D 17 -29.60 35.58 -19.00
C LEU D 17 -28.21 36.15 -18.78
N ASN D 18 -28.03 36.94 -17.72
CA ASN D 18 -26.70 37.46 -17.44
C ASN D 18 -25.73 36.33 -17.14
N ARG D 19 -26.17 35.33 -16.40
CA ARG D 19 -25.30 34.20 -16.09
C ARG D 19 -24.98 33.41 -17.35
N ALA D 20 -25.93 33.31 -18.28
CA ALA D 20 -25.65 32.63 -19.54
C ALA D 20 -24.59 33.36 -20.33
N ASP D 21 -24.66 34.68 -20.39
CA ASP D 21 -23.59 35.38 -21.07
C ASP D 21 -22.27 35.26 -20.35
N GLU D 22 -22.29 35.23 -19.02
CA GLU D 22 -21.05 35.11 -18.28
C GLU D 22 -20.40 33.75 -18.43
N VAL D 23 -21.19 32.70 -18.62
CA VAL D 23 -20.58 31.38 -18.57
C VAL D 23 -19.88 31.04 -19.87
N GLU D 24 -20.31 31.62 -20.98
CA GLU D 24 -19.69 31.34 -22.26
C GLU D 24 -18.76 32.45 -22.72
N ALA D 25 -18.45 33.39 -21.86
CA ALA D 25 -17.45 34.37 -22.22
C ALA D 25 -16.11 33.67 -22.38
N PRO D 26 -15.23 34.17 -23.25
CA PRO D 26 -13.94 33.51 -23.44
C PRO D 26 -13.16 33.44 -22.15
N MET D 27 -12.50 32.32 -21.94
CA MET D 27 -11.57 32.21 -20.83
C MET D 27 -10.20 32.63 -21.30
N ALA D 28 -9.19 32.42 -20.46
CA ALA D 28 -7.84 32.81 -20.82
C ALA D 28 -7.39 32.05 -22.05
N THR D 29 -6.55 32.67 -22.82
CA THR D 29 -5.98 32.00 -23.97
C THR D 29 -4.77 31.20 -23.54
N PRO D 30 -4.68 29.93 -23.89
CA PRO D 30 -3.51 29.14 -23.53
C PRO D 30 -2.28 29.58 -24.28
N PRO D 31 -1.10 29.30 -23.77
CA PRO D 31 0.12 29.66 -24.51
C PRO D 31 0.27 28.84 -25.76
N THR D 32 0.96 29.40 -26.74
CA THR D 32 1.18 28.70 -27.99
C THR D 32 2.64 28.51 -28.33
N ASP D 33 3.55 28.84 -27.44
CA ASP D 33 4.95 28.75 -27.81
C ASP D 33 5.42 27.30 -27.79
N VAL D 34 6.38 27.00 -28.64
CA VAL D 34 6.84 25.63 -28.87
C VAL D 34 8.16 25.45 -28.15
N PRO D 35 8.27 24.54 -27.20
CA PRO D 35 9.51 24.39 -26.43
C PRO D 35 10.56 23.63 -27.22
N GLN D 36 11.78 24.13 -27.23
CA GLN D 36 12.86 23.49 -27.93
C GLN D 36 13.65 22.56 -27.03
N ALA D 37 14.39 21.67 -27.64
CA ALA D 37 15.22 20.74 -26.89
C ALA D 37 16.30 21.50 -26.15
N PRO D 38 16.52 21.22 -24.89
CA PRO D 38 17.55 21.94 -24.13
C PRO D 38 18.96 21.70 -24.63
N SER D 39 19.23 20.54 -25.21
CA SER D 39 20.56 20.20 -25.67
C SER D 39 20.44 19.50 -27.01
N GLY D 40 21.51 18.85 -27.42
CA GLY D 40 21.53 18.06 -28.63
C GLY D 40 21.31 16.59 -28.42
N LEU D 41 21.18 16.15 -27.19
CA LEU D 41 20.95 14.75 -26.93
C LEU D 41 19.63 14.28 -27.50
N THR D 42 19.57 13.01 -27.86
CA THR D 42 18.35 12.50 -28.48
C THR D 42 17.21 12.43 -27.48
N ALA D 43 17.51 12.11 -26.23
CA ALA D 43 16.47 12.09 -25.22
C ALA D 43 15.90 13.48 -24.99
N ALA D 44 16.74 14.49 -25.09
CA ALA D 44 16.24 15.85 -24.96
C ALA D 44 15.28 16.21 -26.08
N ASN D 45 15.59 15.80 -27.29
CA ASN D 45 14.69 16.08 -28.39
C ASN D 45 13.38 15.33 -28.20
N ASN D 46 13.46 14.09 -27.74
CA ASN D 46 12.25 13.35 -27.43
C ASN D 46 11.41 14.05 -26.39
N ALA D 47 12.05 14.57 -25.36
CA ALA D 47 11.32 15.25 -24.30
C ALA D 47 10.65 16.51 -24.82
N ALA D 48 11.36 17.26 -25.65
CA ALA D 48 10.75 18.47 -26.20
C ALA D 48 9.57 18.12 -27.08
N GLU D 49 9.68 17.07 -27.86
CA GLU D 49 8.57 16.69 -28.71
C GLU D 49 7.39 16.17 -27.90
N GLN D 50 7.68 15.41 -26.83
CA GLN D 50 6.61 14.98 -25.95
C GLN D 50 5.87 16.16 -25.35
N LEU D 51 6.61 17.18 -24.92
CA LEU D 51 5.98 18.39 -24.40
C LEU D 51 5.15 19.10 -25.45
N ALA D 52 5.67 19.21 -26.66
CA ALA D 52 4.90 19.88 -27.69
C ALA D 52 3.59 19.15 -27.96
N VAL D 53 3.64 17.83 -28.02
CA VAL D 53 2.44 17.05 -28.28
C VAL D 53 1.45 17.18 -27.14
N SER D 54 1.94 17.12 -25.91
CA SER D 54 1.05 17.29 -24.76
C SER D 54 0.39 18.66 -24.77
N ALA D 55 1.15 19.69 -25.12
CA ALA D 55 0.56 21.03 -25.19
C ALA D 55 -0.52 21.10 -26.25
N ASP D 56 -0.26 20.55 -27.43
CA ASP D 56 -1.28 20.51 -28.47
C ASP D 56 -2.53 19.79 -28.00
N ASN D 57 -2.37 18.68 -27.30
CA ASN D 57 -3.53 17.92 -26.87
C ASN D 57 -4.33 18.67 -25.83
N VAL D 58 -3.66 19.38 -24.94
CA VAL D 58 -4.36 20.19 -23.95
C VAL D 58 -5.13 21.31 -24.64
N ARG D 59 -4.53 21.95 -25.64
CA ARG D 59 -5.24 23.01 -26.34
C ARG D 59 -6.48 22.49 -27.03
N LEU D 60 -6.38 21.31 -27.64
CA LEU D 60 -7.53 20.68 -28.27
C LEU D 60 -8.67 20.45 -27.29
N TYR D 61 -8.35 19.89 -26.13
CA TYR D 61 -9.43 19.67 -25.19
C TYR D 61 -10.00 20.96 -24.63
N LEU D 62 -9.21 22.02 -24.60
CA LEU D 62 -9.76 23.30 -24.18
C LEU D 62 -10.81 23.77 -25.18
N GLN D 63 -10.57 23.56 -26.46
CA GLN D 63 -11.62 23.88 -27.44
C GLN D 63 -12.87 23.05 -27.22
N ALA D 64 -12.69 21.79 -26.85
CA ALA D 64 -13.88 20.99 -26.53
C ALA D 64 -14.67 21.60 -25.37
N GLY D 65 -13.97 21.98 -24.31
CA GLY D 65 -14.65 22.59 -23.18
C GLY D 65 -15.37 23.88 -23.56
N GLU D 66 -14.78 24.63 -24.47
CA GLU D 66 -15.44 25.83 -24.97
C GLU D 66 -16.77 25.50 -25.62
N ARG D 67 -16.81 24.44 -26.41
CA ARG D 67 -18.09 24.05 -26.98
C ARG D 67 -19.09 23.66 -25.90
N GLU D 68 -18.64 22.94 -24.89
CA GLU D 68 -19.57 22.57 -23.83
C GLU D 68 -20.13 23.80 -23.14
N ARG D 69 -19.34 24.83 -22.98
CA ARG D 69 -19.86 26.02 -22.34
C ARG D 69 -20.86 26.76 -23.23
N GLN D 70 -20.65 26.75 -24.55
CA GLN D 70 -21.70 27.31 -25.40
C GLN D 70 -23.00 26.56 -25.25
N ARG D 71 -22.94 25.23 -25.21
CA ARG D 71 -24.17 24.48 -25.08
C ARG D 71 -24.83 24.74 -23.74
N LEU D 72 -24.05 24.87 -22.69
CA LEU D 72 -24.62 25.19 -21.39
C LEU D 72 -25.30 26.56 -21.41
N ALA D 73 -24.70 27.54 -22.06
CA ALA D 73 -25.33 28.85 -22.16
C ALA D 73 -26.63 28.77 -22.94
N THR D 74 -26.66 27.98 -24.00
CA THR D 74 -27.91 27.79 -24.73
C THR D 74 -28.98 27.17 -23.85
N SER D 75 -28.61 26.15 -23.08
CA SER D 75 -29.60 25.54 -22.20
C SER D 75 -30.11 26.53 -21.17
N LEU D 76 -29.24 27.40 -20.66
CA LEU D 76 -29.69 28.40 -19.72
C LEU D 76 -30.66 29.37 -20.36
N ARG D 77 -30.40 29.77 -21.60
CA ARG D 77 -31.33 30.67 -22.27
C ARG D 77 -32.68 30.02 -22.50
N ASN D 78 -32.68 28.73 -22.83
CA ASN D 78 -33.95 28.04 -22.96
C ASN D 78 -34.69 27.99 -21.63
N ALA D 79 -33.96 27.65 -20.57
CA ALA D 79 -34.57 27.60 -19.25
C ALA D 79 -35.14 28.96 -18.87
N ALA D 80 -34.48 30.03 -19.26
CA ALA D 80 -35.01 31.35 -19.01
C ALA D 80 -36.28 31.59 -19.80
N ALA D 81 -36.30 31.17 -21.06
CA ALA D 81 -37.49 31.33 -21.87
C ALA D 81 -38.66 30.52 -21.33
N ALA D 82 -38.43 29.59 -20.42
CA ALA D 82 -39.54 28.89 -19.82
C ALA D 82 -40.49 29.80 -19.03
N TYR D 83 -40.10 31.03 -18.71
CA TYR D 83 -40.97 31.88 -17.92
C TYR D 83 -41.78 32.86 -18.75
N GLY D 84 -41.13 33.71 -19.51
CA GLY D 84 -41.89 34.65 -20.30
C GLY D 84 -41.19 34.92 -21.60
N GLU D 85 -41.82 35.76 -22.42
CA GLU D 85 -41.22 36.15 -23.68
C GLU D 85 -39.89 36.84 -23.41
N VAL D 86 -38.94 36.65 -24.30
CA VAL D 86 -37.65 37.32 -24.13
C VAL D 86 -37.48 38.37 -25.20
N SER D 130 43.33 5.29 -26.74
CA SER D 130 42.03 5.73 -26.26
C SER D 130 41.62 7.02 -26.94
N ASP D 131 40.61 6.95 -27.79
CA ASP D 131 40.14 8.16 -28.45
C ASP D 131 39.03 8.81 -27.64
N PHE D 132 38.84 10.08 -27.90
CA PHE D 132 37.94 10.91 -27.13
C PHE D 132 36.67 11.23 -27.88
N THR D 133 36.38 10.50 -28.95
CA THR D 133 35.30 10.92 -29.83
C THR D 133 33.93 10.62 -29.24
N ASP D 134 33.79 9.55 -28.46
CA ASP D 134 32.52 9.39 -27.77
C ASP D 134 32.32 10.46 -26.72
N LEU D 135 33.37 10.78 -25.97
CA LEU D 135 33.28 11.87 -25.02
C LEU D 135 33.05 13.20 -25.71
N LYS D 136 33.76 13.44 -26.81
CA LYS D 136 33.58 14.70 -27.51
C LYS D 136 32.18 14.81 -28.08
N THR D 137 31.62 13.71 -28.56
CA THR D 137 30.25 13.73 -29.06
C THR D 137 29.27 14.02 -27.94
N ALA D 138 29.40 13.29 -26.84
CA ALA D 138 28.51 13.51 -25.70
C ALA D 138 28.57 14.95 -25.24
N ALA D 139 29.77 15.49 -25.06
CA ALA D 139 29.89 16.85 -24.58
C ALA D 139 29.35 17.84 -25.59
N THR D 140 29.63 17.64 -26.87
CA THR D 140 29.19 18.60 -27.86
C THR D 140 27.67 18.67 -27.88
N LYS D 141 27.02 17.52 -27.83
CA LYS D 141 25.56 17.52 -27.75
C LYS D 141 25.09 18.19 -26.48
N LEU D 142 25.68 17.83 -25.34
CA LEU D 142 25.20 18.37 -24.09
C LEU D 142 25.31 19.88 -24.02
N GLU D 143 26.27 20.47 -24.68
CA GLU D 143 26.43 21.92 -24.58
C GLU D 143 25.79 22.66 -25.71
N SER D 144 25.14 21.96 -26.63
CA SER D 144 24.43 22.64 -27.69
C SER D 144 23.04 23.05 -27.20
N GLY D 145 22.22 23.54 -28.09
CA GLY D 145 20.88 23.92 -27.74
C GLY D 145 20.87 25.23 -26.97
N ASP D 146 19.70 25.56 -26.44
CA ASP D 146 19.56 26.80 -25.70
C ASP D 146 19.67 26.60 -24.21
N GLN D 147 19.96 25.38 -23.78
CA GLN D 147 20.22 25.06 -22.40
C GLN D 147 19.01 25.24 -21.52
N GLY D 148 17.84 25.36 -22.12
CA GLY D 148 16.60 25.32 -21.39
C GLY D 148 15.84 26.61 -21.26
N THR D 149 16.23 27.67 -21.94
CA THR D 149 15.49 28.91 -21.76
C THR D 149 14.10 28.82 -22.34
N SER D 150 13.94 28.16 -23.48
CA SER D 150 12.61 28.03 -24.03
C SER D 150 11.74 27.11 -23.20
N MET D 151 12.35 26.16 -22.51
CA MET D 151 11.61 25.36 -21.54
C MET D 151 11.08 26.23 -20.42
N VAL D 152 11.87 27.18 -19.95
CA VAL D 152 11.42 28.03 -18.87
C VAL D 152 10.33 28.98 -19.34
N ASN D 153 10.45 29.50 -20.55
CA ASN D 153 9.37 30.32 -21.09
C ASN D 153 8.08 29.52 -21.21
N PHE D 154 8.20 28.29 -21.73
CA PHE D 154 7.06 27.39 -21.83
C PHE D 154 6.42 27.17 -20.47
N ALA D 155 7.23 26.88 -19.46
CA ALA D 155 6.71 26.61 -18.14
C ALA D 155 6.03 27.83 -17.54
N ASP D 156 6.61 29.01 -17.75
CA ASP D 156 5.98 30.21 -17.24
C ASP D 156 4.62 30.42 -17.86
N GLY D 157 4.54 30.27 -19.18
CA GLY D 157 3.27 30.43 -19.84
C GLY D 157 2.23 29.46 -19.31
N TRP D 158 2.61 28.21 -19.12
CA TRP D 158 1.62 27.25 -18.68
C TRP D 158 1.25 27.43 -17.21
N ASN D 159 2.17 27.89 -16.36
CA ASN D 159 1.80 28.23 -14.99
C ASN D 159 0.84 29.40 -14.96
N ASN D 160 1.09 30.41 -15.79
CA ASN D 160 0.15 31.52 -15.86
C ASN D 160 -1.22 31.02 -16.27
N PHE D 161 -1.26 30.11 -17.24
CA PHE D 161 -2.54 29.59 -17.67
C PHE D 161 -3.24 28.82 -16.55
N ASN D 162 -2.51 27.97 -15.85
CA ASN D 162 -3.00 27.33 -14.63
C ASN D 162 -3.71 28.32 -13.71
N LEU D 163 -3.00 29.38 -13.33
CA LEU D 163 -3.58 30.33 -12.40
C LEU D 163 -4.79 31.03 -12.99
N SER D 164 -4.72 31.39 -14.25
CA SER D 164 -5.82 32.15 -14.81
C SER D 164 -7.07 31.29 -15.01
N LEU D 165 -6.90 29.99 -15.24
CA LEU D 165 -8.05 29.11 -15.21
C LEU D 165 -8.62 29.03 -13.82
N GLN D 166 -7.77 28.88 -12.81
CA GLN D 166 -8.27 28.83 -11.44
C GLN D 166 -9.01 30.09 -11.05
N ARG D 167 -8.63 31.23 -11.59
CA ARG D 167 -9.34 32.45 -11.21
C ARG D 167 -10.67 32.59 -11.90
N ASP D 168 -11.03 31.70 -12.79
CA ASP D 168 -12.17 31.94 -13.66
C ASP D 168 -13.29 30.95 -13.42
N ILE D 169 -13.44 30.46 -12.20
CA ILE D 169 -14.54 29.57 -11.89
C ILE D 169 -15.70 30.30 -11.22
N LYS D 170 -15.62 31.62 -11.07
CA LYS D 170 -16.79 32.38 -10.65
C LYS D 170 -17.97 32.13 -11.55
N ARG D 171 -17.73 31.97 -12.84
CA ARG D 171 -18.81 31.80 -13.78
C ARG D 171 -19.62 30.55 -13.52
N PHE D 172 -19.24 29.71 -12.57
CA PHE D 172 -20.04 28.53 -12.27
C PHE D 172 -20.67 28.57 -10.90
N ARG D 173 -20.66 29.72 -10.23
CA ARG D 173 -21.28 29.81 -8.93
C ARG D 173 -22.77 29.54 -9.00
N ILE D 174 -23.34 29.18 -7.85
CA ILE D 174 -24.77 28.99 -7.72
C ILE D 174 -25.51 30.28 -7.97
N PHE D 175 -26.80 30.15 -8.21
CA PHE D 175 -27.65 31.31 -8.49
C PHE D 175 -28.13 31.92 -7.19
N GLU D 176 -28.32 33.23 -7.21
CA GLU D 176 -28.94 33.89 -6.08
C GLU D 176 -30.44 33.63 -6.04
N ASN D 177 -31.15 34.07 -7.07
CA ASN D 177 -32.60 34.15 -7.01
C ASN D 177 -33.31 33.10 -7.84
N TRP D 178 -32.62 32.11 -8.35
CA TRP D 178 -33.28 31.11 -9.16
C TRP D 178 -33.34 29.80 -8.41
N GLU D 179 -34.48 29.13 -8.50
CA GLU D 179 -34.69 27.95 -7.69
C GLU D 179 -35.64 27.03 -8.43
N GLY D 180 -35.70 25.79 -7.98
CA GLY D 180 -36.53 24.79 -8.63
C GLY D 180 -35.69 23.73 -9.30
N ASP D 181 -36.36 22.89 -10.09
CA ASP D 181 -35.70 21.73 -10.65
C ASP D 181 -34.71 22.12 -11.74
N ALA D 182 -35.11 23.01 -12.63
CA ALA D 182 -34.19 23.43 -13.68
C ALA D 182 -32.97 24.11 -13.09
N ALA D 183 -33.16 24.95 -12.08
CA ALA D 183 -32.04 25.61 -11.44
C ALA D 183 -31.10 24.61 -10.80
N THR D 184 -31.65 23.61 -10.10
CA THR D 184 -30.79 22.60 -9.51
C THR D 184 -30.01 21.85 -10.57
N ALA D 185 -30.66 21.49 -11.66
CA ALA D 185 -29.99 20.74 -12.70
C ALA D 185 -28.90 21.57 -13.38
N CYS D 186 -29.18 22.84 -13.62
CA CYS D 186 -28.20 23.71 -14.23
C CYS D 186 -27.03 23.96 -13.28
N GLU D 187 -27.29 24.06 -12.00
CA GLU D 187 -26.21 24.19 -11.04
C GLU D 187 -25.34 22.94 -11.01
N ALA D 188 -25.95 21.77 -11.10
CA ALA D 188 -25.16 20.55 -11.16
C ALA D 188 -24.29 20.53 -12.41
N SER D 189 -24.85 20.98 -13.54
CA SER D 189 -24.08 21.02 -14.76
C SER D 189 -22.92 22.02 -14.66
N MET D 190 -23.17 23.21 -14.12
CA MET D 190 -22.09 24.17 -13.94
C MET D 190 -21.04 23.64 -12.99
N ASP D 191 -21.45 22.93 -11.95
CA ASP D 191 -20.50 22.32 -11.05
C ASP D 191 -19.61 21.33 -11.77
N GLN D 192 -20.19 20.54 -12.66
CA GLN D 192 -19.39 19.61 -13.44
C GLN D 192 -18.38 20.34 -14.32
N GLN D 193 -18.83 21.40 -14.98
CA GLN D 193 -17.89 22.17 -15.79
C GLN D 193 -16.78 22.73 -14.94
N LYS D 194 -17.11 23.19 -13.74
CA LYS D 194 -16.10 23.71 -12.83
C LYS D 194 -15.08 22.63 -12.48
N GLU D 195 -15.56 21.43 -12.21
CA GLU D 195 -14.65 20.34 -11.89
C GLU D 195 -13.72 20.04 -13.04
N TRP D 196 -14.27 20.02 -14.25
CA TRP D 196 -13.43 19.77 -15.40
C TRP D 196 -12.40 20.86 -15.59
N ILE D 197 -12.78 22.12 -15.37
CA ILE D 197 -11.85 23.22 -15.50
C ILE D 197 -10.73 23.10 -14.49
N LEU D 198 -11.04 22.72 -13.26
CA LEU D 198 -9.99 22.57 -12.27
C LEU D 198 -9.06 21.42 -12.63
N HIS D 199 -9.60 20.34 -13.16
CA HIS D 199 -8.74 19.26 -13.62
C HIS D 199 -7.84 19.72 -14.77
N MET D 200 -8.37 20.55 -15.65
CA MET D 200 -7.56 21.05 -16.76
C MET D 200 -6.46 21.98 -16.27
N ALA D 201 -6.76 22.78 -15.26
CA ALA D 201 -5.73 23.62 -14.67
C ALA D 201 -4.64 22.78 -14.04
N LYS D 202 -5.04 21.70 -13.38
CA LYS D 202 -4.06 20.80 -12.80
C LYS D 202 -3.17 20.18 -13.86
N LEU D 203 -3.75 19.84 -15.00
CA LEU D 203 -2.95 19.31 -16.10
C LEU D 203 -1.99 20.35 -16.64
N SER D 204 -2.45 21.59 -16.77
CA SER D 204 -1.56 22.67 -17.17
C SER D 204 -0.40 22.81 -16.20
N ALA D 205 -0.70 22.72 -14.91
CA ALA D 205 0.36 22.80 -13.92
C ALA D 205 1.35 21.67 -14.10
N SER D 206 0.86 20.46 -14.33
CA SER D 206 1.77 19.35 -14.49
C SER D 206 2.63 19.52 -15.74
N LEU D 207 2.07 20.13 -16.76
CA LEU D 207 2.83 20.44 -17.95
C LEU D 207 3.98 21.39 -17.63
N ALA D 208 3.69 22.47 -16.92
CA ALA D 208 4.74 23.40 -16.56
C ALA D 208 5.76 22.74 -15.64
N LYS D 209 5.29 21.87 -14.77
CA LYS D 209 6.18 21.17 -13.87
C LYS D 209 7.16 20.31 -14.64
N GLN D 210 6.69 19.61 -15.66
CA GLN D 210 7.59 18.82 -16.48
C GLN D 210 8.60 19.69 -17.21
N ALA D 211 8.16 20.82 -17.74
CA ALA D 211 9.12 21.69 -18.41
C ALA D 211 10.20 22.19 -17.46
N ASN D 212 9.81 22.58 -16.25
CA ASN D 212 10.78 23.00 -15.26
C ASN D 212 11.73 21.87 -14.92
N PHE D 213 11.20 20.66 -14.85
CA PHE D 213 12.02 19.50 -14.58
C PHE D 213 13.07 19.32 -15.65
N MET D 214 12.70 19.52 -16.91
CA MET D 214 13.66 19.39 -17.99
C MET D 214 14.75 20.44 -17.89
N ALA D 215 14.38 21.67 -17.56
CA ALA D 215 15.40 22.69 -17.38
C ALA D 215 16.37 22.35 -16.25
N GLN D 216 15.84 21.89 -15.13
CA GLN D 216 16.74 21.55 -14.04
C GLN D 216 17.60 20.35 -14.38
N LEU D 217 17.07 19.41 -15.15
CA LEU D 217 17.86 18.27 -15.59
C LEU D 217 19.01 18.73 -16.47
N GLN D 218 18.75 19.68 -17.36
CA GLN D 218 19.82 20.19 -18.18
C GLN D 218 20.92 20.82 -17.35
N LEU D 219 20.55 21.61 -16.34
CA LEU D 219 21.58 22.19 -15.49
C LEU D 219 22.35 21.12 -14.73
N TRP D 220 21.65 20.15 -14.18
CA TRP D 220 22.30 19.10 -13.40
C TRP D 220 23.28 18.32 -14.24
N ALA D 221 22.90 18.01 -15.47
CA ALA D 221 23.78 17.29 -16.35
C ALA D 221 24.95 18.13 -16.76
N ARG D 222 24.75 19.43 -16.91
CA ARG D 222 25.83 20.25 -17.40
C ARG D 222 26.89 20.43 -16.33
N ARG D 223 26.50 20.52 -15.07
CA ARG D 223 27.55 20.61 -14.09
C ARG D 223 28.00 19.25 -13.59
N GLY D 224 27.39 18.18 -14.05
CA GLY D 224 27.90 16.88 -13.66
C GLY D 224 28.75 16.19 -14.69
N HIS D 225 28.96 16.81 -15.83
CA HIS D 225 29.57 16.19 -16.96
C HIS D 225 30.79 16.96 -17.39
N PRO D 226 31.87 16.28 -17.77
CA PRO D 226 33.09 16.96 -18.18
C PRO D 226 32.87 17.85 -19.38
N THR D 227 33.41 19.05 -19.32
CA THR D 227 33.22 20.05 -20.34
C THR D 227 33.90 19.60 -21.64
N LEU D 228 33.50 20.21 -22.74
CA LEU D 228 34.22 20.03 -24.00
C LEU D 228 35.64 20.56 -23.88
N ALA D 229 35.81 21.69 -23.19
CA ALA D 229 37.15 22.21 -22.97
C ALA D 229 37.99 21.26 -22.14
N ASP D 230 37.40 20.64 -21.12
CA ASP D 230 38.16 19.68 -20.34
C ASP D 230 38.56 18.46 -21.17
N ILE D 231 37.71 18.08 -22.12
CA ILE D 231 38.05 16.93 -22.93
C ILE D 231 39.15 17.28 -23.92
N VAL D 232 39.09 18.48 -24.48
CA VAL D 232 40.18 18.93 -25.34
C VAL D 232 41.49 19.02 -24.56
N GLU D 233 41.42 19.54 -23.34
CA GLU D 233 42.58 19.53 -22.48
C GLU D 233 43.12 18.12 -22.27
N LEU D 234 42.26 17.21 -21.87
CA LEU D 234 42.74 15.88 -21.53
C LEU D 234 43.36 15.22 -22.74
N GLU D 235 42.75 15.39 -23.90
CA GLU D 235 43.31 14.82 -25.12
C GLU D 235 44.68 15.39 -25.42
N ARG D 236 44.81 16.71 -25.46
CA ARG D 236 46.10 17.29 -25.77
C ARG D 236 47.14 16.89 -24.75
N LEU D 237 46.88 17.13 -23.48
CA LEU D 237 47.80 16.66 -22.44
C LEU D 237 48.04 15.15 -22.52
N ALA D 238 47.24 14.42 -23.29
CA ALA D 238 47.64 13.06 -23.61
C ALA D 238 48.44 12.96 -24.89
N LYS D 239 48.56 14.05 -25.65
CA LYS D 239 49.41 14.02 -26.82
C LYS D 239 50.90 14.04 -26.44
N ASP D 240 51.22 14.57 -25.27
CA ASP D 240 52.60 14.58 -24.80
C ASP D 240 52.92 13.26 -24.09
N PRO D 241 54.05 12.62 -24.40
CA PRO D 241 54.36 11.31 -23.80
C PRO D 241 55.18 11.40 -22.52
N ASP D 242 54.63 12.06 -21.52
CA ASP D 242 55.19 12.00 -20.16
C ASP D 242 54.15 11.76 -19.08
N TYR D 243 52.87 12.02 -19.34
CA TYR D 243 51.83 12.05 -18.33
C TYR D 243 50.96 10.81 -18.32
N GLN D 244 51.13 9.92 -19.29
CA GLN D 244 50.23 8.79 -19.52
C GLN D 244 49.72 8.19 -18.24
N GLU D 245 50.63 7.95 -17.29
CA GLU D 245 50.26 7.46 -15.97
C GLU D 245 49.06 8.21 -15.40
N GLN D 246 48.87 9.46 -15.81
CA GLN D 246 47.81 10.28 -15.27
C GLN D 246 46.66 10.44 -16.24
N ALA D 247 46.98 10.79 -17.49
CA ALA D 247 45.96 11.04 -18.49
C ALA D 247 45.10 9.81 -18.74
N ILE D 248 45.70 8.63 -18.78
CA ILE D 248 44.90 7.45 -19.04
C ILE D 248 43.91 7.21 -17.92
N LYS D 249 44.37 7.39 -16.68
CA LYS D 249 43.50 7.35 -15.52
C LYS D 249 42.35 8.34 -15.65
N LEU D 250 42.68 9.58 -16.01
CA LEU D 250 41.66 10.61 -16.13
C LEU D 250 40.68 10.29 -17.25
N TYR D 251 41.16 9.74 -18.34
CA TYR D 251 40.27 9.36 -19.44
C TYR D 251 39.26 8.33 -18.98
N ALA D 252 39.74 7.32 -18.27
CA ALA D 252 38.80 6.32 -17.78
C ALA D 252 37.80 6.93 -16.83
N GLU D 253 38.25 7.85 -15.98
CA GLU D 253 37.30 8.45 -15.04
C GLU D 253 36.25 9.30 -15.76
N TYR D 254 36.69 10.11 -16.72
CA TYR D 254 35.74 10.87 -17.51
C TYR D 254 34.74 9.95 -18.17
N GLN D 255 35.23 8.91 -18.82
CA GLN D 255 34.34 8.06 -19.59
C GLN D 255 33.33 7.38 -18.69
N GLU D 256 33.76 7.02 -17.50
CA GLU D 256 32.84 6.56 -16.47
C GLU D 256 31.76 7.58 -16.20
N THR D 257 32.16 8.75 -15.69
CA THR D 257 31.19 9.76 -15.29
C THR D 257 30.25 10.11 -16.45
N SER D 258 30.77 10.09 -17.67
CA SER D 258 29.96 10.45 -18.82
C SER D 258 28.88 9.42 -19.07
N GLU D 259 29.24 8.14 -19.08
CA GLU D 259 28.19 7.14 -19.19
C GLU D 259 27.18 7.28 -18.07
N LYS D 260 27.65 7.62 -16.88
CA LYS D 260 26.75 7.68 -15.74
C LYS D 260 25.75 8.82 -15.87
N VAL D 261 26.26 10.01 -16.19
CA VAL D 261 25.44 11.18 -16.39
C VAL D 261 24.46 10.96 -17.54
N LEU D 262 24.92 10.40 -18.64
CA LEU D 262 24.02 10.23 -19.77
C LEU D 262 22.97 9.18 -19.50
N SER D 263 23.26 8.14 -18.73
CA SER D 263 22.20 7.20 -18.41
C SER D 263 21.14 7.86 -17.54
N GLU D 264 21.58 8.62 -16.54
CA GLU D 264 20.65 9.39 -15.74
C GLU D 264 19.79 10.30 -16.63
N TYR D 265 20.44 11.02 -17.52
CA TYR D 265 19.75 11.94 -18.39
C TYR D 265 18.72 11.24 -19.24
N ASN D 266 19.08 10.08 -19.77
CA ASN D 266 18.19 9.41 -20.70
C ASN D 266 16.99 8.84 -19.97
N THR D 267 17.15 8.40 -18.75
CA THR D 267 15.96 7.86 -18.13
C THR D 267 15.08 8.95 -17.55
N LYS D 268 15.66 9.98 -16.96
CA LYS D 268 14.81 10.99 -16.36
C LYS D 268 14.16 11.88 -17.39
N ALA D 269 14.71 11.96 -18.60
CA ALA D 269 14.10 12.76 -19.64
C ALA D 269 13.01 12.03 -20.38
N ASP D 270 12.49 10.97 -19.82
CA ASP D 270 11.40 10.23 -20.42
C ASP D 270 10.10 10.71 -19.79
N LEU D 271 9.40 11.59 -20.48
CA LEU D 271 8.28 12.30 -19.89
C LEU D 271 6.97 11.57 -20.14
N GLU D 272 6.12 11.58 -19.13
CA GLU D 272 4.79 11.02 -19.28
C GLU D 272 3.98 11.87 -20.25
N PRO D 273 3.21 11.24 -21.12
CA PRO D 273 2.21 11.99 -21.88
C PRO D 273 1.09 12.48 -20.99
N VAL D 274 0.41 13.51 -21.45
CA VAL D 274 -0.69 14.11 -20.71
C VAL D 274 -1.95 13.89 -21.53
N ASN D 275 -2.87 13.08 -21.05
CA ASN D 275 -4.13 12.97 -21.78
C ASN D 275 -5.26 13.62 -21.01
N PRO D 276 -5.85 14.66 -21.57
CA PRO D 276 -6.94 15.35 -20.90
C PRO D 276 -8.22 14.57 -21.02
N PRO D 277 -9.01 14.49 -19.96
CA PRO D 277 -10.36 13.93 -20.10
C PRO D 277 -11.23 14.88 -20.89
N LYS D 278 -12.19 14.32 -21.60
CA LYS D 278 -13.10 15.19 -22.30
C LYS D 278 -14.05 15.82 -21.30
N PRO D 279 -14.54 17.02 -21.60
CA PRO D 279 -15.42 17.69 -20.65
C PRO D 279 -16.75 16.97 -20.54
N PRO D 280 -17.37 16.98 -19.37
CA PRO D 280 -18.69 16.37 -19.24
C PRO D 280 -19.69 17.07 -20.14
N ALA D 281 -20.65 16.30 -20.62
CA ALA D 281 -21.66 16.86 -21.49
C ALA D 281 -22.47 17.90 -20.74
N ALA D 282 -22.74 19.02 -21.39
CA ALA D 282 -23.63 20.01 -20.82
C ALA D 282 -25.04 19.48 -20.73
N ILE D 283 -25.79 19.97 -19.75
CA ILE D 283 -27.20 19.63 -19.68
C ILE D 283 -27.92 20.25 -20.86
N LYS D 284 -28.86 19.51 -21.44
CA LYS D 284 -29.62 20.01 -22.57
C LYS D 284 -31.01 20.40 -22.12
N ILE D 285 -31.40 21.64 -22.43
CA ILE D 285 -32.74 22.12 -22.18
C ILE D 285 -33.28 22.60 -23.50
N ASP D 286 -34.36 22.00 -23.95
CA ASP D 286 -34.93 22.41 -25.22
C ASP D 286 -35.69 23.71 -25.09
N PRO D 287 -35.79 24.47 -26.17
CA PRO D 287 -36.63 25.64 -26.14
C PRO D 287 -38.07 25.25 -25.88
N PRO D 288 -38.82 26.08 -25.19
CA PRO D 288 -40.25 25.88 -24.90
C PRO D 288 -41.08 25.72 -26.16
N THR E 10 -29.01 23.95 -41.07
CA THR E 10 -29.71 22.69 -40.87
C THR E 10 -28.73 21.67 -40.32
N VAL E 11 -28.44 20.63 -41.10
CA VAL E 11 -27.46 19.62 -40.76
C VAL E 11 -26.43 19.56 -41.86
N ASP E 12 -25.16 19.68 -41.48
CA ASP E 12 -24.06 19.66 -42.43
C ASP E 12 -23.60 18.23 -42.64
N GLN E 13 -24.18 17.57 -43.63
CA GLN E 13 -23.71 16.26 -44.04
C GLN E 13 -22.27 16.29 -44.51
N GLN E 14 -21.86 17.38 -45.14
CA GLN E 14 -20.52 17.42 -45.69
C GLN E 14 -19.47 17.36 -44.59
N GLU E 15 -19.75 17.98 -43.45
CA GLU E 15 -18.83 17.87 -42.32
C GLU E 15 -18.70 16.42 -41.89
N ILE E 16 -19.81 15.70 -41.82
CA ILE E 16 -19.74 14.31 -41.40
C ILE E 16 -18.97 13.48 -42.40
N LEU E 17 -19.20 13.68 -43.70
CA LEU E 17 -18.48 12.88 -44.67
C LEU E 17 -16.98 13.18 -44.64
N ASN E 18 -16.62 14.44 -44.48
CA ASN E 18 -15.21 14.78 -44.38
C ASN E 18 -14.58 14.14 -43.16
N ARG E 19 -15.29 14.14 -42.05
CA ARG E 19 -14.76 13.51 -40.84
C ARG E 19 -14.65 12.01 -41.02
N ALA E 20 -15.57 11.40 -41.75
CA ALA E 20 -15.46 9.98 -42.02
C ALA E 20 -14.22 9.66 -42.84
N ASP E 21 -13.93 10.47 -43.85
CA ASP E 21 -12.70 10.21 -44.58
C ASP E 21 -11.47 10.47 -43.72
N GLU E 22 -11.53 11.45 -42.84
CA GLU E 22 -10.38 11.75 -42.01
C GLU E 22 -10.12 10.67 -40.98
N VAL E 23 -11.16 9.98 -40.50
CA VAL E 23 -10.94 9.11 -39.37
C VAL E 23 -10.33 7.78 -39.83
N GLU E 24 -10.56 7.38 -41.06
CA GLU E 24 -10.01 6.12 -41.55
C GLU E 24 -8.81 6.33 -42.47
N ALA E 25 -8.27 7.53 -42.52
CA ALA E 25 -7.04 7.72 -43.24
C ALA E 25 -5.93 6.93 -42.55
N PRO E 26 -4.93 6.45 -43.28
CA PRO E 26 -3.86 5.68 -42.66
C PRO E 26 -3.16 6.49 -41.59
N MET E 27 -2.83 5.84 -40.50
CA MET E 27 -1.99 6.45 -39.48
C MET E 27 -0.54 6.15 -39.81
N ALA E 28 0.35 6.49 -38.89
CA ALA E 28 1.77 6.24 -39.10
C ALA E 28 2.02 4.75 -39.25
N THR E 29 3.00 4.42 -40.03
CA THR E 29 3.39 3.03 -40.17
C THR E 29 4.34 2.66 -39.04
N PRO E 30 4.08 1.58 -38.33
CA PRO E 30 4.99 1.16 -37.26
C PRO E 30 6.31 0.67 -37.81
N PRO E 31 7.36 0.69 -37.01
CA PRO E 31 8.65 0.17 -37.49
C PRO E 31 8.60 -1.33 -37.67
N THR E 32 9.43 -1.83 -38.57
CA THR E 32 9.49 -3.25 -38.83
C THR E 32 10.85 -3.86 -38.60
N ASP E 33 11.79 -3.14 -38.05
CA ASP E 33 13.12 -3.70 -37.92
C ASP E 33 13.18 -4.67 -36.76
N VAL E 34 14.04 -5.66 -36.89
CA VAL E 34 14.11 -6.77 -35.94
C VAL E 34 15.33 -6.56 -35.05
N PRO E 35 15.16 -6.44 -33.75
CA PRO E 35 16.30 -6.14 -32.87
C PRO E 35 17.12 -7.39 -32.60
N GLN E 36 18.43 -7.27 -32.71
CA GLN E 36 19.32 -8.40 -32.46
C GLN E 36 19.79 -8.42 -31.02
N ALA E 37 20.29 -9.57 -30.62
CA ALA E 37 20.81 -9.72 -29.28
C ALA E 37 22.05 -8.85 -29.11
N PRO E 38 22.15 -8.10 -28.03
CA PRO E 38 23.33 -7.24 -27.84
C PRO E 38 24.63 -8.01 -27.68
N SER E 39 24.58 -9.22 -27.15
CA SER E 39 25.79 -9.99 -26.92
C SER E 39 25.50 -11.43 -27.31
N GLY E 40 26.37 -12.34 -26.87
CA GLY E 40 26.20 -13.74 -27.09
C GLY E 40 25.59 -14.49 -25.94
N LEU E 41 25.32 -13.80 -24.83
CA LEU E 41 24.72 -14.47 -23.70
C LEU E 41 23.32 -14.98 -24.02
N THR E 42 22.93 -16.04 -23.35
CA THR E 42 21.63 -16.64 -23.64
C THR E 42 20.50 -15.74 -23.19
N ALA E 43 20.67 -15.04 -22.08
CA ALA E 43 19.64 -14.12 -21.63
C ALA E 43 19.47 -12.98 -22.61
N ALA E 44 20.55 -12.54 -23.24
CA ALA E 44 20.43 -11.50 -24.24
C ALA E 44 19.63 -11.97 -25.43
N ASN E 45 19.85 -13.21 -25.87
CA ASN E 45 19.07 -13.72 -26.98
C ASN E 45 17.61 -13.84 -26.61
N ASN E 46 17.34 -14.28 -25.38
CA ASN E 46 15.97 -14.33 -24.90
C ASN E 46 15.34 -12.96 -24.92
N ALA E 47 16.06 -11.94 -24.48
CA ALA E 47 15.52 -10.60 -24.45
C ALA E 47 15.23 -10.09 -25.85
N ALA E 48 16.13 -10.34 -26.78
CA ALA E 48 15.89 -9.90 -28.14
C ALA E 48 14.67 -10.60 -28.73
N GLU E 49 14.51 -11.89 -28.44
CA GLU E 49 13.36 -12.58 -28.97
C GLU E 49 12.07 -12.11 -28.31
N GLN E 50 12.12 -11.82 -27.02
CA GLN E 50 10.95 -11.26 -26.36
C GLN E 50 10.55 -9.93 -26.99
N LEU E 51 11.53 -9.08 -27.28
CA LEU E 51 11.24 -7.82 -27.95
C LEU E 51 10.65 -8.03 -29.33
N ALA E 52 11.20 -8.97 -30.09
CA ALA E 52 10.67 -9.20 -31.43
C ALA E 52 9.21 -9.66 -31.35
N VAL E 53 8.91 -10.54 -30.42
CA VAL E 53 7.55 -11.04 -30.29
C VAL E 53 6.61 -9.93 -29.85
N SER E 54 7.03 -9.11 -28.90
CA SER E 54 6.20 -8.01 -28.47
C SER E 54 5.93 -7.04 -29.61
N ALA E 55 6.95 -6.77 -30.43
CA ALA E 55 6.75 -5.89 -31.57
C ALA E 55 5.75 -6.46 -32.55
N ASP E 56 5.88 -7.75 -32.86
CA ASP E 56 4.91 -8.39 -33.73
C ASP E 56 3.50 -8.29 -33.18
N ASN E 57 3.34 -8.49 -31.87
CA ASN E 57 2.01 -8.46 -31.31
C ASN E 57 1.42 -7.06 -31.34
N VAL E 58 2.24 -6.05 -31.13
CA VAL E 58 1.76 -4.69 -31.22
C VAL E 58 1.33 -4.37 -32.65
N ARG E 59 2.10 -4.82 -33.64
CA ARG E 59 1.73 -4.56 -35.03
C ARG E 59 0.41 -5.22 -35.37
N LEU E 60 0.20 -6.43 -34.88
CA LEU E 60 -1.06 -7.13 -35.10
C LEU E 60 -2.25 -6.36 -34.53
N TYR E 61 -2.11 -5.87 -33.31
CA TYR E 61 -3.24 -5.13 -32.76
C TYR E 61 -3.45 -3.80 -33.46
N LEU E 62 -2.40 -3.22 -34.03
CA LEU E 62 -2.59 -2.02 -34.82
C LEU E 62 -3.45 -2.30 -36.03
N GLN E 63 -3.25 -3.44 -36.67
CA GLN E 63 -4.15 -3.81 -37.76
C GLN E 63 -5.59 -3.97 -37.29
N ALA E 64 -5.77 -4.51 -36.09
CA ALA E 64 -7.13 -4.59 -35.57
C ALA E 64 -7.76 -3.20 -35.41
N GLY E 65 -7.00 -2.26 -34.85
CA GLY E 65 -7.51 -0.91 -34.71
C GLY E 65 -7.85 -0.27 -36.04
N GLU E 66 -7.06 -0.57 -37.06
CA GLU E 66 -7.36 -0.09 -38.39
C GLU E 66 -8.71 -0.58 -38.88
N ARG E 67 -9.02 -1.85 -38.63
CA ARG E 67 -10.34 -2.31 -39.00
C ARG E 67 -11.43 -1.58 -38.23
N GLU E 68 -11.23 -1.34 -36.94
CA GLU E 68 -12.24 -0.63 -36.18
C GLU E 68 -12.46 0.77 -36.76
N ARG E 69 -11.42 1.41 -37.24
CA ARG E 69 -11.61 2.73 -37.79
C ARG E 69 -12.36 2.68 -39.13
N GLN E 70 -12.13 1.65 -39.93
CA GLN E 70 -12.97 1.53 -41.12
C GLN E 70 -14.43 1.37 -40.76
N ARG E 71 -14.73 0.56 -39.76
CA ARG E 71 -16.12 0.38 -39.40
C ARG E 71 -16.72 1.66 -38.85
N LEU E 72 -15.94 2.42 -38.10
CA LEU E 72 -16.44 3.69 -37.61
C LEU E 72 -16.72 4.66 -38.75
N ALA E 73 -15.86 4.69 -39.76
CA ALA E 73 -16.12 5.54 -40.92
C ALA E 73 -17.38 5.11 -41.65
N THR E 74 -17.59 3.81 -41.78
CA THR E 74 -18.83 3.34 -42.39
C THR E 74 -20.05 3.78 -41.59
N SER E 75 -19.98 3.67 -40.27
CA SER E 75 -21.12 4.11 -39.47
C SER E 75 -21.36 5.60 -39.64
N LEU E 76 -20.30 6.39 -39.74
CA LEU E 76 -20.49 7.82 -39.95
C LEU E 76 -21.15 8.10 -41.29
N ARG E 77 -20.76 7.37 -42.33
CA ARG E 77 -21.40 7.58 -43.61
C ARG E 77 -22.86 7.21 -43.58
N ASN E 78 -23.21 6.15 -42.87
CA ASN E 78 -24.61 5.81 -42.73
C ASN E 78 -25.37 6.90 -41.98
N ALA E 79 -24.78 7.38 -40.89
CA ALA E 79 -25.41 8.45 -40.13
C ALA E 79 -25.60 9.69 -40.99
N ALA E 80 -24.67 9.96 -41.88
CA ALA E 80 -24.82 11.08 -42.79
C ALA E 80 -25.96 10.83 -43.77
N ALA E 81 -26.07 9.61 -44.27
CA ALA E 81 -27.16 9.29 -45.17
C ALA E 81 -28.51 9.37 -44.50
N ALA E 82 -28.56 9.44 -43.18
CA ALA E 82 -29.84 9.64 -42.51
C ALA E 82 -30.51 10.96 -42.87
N TYR E 83 -29.82 11.91 -43.48
CA TYR E 83 -30.44 13.20 -43.75
C TYR E 83 -30.93 13.31 -45.19
N GLY E 84 -30.06 13.18 -46.16
CA GLY E 84 -30.52 13.29 -47.53
C GLY E 84 -29.75 12.36 -48.42
N GLU E 85 -30.11 12.37 -49.70
CA GLU E 85 -29.40 11.56 -50.68
C GLU E 85 -27.94 12.00 -50.72
N VAL E 86 -27.06 11.05 -50.94
CA VAL E 86 -25.65 11.39 -51.03
C VAL E 86 -25.17 11.22 -52.47
N SER E 130 43.69 -23.91 -11.83
CA SER E 130 42.54 -23.06 -12.12
C SER E 130 42.51 -22.69 -13.59
N ASP E 131 41.54 -23.22 -14.31
CA ASP E 131 41.43 -22.87 -15.72
C ASP E 131 40.52 -21.68 -15.90
N PHE E 132 40.69 -21.04 -17.04
CA PHE E 132 40.03 -19.78 -17.33
C PHE E 132 38.91 -19.95 -18.33
N THR E 133 38.46 -21.18 -18.57
CA THR E 133 37.55 -21.39 -19.68
C THR E 133 36.13 -20.91 -19.37
N ASP E 134 35.69 -20.98 -18.12
CA ASP E 134 34.41 -20.36 -17.83
C ASP E 134 34.49 -18.85 -17.97
N LEU E 135 35.57 -18.25 -17.48
CA LEU E 135 35.75 -16.81 -17.67
C LEU E 135 35.92 -16.48 -19.14
N LYS E 136 36.68 -17.27 -19.88
CA LYS E 136 36.86 -16.96 -21.29
C LYS E 136 35.56 -17.11 -22.05
N THR E 137 34.73 -18.09 -21.68
CA THR E 137 33.44 -18.23 -22.31
C THR E 137 32.54 -17.03 -22.01
N ALA E 138 32.45 -16.68 -20.73
CA ALA E 138 31.63 -15.53 -20.35
C ALA E 138 32.06 -14.28 -21.08
N ALA E 139 33.36 -14.00 -21.08
CA ALA E 139 33.84 -12.80 -21.74
C ALA E 139 33.61 -12.84 -23.24
N THR E 140 33.85 -13.99 -23.86
CA THR E 140 33.70 -14.06 -25.30
C THR E 140 32.26 -13.79 -25.70
N LYS E 141 31.32 -14.37 -24.97
CA LYS E 141 29.92 -14.08 -25.23
C LYS E 141 29.61 -12.61 -24.99
N LEU E 142 30.06 -12.07 -23.87
CA LEU E 142 29.72 -10.70 -23.54
C LEU E 142 30.23 -9.71 -24.57
N GLU E 143 31.34 -10.00 -25.23
CA GLU E 143 31.87 -9.03 -26.16
C GLU E 143 31.48 -9.33 -27.59
N SER E 144 30.69 -10.35 -27.82
CA SER E 144 30.21 -10.61 -29.16
C SER E 144 28.97 -9.76 -29.44
N GLY E 145 28.34 -9.99 -30.57
CA GLY E 145 27.15 -9.26 -30.91
C GLY E 145 27.47 -7.85 -31.34
N ASP E 146 26.43 -7.06 -31.50
CA ASP E 146 26.61 -5.69 -31.95
C ASP E 146 26.63 -4.70 -30.81
N GLN E 147 26.57 -5.19 -29.58
CA GLN E 147 26.70 -4.39 -28.38
C GLN E 147 25.57 -3.41 -28.21
N GLY E 148 24.48 -3.60 -28.94
CA GLY E 148 23.27 -2.88 -28.70
C GLY E 148 22.89 -1.84 -29.72
N THR E 149 23.56 -1.75 -30.86
CA THR E 149 23.18 -0.70 -31.79
C THR E 149 21.82 -0.97 -32.41
N SER E 150 21.52 -2.23 -32.70
CA SER E 150 20.22 -2.52 -33.28
C SER E 150 19.12 -2.33 -32.24
N MET E 151 19.43 -2.51 -30.96
CA MET E 151 18.48 -2.16 -29.93
C MET E 151 18.18 -0.68 -29.94
N VAL E 152 19.19 0.15 -30.14
CA VAL E 152 18.97 1.58 -30.16
C VAL E 152 18.18 2.00 -31.39
N ASN E 153 18.47 1.39 -32.54
CA ASN E 153 17.66 1.68 -33.72
C ASN E 153 16.20 1.28 -33.50
N PHE E 154 15.99 0.10 -32.92
CA PHE E 154 14.66 -0.36 -32.57
C PHE E 154 13.95 0.64 -31.67
N ALA E 155 14.63 1.08 -30.62
CA ALA E 155 14.03 2.00 -29.68
C ALA E 155 13.70 3.33 -30.32
N ASP E 156 14.57 3.83 -31.19
CA ASP E 156 14.29 5.08 -31.87
C ASP E 156 13.05 4.95 -32.72
N GLY E 157 12.96 3.87 -33.49
CA GLY E 157 11.79 3.68 -34.31
C GLY E 157 10.51 3.63 -33.49
N TRP E 158 10.54 2.93 -32.37
CA TRP E 158 9.32 2.83 -31.61
C TRP E 158 8.98 4.10 -30.85
N ASN E 159 9.97 4.88 -30.43
CA ASN E 159 9.68 6.20 -29.88
C ASN E 159 9.07 7.13 -30.92
N ASN E 160 9.60 7.09 -32.13
CA ASN E 160 9.00 7.89 -33.19
C ASN E 160 7.56 7.49 -33.40
N PHE E 161 7.29 6.19 -33.38
CA PHE E 161 5.92 5.73 -33.56
C PHE E 161 5.02 6.20 -32.42
N ASN E 162 5.48 6.08 -31.18
CA ASN E 162 4.81 6.68 -30.04
C ASN E 162 4.37 8.11 -30.31
N LEU E 163 5.34 8.95 -30.67
CA LEU E 163 5.01 10.36 -30.87
C LEU E 163 4.05 10.55 -32.03
N SER E 164 4.24 9.82 -33.11
CA SER E 164 3.40 10.05 -34.26
C SER E 164 1.98 9.55 -34.05
N LEU E 165 1.79 8.53 -33.21
CA LEU E 165 0.44 8.18 -32.81
C LEU E 165 -0.16 9.28 -31.96
N GLN E 166 0.60 9.81 -31.01
CA GLN E 166 0.08 10.89 -30.19
C GLN E 166 -0.30 12.12 -31.01
N ARG E 167 0.38 12.36 -32.11
CA ARG E 167 0.02 13.52 -32.90
C ARG E 167 -1.21 13.32 -33.75
N ASP E 168 -1.77 12.13 -33.77
CA ASP E 168 -2.79 11.81 -34.74
C ASP E 168 -4.14 11.54 -34.11
N ILE E 169 -4.45 12.18 -32.99
CA ILE E 169 -5.75 12.04 -32.39
C ILE E 169 -6.68 13.20 -32.73
N LYS E 170 -6.24 14.12 -33.58
CA LYS E 170 -7.18 15.12 -34.11
C LYS E 170 -8.36 14.46 -34.78
N ARG E 171 -8.14 13.35 -35.46
CA ARG E 171 -9.21 12.69 -36.17
C ARG E 171 -10.34 12.24 -35.27
N PHE E 172 -10.22 12.37 -33.96
CA PHE E 172 -11.31 11.98 -33.07
C PHE E 172 -11.94 13.15 -32.36
N ARG E 173 -11.64 14.38 -32.75
CA ARG E 173 -12.23 15.51 -32.10
C ARG E 173 -13.74 15.54 -32.28
N ILE E 174 -14.40 16.27 -31.39
CA ILE E 174 -15.84 16.48 -31.47
C ILE E 174 -16.20 17.22 -32.74
N PHE E 175 -17.47 17.17 -33.08
CA PHE E 175 -17.96 17.83 -34.28
C PHE E 175 -18.29 19.27 -34.00
N GLU E 176 -18.11 20.11 -35.00
CA GLU E 176 -18.56 21.50 -34.87
C GLU E 176 -20.07 21.60 -34.99
N ASN E 177 -20.62 21.22 -36.14
CA ASN E 177 -21.99 21.55 -36.48
C ASN E 177 -22.94 20.37 -36.40
N TRP E 178 -22.54 19.25 -35.86
CA TRP E 178 -23.42 18.11 -35.82
C TRP E 178 -23.85 17.85 -34.39
N GLU E 179 -25.13 17.55 -34.20
CA GLU E 179 -25.67 17.44 -32.86
C GLU E 179 -26.81 16.45 -32.88
N GLY E 180 -27.22 16.02 -31.71
CA GLY E 180 -28.27 15.04 -31.59
C GLY E 180 -27.75 13.73 -31.07
N ASP E 181 -28.60 12.71 -31.12
CA ASP E 181 -28.26 11.43 -30.50
C ASP E 181 -27.18 10.70 -31.27
N ALA E 182 -27.30 10.65 -32.59
CA ALA E 182 -26.29 9.98 -33.39
C ALA E 182 -24.93 10.65 -33.23
N ALA E 183 -24.92 11.98 -33.22
CA ALA E 183 -23.67 12.70 -33.05
C ALA E 183 -23.05 12.41 -31.68
N THR E 184 -23.86 12.38 -30.63
CA THR E 184 -23.33 12.06 -29.32
C THR E 184 -22.75 10.65 -29.30
N ALA E 185 -23.46 9.70 -29.89
CA ALA E 185 -22.99 8.33 -29.87
C ALA E 185 -21.70 8.17 -30.68
N CYS E 186 -21.63 8.83 -31.82
CA CYS E 186 -20.43 8.76 -32.64
C CYS E 186 -19.25 9.45 -31.95
N GLU E 187 -19.51 10.53 -31.24
CA GLU E 187 -18.45 11.16 -30.47
C GLU E 187 -17.95 10.25 -29.37
N ALA E 188 -18.86 9.55 -28.69
CA ALA E 188 -18.42 8.60 -27.68
C ALA E 188 -17.57 7.50 -28.29
N SER E 189 -17.97 7.03 -29.47
CA SER E 189 -17.18 6.00 -30.13
C SER E 189 -15.80 6.52 -30.54
N MET E 190 -15.73 7.72 -31.11
CA MET E 190 -14.44 8.29 -31.45
C MET E 190 -13.59 8.51 -30.22
N ASP E 191 -14.20 8.90 -29.11
CA ASP E 191 -13.46 9.06 -27.88
C ASP E 191 -12.87 7.74 -27.43
N GLN E 192 -13.61 6.66 -27.57
CA GLN E 192 -13.08 5.35 -27.22
C GLN E 192 -11.90 4.97 -28.11
N GLN E 193 -12.02 5.22 -29.41
CA GLN E 193 -10.90 4.94 -30.29
C GLN E 193 -9.69 5.76 -29.90
N LYS E 194 -9.91 7.02 -29.53
CA LYS E 194 -8.82 7.87 -29.09
C LYS E 194 -8.14 7.29 -27.85
N GLU E 195 -8.93 6.82 -26.90
CA GLU E 195 -8.35 6.22 -25.71
C GLU E 195 -7.52 5.01 -26.05
N TRP E 196 -8.02 4.17 -26.93
CA TRP E 196 -7.25 2.99 -27.32
C TRP E 196 -5.96 3.37 -28.02
N ILE E 197 -6.00 4.40 -28.85
CA ILE E 197 -4.81 4.85 -29.55
C ILE E 197 -3.77 5.35 -28.56
N LEU E 198 -4.21 6.10 -27.55
CA LEU E 198 -3.26 6.59 -26.55
C LEU E 198 -2.66 5.44 -25.76
N HIS E 199 -3.46 4.44 -25.44
CA HIS E 199 -2.92 3.27 -24.77
C HIS E 199 -1.90 2.55 -25.66
N MET E 200 -2.17 2.48 -26.95
CA MET E 200 -1.23 1.84 -27.86
C MET E 200 0.07 2.62 -27.97
N ALA E 201 -0.03 3.93 -27.96
CA ALA E 201 1.18 4.75 -27.96
C ALA E 201 1.98 4.52 -26.70
N LYS E 202 1.30 4.39 -25.57
CA LYS E 202 1.98 4.12 -24.33
C LYS E 202 2.69 2.77 -24.37
N LEU E 203 2.07 1.78 -25.00
CA LEU E 203 2.72 0.49 -25.15
C LEU E 203 3.94 0.58 -26.06
N SER E 204 3.83 1.34 -27.14
CA SER E 204 4.98 1.58 -27.99
C SER E 204 6.12 2.22 -27.20
N ALA E 205 5.78 3.18 -26.36
CA ALA E 205 6.80 3.81 -25.55
C ALA E 205 7.45 2.81 -24.62
N SER E 206 6.66 1.94 -24.00
CA SER E 206 7.24 0.97 -23.11
C SER E 206 8.13 -0.01 -23.86
N LEU E 207 7.78 -0.30 -25.09
CA LEU E 207 8.62 -1.13 -25.93
C LEU E 207 9.99 -0.48 -26.16
N ALA E 208 9.98 0.79 -26.55
CA ALA E 208 11.23 1.49 -26.75
C ALA E 208 12.02 1.60 -25.46
N LYS E 209 11.31 1.79 -24.35
CA LYS E 209 11.96 1.88 -23.06
C LYS E 209 12.69 0.59 -22.72
N GLN E 210 12.07 -0.54 -22.98
CA GLN E 210 12.74 -1.82 -22.75
C GLN E 210 13.96 -1.99 -23.63
N ALA E 211 13.86 -1.59 -24.90
CA ALA E 211 15.02 -1.71 -25.76
C ALA E 211 16.18 -0.85 -25.26
N ASN E 212 15.88 0.38 -24.84
CA ASN E 212 16.91 1.24 -24.29
C ASN E 212 17.51 0.63 -23.04
N PHE E 213 16.67 0.01 -22.23
CA PHE E 213 17.15 -0.66 -21.04
C PHE E 213 18.13 -1.75 -21.38
N MET E 214 17.85 -2.52 -22.43
CA MET E 214 18.77 -3.58 -22.82
C MET E 214 20.10 -3.01 -23.29
N ALA E 215 20.07 -1.92 -24.04
CA ALA E 215 21.32 -1.31 -24.46
C ALA E 215 22.14 -0.84 -23.25
N GLN E 216 21.48 -0.18 -22.30
CA GLN E 216 22.23 0.29 -21.14
C GLN E 216 22.74 -0.87 -20.30
N LEU E 217 21.99 -1.96 -20.25
CA LEU E 217 22.45 -3.14 -19.54
C LEU E 217 23.70 -3.70 -20.19
N GLN E 218 23.73 -3.73 -21.51
CA GLN E 218 24.92 -4.21 -22.20
C GLN E 218 26.12 -3.35 -21.86
N LEU E 219 25.96 -2.04 -21.85
CA LEU E 219 27.09 -1.19 -21.50
C LEU E 219 27.53 -1.42 -20.06
N TRP E 220 26.58 -1.50 -19.14
CA TRP E 220 26.91 -1.67 -17.74
C TRP E 220 27.66 -2.97 -17.51
N ALA E 221 27.23 -4.03 -18.16
CA ALA E 221 27.90 -5.30 -18.02
C ALA E 221 29.27 -5.27 -18.65
N ARG E 222 29.43 -4.52 -19.74
CA ARG E 222 30.70 -4.55 -20.41
C ARG E 222 31.75 -3.79 -19.62
N ARG E 223 31.37 -2.73 -18.95
CA ARG E 223 32.38 -2.08 -18.13
C ARG E 223 32.44 -2.65 -16.72
N GLY E 224 31.57 -3.58 -16.38
CA GLY E 224 31.70 -4.18 -15.08
C GLY E 224 32.36 -5.54 -15.06
N HIS E 225 32.75 -6.03 -16.21
CA HIS E 225 33.19 -7.40 -16.35
C HIS E 225 34.59 -7.43 -16.93
N PRO E 226 35.44 -8.32 -16.44
CA PRO E 226 36.81 -8.39 -16.95
C PRO E 226 36.86 -8.71 -18.43
N THR E 227 37.71 -7.98 -19.13
CA THR E 227 37.82 -8.11 -20.57
C THR E 227 38.37 -9.48 -20.94
N LEU E 228 38.18 -9.86 -22.19
CA LEU E 228 38.85 -11.04 -22.72
C LEU E 228 40.36 -10.84 -22.73
N ALA E 229 40.81 -9.64 -23.05
CA ALA E 229 42.24 -9.36 -23.00
C ALA E 229 42.77 -9.47 -21.58
N ASP E 230 42.02 -8.99 -20.59
CA ASP E 230 42.47 -9.13 -19.22
C ASP E 230 42.54 -10.59 -18.79
N ILE E 231 41.65 -11.42 -19.32
CA ILE E 231 41.67 -12.82 -18.95
C ILE E 231 42.85 -13.51 -19.60
N VAL E 232 43.14 -13.17 -20.85
CA VAL E 232 44.32 -13.73 -21.49
C VAL E 232 45.59 -13.28 -20.78
N GLU E 233 45.63 -12.02 -20.37
CA GLU E 233 46.73 -11.57 -19.55
C GLU E 233 46.86 -12.37 -18.27
N LEU E 234 45.78 -12.51 -17.53
CA LEU E 234 45.88 -13.17 -16.24
C LEU E 234 46.32 -14.61 -16.41
N GLU E 235 45.80 -15.28 -17.43
CA GLU E 235 46.21 -16.65 -17.69
C GLU E 235 47.69 -16.74 -17.99
N ARG E 236 48.17 -15.95 -18.95
CA ARG E 236 49.58 -16.03 -19.30
C ARG E 236 50.46 -15.68 -18.11
N LEU E 237 50.24 -14.52 -17.51
CA LEU E 237 50.97 -14.19 -16.29
C LEU E 237 50.80 -15.24 -15.21
N ALA E 238 49.85 -16.16 -15.34
CA ALA E 238 49.87 -17.33 -14.48
C ALA E 238 50.65 -18.48 -15.08
N LYS E 239 51.07 -18.38 -16.33
CA LYS E 239 51.91 -19.44 -16.89
C LYS E 239 53.33 -19.38 -16.33
N ASP E 240 53.76 -18.21 -15.88
CA ASP E 240 55.08 -18.06 -15.27
C ASP E 240 55.02 -18.42 -13.78
N PRO E 241 55.94 -19.23 -13.27
CA PRO E 241 55.88 -19.66 -11.87
C PRO E 241 56.66 -18.76 -10.93
N ASP E 242 56.29 -17.50 -10.86
CA ASP E 242 56.78 -16.61 -9.81
C ASP E 242 55.69 -15.76 -9.16
N TYR E 243 54.53 -15.59 -9.80
CA TYR E 243 53.53 -14.64 -9.39
C TYR E 243 52.35 -15.27 -8.67
N GLN E 244 52.29 -16.60 -8.63
CA GLN E 244 51.13 -17.35 -8.16
C GLN E 244 50.44 -16.67 -6.99
N GLU E 245 51.24 -16.25 -6.00
CA GLU E 245 50.72 -15.49 -4.86
C GLU E 245 49.76 -14.40 -5.30
N GLN E 246 49.92 -13.88 -6.51
CA GLN E 246 49.11 -12.79 -6.98
C GLN E 246 48.06 -13.24 -7.99
N ALA E 247 48.50 -14.01 -8.99
CA ALA E 247 47.60 -14.45 -10.04
C ALA E 247 46.45 -15.27 -9.49
N ILE E 248 46.71 -16.14 -8.53
CA ILE E 248 45.62 -16.97 -8.03
C ILE E 248 44.58 -16.11 -7.33
N LYS E 249 45.05 -15.13 -6.56
CA LYS E 249 44.17 -14.13 -5.96
C LYS E 249 43.34 -13.43 -7.02
N LEU E 250 44.00 -12.96 -8.09
CA LEU E 250 43.30 -12.23 -9.13
C LEU E 250 42.29 -13.12 -9.85
N TYR E 251 42.63 -14.39 -10.05
CA TYR E 251 41.69 -15.31 -10.68
C TYR E 251 40.44 -15.45 -9.86
N ALA E 252 40.60 -15.63 -8.55
CA ALA E 252 39.42 -15.75 -7.72
C ALA E 252 38.60 -14.47 -7.76
N GLU E 253 39.26 -13.31 -7.77
CA GLU E 253 38.49 -12.08 -7.80
C GLU E 253 37.73 -11.91 -9.12
N TYR E 254 38.39 -12.20 -10.23
CA TYR E 254 37.70 -12.16 -11.51
C TYR E 254 36.51 -13.08 -11.50
N GLN E 255 36.70 -14.31 -11.05
CA GLN E 255 35.64 -15.29 -11.13
C GLN E 255 34.46 -14.87 -10.28
N GLU E 256 34.76 -14.27 -9.14
CA GLU E 256 33.72 -13.64 -8.34
C GLU E 256 32.95 -12.60 -9.14
N THR E 257 33.64 -11.55 -9.56
CA THR E 257 32.97 -10.45 -10.25
C THR E 257 32.19 -10.95 -11.46
N SER E 258 32.71 -11.98 -12.13
CA SER E 258 32.05 -12.49 -13.31
C SER E 258 30.74 -13.16 -12.97
N GLU E 259 30.74 -14.03 -11.97
CA GLU E 259 29.46 -14.59 -11.55
C GLU E 259 28.50 -13.48 -11.14
N LYS E 260 29.02 -12.44 -10.50
CA LYS E 260 28.15 -11.38 -10.00
C LYS E 260 27.50 -10.61 -11.14
N VAL E 261 28.32 -10.18 -12.09
CA VAL E 261 27.85 -9.46 -13.25
C VAL E 261 26.87 -10.30 -14.05
N LEU E 262 27.19 -11.57 -14.28
CA LEU E 262 26.30 -12.39 -15.07
C LEU E 262 24.99 -12.68 -14.36
N SER E 263 24.97 -12.80 -13.05
CA SER E 263 23.69 -12.97 -12.38
C SER E 263 22.84 -11.73 -12.53
N GLU E 264 23.45 -10.56 -12.33
CA GLU E 264 22.74 -9.32 -12.57
C GLU E 264 22.17 -9.28 -13.99
N TYR E 265 23.02 -9.61 -14.97
CA TYR E 265 22.62 -9.57 -16.35
C TYR E 265 21.46 -10.50 -16.62
N ASN E 266 21.49 -11.69 -16.04
CA ASN E 266 20.48 -12.66 -16.36
C ASN E 266 19.16 -12.29 -15.74
N THR E 267 19.17 -11.65 -14.58
CA THR E 267 17.86 -11.35 -14.04
C THR E 267 17.30 -10.07 -14.65
N LYS E 268 18.12 -9.07 -14.88
CA LYS E 268 17.56 -7.84 -15.42
C LYS E 268 17.21 -7.95 -16.89
N ALA E 269 17.78 -8.89 -17.60
CA ALA E 269 17.43 -9.09 -18.99
C ALA E 269 16.20 -9.93 -19.18
N ASP E 270 15.40 -10.10 -18.16
CA ASP E 270 14.16 -10.85 -18.25
C ASP E 270 13.03 -9.85 -18.47
N LEU E 271 12.61 -9.70 -19.72
CA LEU E 271 11.71 -8.63 -20.09
C LEU E 271 10.25 -9.07 -20.01
N GLU E 272 9.43 -8.16 -19.55
CA GLU E 272 7.99 -8.41 -19.52
C GLU E 272 7.46 -8.48 -20.95
N PRO E 273 6.56 -9.41 -21.22
CA PRO E 273 5.83 -9.35 -22.49
C PRO E 273 4.86 -8.19 -22.50
N VAL E 274 4.49 -7.77 -23.70
CA VAL E 274 3.58 -6.66 -23.90
C VAL E 274 2.33 -7.22 -24.56
N ASN E 275 1.21 -7.21 -23.85
CA ASN E 275 -0.02 -7.63 -24.51
C ASN E 275 -0.94 -6.45 -24.73
N PRO E 276 -1.22 -6.13 -25.98
CA PRO E 276 -2.10 -5.01 -26.28
C PRO E 276 -3.54 -5.39 -26.07
N PRO E 277 -4.34 -4.50 -25.51
CA PRO E 277 -5.79 -4.74 -25.48
C PRO E 277 -6.35 -4.61 -26.87
N LYS E 278 -7.41 -5.34 -27.14
CA LYS E 278 -8.04 -5.18 -28.42
C LYS E 278 -8.81 -3.87 -28.44
N PRO E 279 -8.95 -3.25 -29.60
CA PRO E 279 -9.63 -1.98 -29.66
C PRO E 279 -11.10 -2.13 -29.37
N PRO E 280 -11.73 -1.15 -28.74
CA PRO E 280 -13.17 -1.21 -28.50
C PRO E 280 -13.92 -1.29 -29.82
N ALA E 281 -15.04 -1.98 -29.79
CA ALA E 281 -15.84 -2.13 -30.98
C ALA E 281 -16.35 -0.77 -31.41
N ALA E 282 -16.30 -0.51 -32.71
CA ALA E 282 -16.90 0.70 -33.26
C ALA E 282 -18.41 0.66 -33.11
N ILE E 283 -19.01 1.83 -33.00
CA ILE E 283 -20.46 1.88 -33.02
C ILE E 283 -20.96 1.51 -34.40
N LYS E 284 -22.05 0.76 -34.44
CA LYS E 284 -22.63 0.33 -35.70
C LYS E 284 -23.87 1.14 -36.00
N ILE E 285 -23.91 1.76 -37.17
CA ILE E 285 -25.07 2.47 -37.67
C ILE E 285 -25.43 1.85 -38.99
N ASP E 286 -26.63 1.32 -39.08
CA ASP E 286 -27.03 0.70 -40.33
C ASP E 286 -27.41 1.74 -41.36
N PRO E 287 -27.29 1.43 -42.64
CA PRO E 287 -27.78 2.33 -43.65
C PRO E 287 -29.27 2.50 -43.50
N PRO E 288 -29.79 3.67 -43.82
CA PRO E 288 -31.22 3.99 -43.81
C PRO E 288 -32.05 3.07 -44.68
N THR F 10 -20.59 -11.30 -50.50
CA THR F 10 -21.59 -11.85 -49.61
C THR F 10 -20.96 -12.22 -48.29
N VAL F 11 -20.94 -13.52 -48.00
CA VAL F 11 -20.28 -14.05 -46.82
C VAL F 11 -19.27 -15.09 -47.27
N ASP F 12 -18.03 -14.93 -46.82
CA ASP F 12 -16.96 -15.85 -47.19
C ASP F 12 -16.89 -16.98 -46.19
N GLN F 13 -17.61 -18.05 -46.48
CA GLN F 13 -17.51 -19.26 -45.69
C GLN F 13 -16.11 -19.84 -45.71
N GLN F 14 -15.40 -19.69 -46.82
CA GLN F 14 -14.09 -20.31 -46.91
C GLN F 14 -13.12 -19.68 -45.93
N GLU F 15 -13.24 -18.37 -45.70
CA GLU F 15 -12.41 -17.75 -44.68
C GLU F 15 -12.68 -18.35 -43.32
N ILE F 16 -13.94 -18.57 -42.98
CA ILE F 16 -14.27 -19.14 -41.69
C ILE F 16 -13.73 -20.56 -41.57
N LEU F 17 -13.87 -21.37 -42.62
CA LEU F 17 -13.37 -22.73 -42.51
C LEU F 17 -11.85 -22.76 -42.39
N ASN F 18 -11.17 -21.90 -43.12
CA ASN F 18 -9.72 -21.84 -42.98
C ASN F 18 -9.32 -21.42 -41.59
N ARG F 19 -10.02 -20.46 -41.01
CA ARG F 19 -9.70 -20.04 -39.67
C ARG F 19 -9.98 -21.14 -38.66
N ALA F 20 -11.03 -21.92 -38.90
CA ALA F 20 -11.31 -23.05 -38.02
C ALA F 20 -10.19 -24.07 -38.05
N ASP F 21 -9.67 -24.37 -39.23
CA ASP F 21 -8.53 -25.28 -39.25
C ASP F 21 -7.30 -24.67 -38.62
N GLU F 22 -7.11 -23.37 -38.77
CA GLU F 22 -5.95 -22.73 -38.19
C GLU F 22 -6.00 -22.68 -36.67
N VAL F 23 -7.20 -22.59 -36.09
CA VAL F 23 -7.24 -22.33 -34.67
C VAL F 23 -7.01 -23.60 -33.88
N GLU F 24 -7.31 -24.76 -34.43
CA GLU F 24 -7.11 -26.01 -33.73
C GLU F 24 -5.89 -26.75 -34.21
N ALA F 25 -5.03 -26.13 -34.99
CA ALA F 25 -3.79 -26.76 -35.34
C ALA F 25 -2.95 -26.91 -34.07
N PRO F 26 -2.10 -27.93 -33.99
CA PRO F 26 -1.30 -28.11 -32.79
C PRO F 26 -0.42 -26.91 -32.52
N MET F 27 -0.30 -26.55 -31.26
CA MET F 27 0.65 -25.53 -30.86
C MET F 27 1.97 -26.20 -30.54
N ALA F 28 2.90 -25.44 -29.99
CA ALA F 28 4.20 -25.98 -29.63
C ALA F 28 4.04 -27.08 -28.61
N THR F 29 4.92 -28.04 -28.66
CA THR F 29 4.92 -29.07 -27.65
C THR F 29 5.70 -28.61 -26.44
N PRO F 30 5.15 -28.72 -25.25
CA PRO F 30 5.89 -28.31 -24.05
C PRO F 30 7.04 -29.25 -23.77
N PRO F 31 8.04 -28.81 -23.03
CA PRO F 31 9.15 -29.71 -22.68
C PRO F 31 8.70 -30.79 -21.73
N THR F 32 9.38 -31.91 -21.76
CA THR F 32 9.06 -33.02 -20.90
C THR F 32 10.19 -33.46 -20.00
N ASP F 33 11.29 -32.73 -19.96
CA ASP F 33 12.41 -33.20 -19.19
C ASP F 33 12.19 -32.95 -17.71
N VAL F 34 12.75 -33.81 -16.88
CA VAL F 34 12.50 -33.80 -15.45
C VAL F 34 13.70 -33.19 -14.75
N PRO F 35 13.55 -32.09 -14.03
CA PRO F 35 14.71 -31.43 -13.42
C PRO F 35 15.15 -32.15 -12.16
N GLN F 36 16.44 -32.36 -12.03
CA GLN F 36 16.99 -33.03 -10.86
C GLN F 36 17.42 -32.03 -9.80
N ALA F 37 17.57 -32.53 -8.59
CA ALA F 37 18.01 -31.70 -7.49
C ALA F 37 19.43 -31.22 -7.74
N PRO F 38 19.71 -29.95 -7.56
CA PRO F 38 21.07 -29.45 -7.81
C PRO F 38 22.11 -30.02 -6.86
N SER F 39 21.73 -30.39 -5.65
CA SER F 39 22.67 -30.89 -4.67
C SER F 39 22.02 -32.04 -3.94
N GLY F 40 22.60 -32.42 -2.82
CA GLY F 40 22.06 -33.45 -1.97
C GLY F 40 21.25 -32.96 -0.81
N LEU F 41 21.15 -31.64 -0.64
CA LEU F 41 20.36 -31.10 0.45
C LEU F 41 18.89 -31.44 0.29
N THR F 42 18.21 -31.54 1.43
CA THR F 42 16.81 -31.94 1.39
C THR F 42 15.95 -30.85 0.78
N ALA F 43 16.28 -29.58 1.03
CA ALA F 43 15.53 -28.49 0.44
C ALA F 43 15.69 -28.49 -1.08
N ALA F 44 16.87 -28.86 -1.56
CA ALA F 44 17.06 -28.95 -3.00
C ALA F 44 16.18 -30.01 -3.61
N ASN F 45 16.06 -31.16 -2.95
CA ASN F 45 15.20 -32.20 -3.47
C ASN F 45 13.76 -31.76 -3.46
N ASN F 46 13.35 -31.07 -2.40
CA ASN F 46 12.01 -30.52 -2.35
C ASN F 46 11.77 -29.55 -3.50
N ALA F 47 12.74 -28.70 -3.78
CA ALA F 47 12.58 -27.74 -4.85
C ALA F 47 12.46 -28.43 -6.20
N ALA F 48 13.28 -29.44 -6.43
CA ALA F 48 13.19 -30.16 -7.69
C ALA F 48 11.85 -30.84 -7.83
N GLU F 49 11.34 -31.42 -6.76
CA GLU F 49 10.05 -32.07 -6.84
C GLU F 49 8.92 -31.07 -7.04
N GLN F 50 9.01 -29.92 -6.39
CA GLN F 50 8.04 -28.86 -6.62
C GLN F 50 8.03 -28.45 -8.09
N LEU F 51 9.20 -28.28 -8.68
CA LEU F 51 9.28 -27.95 -10.09
C LEU F 51 8.69 -29.03 -10.97
N ALA F 52 8.98 -30.29 -10.67
CA ALA F 52 8.43 -31.36 -11.48
C ALA F 52 6.91 -31.36 -11.42
N VAL F 53 6.35 -31.17 -10.23
CA VAL F 53 4.91 -31.16 -10.09
C VAL F 53 4.29 -29.98 -10.81
N SER F 54 4.90 -28.80 -10.69
CA SER F 54 4.39 -27.64 -11.40
C SER F 54 4.42 -27.85 -12.91
N ALA F 55 5.49 -28.46 -13.42
CA ALA F 55 5.56 -28.74 -14.84
C ALA F 55 4.46 -29.69 -15.28
N ASP F 56 4.24 -30.76 -14.52
CA ASP F 56 3.15 -31.67 -14.83
C ASP F 56 1.81 -30.96 -14.85
N ASN F 57 1.58 -30.07 -13.89
CA ASN F 57 0.30 -29.41 -13.83
C ASN F 57 0.10 -28.46 -15.00
N VAL F 58 1.16 -27.78 -15.42
CA VAL F 58 1.07 -26.92 -16.57
C VAL F 58 0.78 -27.74 -17.83
N ARG F 59 1.42 -28.89 -17.98
CA ARG F 59 1.16 -29.72 -19.15
C ARG F 59 -0.29 -30.18 -19.19
N LEU F 60 -0.83 -30.54 -18.03
CA LEU F 60 -2.22 -30.94 -17.94
C LEU F 60 -3.17 -29.82 -18.40
N TYR F 61 -2.93 -28.61 -17.92
CA TYR F 61 -3.82 -27.54 -18.34
C TYR F 61 -3.65 -27.20 -19.82
N LEU F 62 -2.48 -27.45 -20.37
CA LEU F 62 -2.32 -27.24 -21.80
C LEU F 62 -3.20 -28.21 -22.58
N GLN F 63 -3.30 -29.45 -22.12
CA GLN F 63 -4.24 -30.36 -22.76
C GLN F 63 -5.68 -29.87 -22.65
N ALA F 64 -6.02 -29.28 -21.52
CA ALA F 64 -7.37 -28.70 -21.42
C ALA F 64 -7.60 -27.62 -22.46
N GLY F 65 -6.62 -26.72 -22.62
CA GLY F 65 -6.75 -25.68 -23.61
C GLY F 65 -6.88 -26.23 -25.02
N GLU F 66 -6.18 -27.32 -25.29
CA GLU F 66 -6.31 -27.97 -26.58
C GLU F 66 -7.73 -28.42 -26.83
N ARG F 67 -8.38 -28.99 -25.81
CA ARG F 67 -9.77 -29.36 -26.01
C ARG F 67 -10.64 -28.13 -26.28
N GLU F 68 -10.40 -27.04 -25.57
CA GLU F 68 -11.20 -25.86 -25.81
C GLU F 68 -11.03 -25.37 -27.24
N ARG F 69 -9.83 -25.49 -27.80
CA ARG F 69 -9.65 -25.05 -29.17
C ARG F 69 -10.36 -25.96 -30.16
N GLN F 70 -10.41 -27.26 -29.88
CA GLN F 70 -11.22 -28.11 -30.75
C GLN F 70 -12.67 -27.70 -30.73
N ARG F 71 -13.20 -27.41 -29.54
CA ARG F 71 -14.60 -27.02 -29.48
C ARG F 71 -14.83 -25.70 -30.19
N LEU F 72 -13.90 -24.77 -30.08
CA LEU F 72 -14.04 -23.52 -30.79
C LEU F 72 -14.03 -23.73 -32.30
N ALA F 73 -13.18 -24.61 -32.79
CA ALA F 73 -13.17 -24.91 -34.22
C ALA F 73 -14.48 -25.53 -34.66
N THR F 74 -15.03 -26.43 -33.85
CA THR F 74 -16.35 -26.98 -34.18
C THR F 74 -17.41 -25.90 -34.24
N SER F 75 -17.40 -24.98 -33.29
CA SER F 75 -18.39 -23.92 -33.33
C SER F 75 -18.22 -23.05 -34.57
N LEU F 76 -16.98 -22.80 -34.98
CA LEU F 76 -16.77 -22.03 -36.20
C LEU F 76 -17.31 -22.76 -37.41
N ARG F 77 -17.11 -24.08 -37.48
CA ARG F 77 -17.64 -24.82 -38.62
C ARG F 77 -19.15 -24.78 -38.65
N ASN F 78 -19.78 -24.86 -37.48
CA ASN F 78 -21.23 -24.74 -37.46
C ASN F 78 -21.68 -23.36 -37.92
N ALA F 79 -21.00 -22.33 -37.43
CA ALA F 79 -21.33 -20.98 -37.85
C ALA F 79 -21.17 -20.81 -39.35
N ALA F 80 -20.18 -21.46 -39.93
CA ALA F 80 -20.01 -21.42 -41.36
C ALA F 80 -21.15 -22.13 -42.06
N ALA F 81 -21.58 -23.28 -41.54
CA ALA F 81 -22.69 -23.99 -42.13
C ALA F 81 -23.98 -23.20 -42.04
N ALA F 82 -24.04 -22.15 -41.24
CA ALA F 82 -25.22 -21.31 -41.23
C ALA F 82 -25.52 -20.64 -42.56
N TYR F 83 -24.57 -20.61 -43.50
CA TYR F 83 -24.82 -19.91 -44.76
C TYR F 83 -25.24 -20.84 -45.88
N GLY F 84 -24.41 -21.81 -46.23
CA GLY F 84 -24.80 -22.70 -47.30
C GLY F 84 -24.28 -24.08 -47.04
N GLU F 85 -24.60 -24.99 -47.96
CA GLU F 85 -24.12 -26.35 -47.86
C GLU F 85 -22.60 -26.34 -47.88
N VAL F 86 -22.00 -27.26 -47.15
CA VAL F 86 -20.54 -27.34 -47.15
C VAL F 86 -20.10 -28.61 -47.85
N SER F 130 35.83 -31.15 19.18
CA SER F 130 34.96 -30.65 18.12
C SER F 130 35.06 -31.51 16.89
N ASP F 131 34.00 -32.24 16.59
CA ASP F 131 34.00 -33.07 15.40
C ASP F 131 33.46 -32.30 14.21
N PHE F 132 33.82 -32.79 13.04
CA PHE F 132 33.54 -32.11 11.80
C PHE F 132 32.43 -32.79 11.01
N THR F 133 31.67 -33.68 11.66
CA THR F 133 30.76 -34.50 10.90
C THR F 133 29.52 -33.74 10.44
N ASP F 134 29.05 -32.77 11.21
CA ASP F 134 27.98 -31.94 10.66
C ASP F 134 28.47 -31.11 9.49
N LEU F 135 29.66 -30.53 9.61
CA LEU F 135 30.23 -29.81 8.49
C LEU F 135 30.51 -30.72 7.32
N LYS F 136 31.04 -31.91 7.58
CA LYS F 136 31.33 -32.81 6.48
C LYS F 136 30.05 -33.27 5.80
N THR F 137 28.99 -33.48 6.57
CA THR F 137 27.71 -33.84 5.98
C THR F 137 27.17 -32.70 5.12
N ALA F 138 27.14 -31.50 5.66
CA ALA F 138 26.66 -30.36 4.91
C ALA F 138 27.43 -30.19 3.62
N ALA F 139 28.75 -30.23 3.69
CA ALA F 139 29.56 -30.04 2.49
C ALA F 139 29.35 -31.16 1.51
N THR F 140 29.29 -32.40 1.98
CA THR F 140 29.15 -33.51 1.06
C THR F 140 27.85 -33.42 0.29
N LYS F 141 26.78 -33.07 0.98
CA LYS F 141 25.51 -32.86 0.29
C LYS F 141 25.61 -31.70 -0.68
N LEU F 142 26.16 -30.58 -0.24
CA LEU F 142 26.20 -29.41 -1.10
C LEU F 142 26.98 -29.65 -2.38
N GLU F 143 27.98 -30.51 -2.35
CA GLU F 143 28.78 -30.69 -3.55
C GLU F 143 28.35 -31.90 -4.35
N SER F 144 27.32 -32.59 -3.93
CA SER F 144 26.81 -33.69 -4.72
C SER F 144 25.86 -33.16 -5.80
N GLY F 145 25.20 -34.07 -6.50
CA GLY F 145 24.26 -33.66 -7.51
C GLY F 145 24.97 -33.16 -8.75
N ASP F 146 24.18 -32.60 -9.66
CA ASP F 146 24.74 -32.11 -10.90
C ASP F 146 24.99 -30.63 -10.86
N GLN F 147 24.78 -29.99 -9.72
CA GLN F 147 25.10 -28.60 -9.49
C GLN F 147 24.27 -27.67 -10.34
N GLY F 148 23.19 -28.17 -10.91
CA GLY F 148 22.21 -27.33 -11.55
C GLY F 148 22.15 -27.39 -13.05
N THR F 149 22.85 -28.30 -13.71
CA THR F 149 22.78 -28.29 -15.17
C THR F 149 21.42 -28.70 -15.67
N SER F 150 20.79 -29.68 -15.01
CA SER F 150 19.47 -30.08 -15.45
C SER F 150 18.44 -29.00 -15.16
N MET F 151 18.66 -28.20 -14.13
CA MET F 151 17.82 -27.04 -13.92
C MET F 151 17.94 -26.06 -15.07
N VAL F 152 19.14 -25.86 -15.58
CA VAL F 152 19.31 -24.92 -16.67
C VAL F 152 18.69 -25.47 -17.96
N ASN F 153 18.83 -26.77 -18.20
CA ASN F 153 18.15 -27.34 -19.36
C ASN F 153 16.64 -27.20 -19.25
N PHE F 154 16.10 -27.47 -18.06
CA PHE F 154 14.69 -27.28 -17.78
C PHE F 154 14.26 -25.85 -18.07
N ALA F 155 15.01 -24.90 -17.56
CA ALA F 155 14.66 -23.49 -17.75
C ALA F 155 14.71 -23.10 -19.21
N ASP F 156 15.71 -23.57 -19.94
CA ASP F 156 15.79 -23.25 -21.35
C ASP F 156 14.58 -23.78 -22.09
N GLY F 157 14.22 -25.03 -21.82
CA GLY F 157 13.05 -25.59 -22.47
C GLY F 157 11.80 -24.79 -22.19
N TRP F 158 11.61 -24.39 -20.94
CA TRP F 158 10.38 -23.68 -20.63
C TRP F 158 10.39 -22.24 -21.13
N ASN F 159 11.55 -21.59 -21.22
CA ASN F 159 11.61 -20.29 -21.86
C ASN F 159 11.30 -20.40 -23.35
N ASN F 160 11.83 -21.42 -24.01
CA ASN F 160 11.48 -21.62 -25.40
C ASN F 160 9.99 -21.80 -25.56
N PHE F 161 9.38 -22.58 -24.67
CA PHE F 161 7.95 -22.77 -24.76
C PHE F 161 7.18 -21.46 -24.55
N ASN F 162 7.57 -20.68 -23.55
CA ASN F 162 7.06 -19.32 -23.38
C ASN F 162 7.04 -18.55 -24.70
N LEU F 163 8.19 -18.45 -25.33
CA LEU F 163 8.27 -17.67 -26.56
C LEU F 163 7.42 -18.26 -27.67
N SER F 164 7.43 -19.58 -27.79
CA SER F 164 6.70 -20.17 -28.90
C SER F 164 5.19 -20.10 -28.71
N LEU F 165 4.72 -20.08 -27.46
CA LEU F 165 3.32 -19.77 -27.24
C LEU F 165 3.02 -18.34 -27.62
N GLN F 166 3.87 -17.40 -27.21
CA GLN F 166 3.65 -16.01 -27.58
C GLN F 166 3.63 -15.80 -29.08
N ARG F 167 4.38 -16.59 -29.83
CA ARG F 167 4.36 -16.39 -31.27
C ARG F 167 3.14 -16.97 -31.93
N ASP F 168 2.28 -17.64 -31.21
CA ASP F 168 1.23 -18.42 -31.84
C ASP F 168 -0.16 -17.88 -31.53
N ILE F 169 -0.30 -16.59 -31.33
CA ILE F 169 -1.60 -16.01 -31.11
C ILE F 169 -2.18 -15.39 -32.38
N LYS F 170 -1.49 -15.51 -33.51
CA LYS F 170 -2.11 -15.15 -34.78
C LYS F 170 -3.41 -15.87 -35.00
N ARG F 171 -3.49 -17.12 -34.58
CA ARG F 171 -4.68 -17.90 -34.81
C ARG F 171 -5.91 -17.33 -34.14
N PHE F 172 -5.79 -16.27 -33.35
CA PHE F 172 -6.96 -15.67 -32.74
C PHE F 172 -7.27 -14.28 -33.25
N ARG F 173 -6.63 -13.86 -34.33
CA ARG F 173 -6.91 -12.55 -34.87
C ARG F 173 -8.35 -12.43 -35.32
N ILE F 174 -8.81 -11.19 -35.42
CA ILE F 174 -10.13 -10.89 -35.93
C ILE F 174 -10.25 -11.31 -37.39
N PHE F 175 -11.48 -11.41 -37.85
CA PHE F 175 -11.76 -11.81 -39.21
C PHE F 175 -11.69 -10.63 -40.15
N GLU F 176 -11.26 -10.88 -41.38
CA GLU F 176 -11.32 -9.85 -42.40
C GLU F 176 -12.75 -9.63 -42.87
N ASN F 177 -13.35 -10.65 -43.47
CA ASN F 177 -14.58 -10.48 -44.23
C ASN F 177 -15.82 -11.01 -43.53
N TRP F 178 -15.74 -11.38 -42.27
CA TRP F 178 -16.90 -11.93 -41.61
C TRP F 178 -17.41 -10.94 -40.58
N GLU F 179 -18.73 -10.77 -40.52
CA GLU F 179 -19.30 -9.74 -39.70
C GLU F 179 -20.67 -10.19 -39.24
N GLY F 180 -21.21 -9.52 -38.25
CA GLY F 180 -22.48 -9.88 -37.68
C GLY F 180 -22.35 -10.40 -36.27
N ASP F 181 -23.44 -10.94 -35.76
CA ASP F 181 -23.47 -11.33 -34.36
C ASP F 181 -22.61 -12.55 -34.09
N ALA F 182 -22.72 -13.56 -34.94
CA ALA F 182 -21.91 -14.75 -34.74
C ALA F 182 -20.43 -14.43 -34.85
N ALA F 183 -20.05 -13.58 -35.80
CA ALA F 183 -18.67 -13.20 -35.93
C ALA F 183 -18.18 -12.45 -34.70
N THR F 184 -18.98 -11.53 -34.17
CA THR F 184 -18.58 -10.84 -32.96
C THR F 184 -18.41 -11.80 -31.80
N ALA F 185 -19.33 -12.74 -31.65
CA ALA F 185 -19.25 -13.67 -30.54
C ALA F 185 -18.04 -14.58 -30.67
N CYS F 186 -17.76 -15.05 -31.89
CA CYS F 186 -16.62 -15.90 -32.10
C CYS F 186 -15.31 -15.14 -31.90
N GLU F 187 -15.28 -13.88 -32.27
CA GLU F 187 -14.11 -13.06 -32.00
C GLU F 187 -13.90 -12.88 -30.51
N ALA F 188 -14.97 -12.67 -29.75
CA ALA F 188 -14.83 -12.58 -28.31
C ALA F 188 -14.30 -13.87 -27.72
N SER F 189 -14.78 -14.99 -28.24
CA SER F 189 -14.29 -16.27 -27.75
C SER F 189 -12.81 -16.48 -28.08
N MET F 190 -12.41 -16.17 -29.32
CA MET F 190 -11.00 -16.28 -29.67
C MET F 190 -10.14 -15.34 -28.84
N ASP F 191 -10.65 -14.16 -28.54
CA ASP F 191 -9.93 -13.23 -27.69
C ASP F 191 -9.72 -13.83 -26.30
N GLN F 192 -10.73 -14.50 -25.77
CA GLN F 192 -10.58 -15.14 -24.49
C GLN F 192 -9.52 -16.24 -24.54
N GLN F 193 -9.55 -17.05 -25.60
CA GLN F 193 -8.52 -18.08 -25.72
C GLN F 193 -7.14 -17.46 -25.79
N LYS F 194 -7.02 -16.35 -26.51
CA LYS F 194 -5.75 -15.65 -26.60
C LYS F 194 -5.28 -15.19 -25.23
N GLU F 195 -6.19 -14.64 -24.44
CA GLU F 195 -5.82 -14.21 -23.09
C GLU F 195 -5.34 -15.37 -22.25
N TRP F 196 -6.03 -16.49 -22.34
CA TRP F 196 -5.61 -17.64 -21.57
C TRP F 196 -4.25 -18.14 -22.02
N ILE F 197 -3.98 -18.13 -23.32
CA ILE F 197 -2.70 -18.56 -23.83
C ILE F 197 -1.59 -17.66 -23.33
N LEU F 198 -1.83 -16.35 -23.31
CA LEU F 198 -0.80 -15.44 -22.81
C LEU F 198 -0.56 -15.67 -21.33
N HIS F 199 -1.60 -15.92 -20.56
CA HIS F 199 -1.41 -16.24 -19.16
C HIS F 199 -0.61 -17.53 -19.00
N MET F 200 -0.86 -18.51 -19.85
CA MET F 200 -0.11 -19.76 -19.77
C MET F 200 1.35 -19.56 -20.12
N ALA F 201 1.61 -18.71 -21.09
CA ALA F 201 3.00 -18.39 -21.42
C ALA F 201 3.69 -17.71 -20.26
N LYS F 202 2.97 -16.82 -19.59
CA LYS F 202 3.52 -16.16 -18.41
C LYS F 202 3.85 -17.16 -17.32
N LEU F 203 2.99 -18.16 -17.14
CA LEU F 203 3.27 -19.20 -16.16
C LEU F 203 4.49 -20.02 -16.55
N SER F 204 4.61 -20.35 -17.83
CA SER F 204 5.80 -21.03 -18.31
C SER F 204 7.05 -20.21 -18.02
N ALA F 205 6.97 -18.91 -18.24
CA ALA F 205 8.11 -18.05 -17.94
C ALA F 205 8.44 -18.10 -16.47
N SER F 206 7.43 -18.04 -15.61
CA SER F 206 7.71 -18.07 -14.18
C SER F 206 8.32 -19.41 -13.77
N LEU F 207 7.93 -20.47 -14.45
CA LEU F 207 8.53 -21.77 -14.21
C LEU F 207 10.02 -21.75 -14.53
N ALA F 208 10.37 -21.23 -15.70
CA ALA F 208 11.77 -21.15 -16.07
C ALA F 208 12.53 -20.23 -15.13
N LYS F 209 11.88 -19.16 -14.72
CA LYS F 209 12.50 -18.23 -13.80
C LYS F 209 12.85 -18.90 -12.48
N GLN F 210 11.94 -19.72 -11.96
CA GLN F 210 12.24 -20.45 -10.74
C GLN F 210 13.39 -21.42 -10.93
N ALA F 211 13.42 -22.12 -12.05
CA ALA F 211 14.53 -23.03 -12.28
C ALA F 211 15.87 -22.29 -12.33
N ASN F 212 15.91 -21.16 -13.01
CA ASN F 212 17.12 -20.37 -13.05
C ASN F 212 17.50 -19.90 -11.66
N PHE F 213 16.51 -19.54 -10.87
CA PHE F 213 16.76 -19.13 -9.50
C PHE F 213 17.42 -20.24 -8.71
N MET F 214 16.96 -21.47 -8.90
CA MET F 214 17.57 -22.59 -8.19
C MET F 214 19.01 -22.81 -8.61
N ALA F 215 19.29 -22.69 -9.90
CA ALA F 215 20.68 -22.81 -10.35
C ALA F 215 21.57 -21.73 -9.73
N GLN F 216 21.09 -20.48 -9.72
CA GLN F 216 21.91 -19.44 -9.14
C GLN F 216 22.07 -19.62 -7.64
N LEU F 217 21.06 -20.14 -6.98
CA LEU F 217 21.17 -20.43 -5.56
C LEU F 217 22.23 -21.47 -5.31
N GLN F 218 22.28 -22.50 -6.15
CA GLN F 218 23.30 -23.52 -5.98
C GLN F 218 24.69 -22.92 -6.12
N LEU F 219 24.89 -22.05 -7.11
CA LEU F 219 26.20 -21.42 -7.24
C LEU F 219 26.53 -20.55 -6.04
N TRP F 220 25.58 -19.75 -5.59
CA TRP F 220 25.82 -18.86 -4.48
C TRP F 220 26.19 -19.63 -3.23
N ALA F 221 25.50 -20.72 -2.98
CA ALA F 221 25.79 -21.52 -1.82
C ALA F 221 27.13 -22.20 -1.95
N ARG F 222 27.51 -22.57 -3.17
CA ARG F 222 28.74 -23.31 -3.31
C ARG F 222 29.94 -22.41 -3.11
N ARG F 223 29.85 -21.15 -3.53
CA ARG F 223 30.98 -20.30 -3.25
C ARG F 223 30.85 -19.59 -1.91
N GLY F 224 29.76 -19.78 -1.19
CA GLY F 224 29.69 -19.19 0.12
C GLY F 224 29.96 -20.14 1.25
N HIS F 225 30.22 -21.39 0.96
CA HIS F 225 30.29 -22.44 1.95
C HIS F 225 31.63 -23.12 1.90
N PRO F 226 32.20 -23.45 3.05
CA PRO F 226 33.51 -24.10 3.08
C PRO F 226 33.51 -25.43 2.34
N THR F 227 34.53 -25.64 1.55
CA THR F 227 34.64 -26.82 0.72
C THR F 227 34.80 -28.06 1.60
N LEU F 228 34.54 -29.22 1.02
CA LEU F 228 34.87 -30.48 1.67
C LEU F 228 36.38 -30.61 1.86
N ALA F 229 37.15 -30.17 0.87
CA ALA F 229 38.60 -30.17 1.01
C ALA F 229 39.05 -29.26 2.13
N ASP F 230 38.44 -28.08 2.26
CA ASP F 230 38.81 -27.20 3.36
C ASP F 230 38.47 -27.81 4.71
N ILE F 231 37.40 -28.59 4.77
CA ILE F 231 37.03 -29.20 6.04
C ILE F 231 37.99 -30.33 6.38
N VAL F 232 38.38 -31.10 5.38
CA VAL F 232 39.39 -32.13 5.61
C VAL F 232 40.71 -31.51 6.04
N GLU F 233 41.09 -30.41 5.40
CA GLU F 233 42.25 -29.67 5.84
C GLU F 233 42.14 -29.26 7.29
N LEU F 234 41.04 -28.60 7.64
CA LEU F 234 40.93 -28.05 8.98
C LEU F 234 40.97 -29.16 10.01
N GLU F 235 40.31 -30.28 9.72
CA GLU F 235 40.33 -31.41 10.63
C GLU F 235 41.75 -31.92 10.82
N ARG F 236 42.44 -32.23 9.73
CA ARG F 236 43.79 -32.78 9.87
C ARG F 236 44.70 -31.80 10.58
N LEU F 237 44.79 -30.57 10.08
CA LEU F 237 45.56 -29.55 10.80
C LEU F 237 45.08 -29.37 12.23
N ALA F 238 43.93 -29.90 12.60
CA ALA F 238 43.61 -29.99 14.02
C ALA F 238 44.06 -31.30 14.64
N LYS F 239 44.52 -32.26 13.84
CA LYS F 239 45.05 -33.48 14.42
C LYS F 239 46.43 -33.24 15.06
N ASP F 240 47.15 -32.24 14.60
CA ASP F 240 48.44 -31.89 15.17
C ASP F 240 48.26 -30.98 16.38
N PRO F 241 48.91 -31.26 17.51
CA PRO F 241 48.71 -30.46 18.73
C PRO F 241 49.68 -29.30 18.86
N ASP F 242 49.67 -28.39 17.90
CA ASP F 242 50.36 -27.12 18.04
C ASP F 242 49.53 -25.91 17.63
N TYR F 243 48.47 -26.10 16.83
CA TYR F 243 47.75 -25.02 16.19
C TYR F 243 46.44 -24.70 16.85
N GLN F 244 46.01 -25.49 17.84
CA GLN F 244 44.68 -25.41 18.42
C GLN F 244 44.19 -23.99 18.54
N GLU F 245 45.04 -23.10 19.07
CA GLU F 245 44.73 -21.68 19.14
C GLU F 245 44.10 -21.17 17.86
N GLN F 246 44.42 -21.78 16.73
CA GLN F 246 43.95 -21.32 15.44
C GLN F 246 42.84 -22.19 14.89
N ALA F 247 43.08 -23.51 14.89
CA ALA F 247 42.12 -24.44 14.32
C ALA F 247 40.77 -24.37 15.03
N ILE F 248 40.75 -24.23 16.35
CA ILE F 248 39.48 -24.19 17.04
C ILE F 248 38.70 -22.95 16.64
N LYS F 249 39.41 -21.82 16.54
CA LYS F 249 38.81 -20.61 16.01
C LYS F 249 38.23 -20.81 14.63
N LEU F 250 39.01 -21.43 13.74
CA LEU F 250 38.56 -21.66 12.38
C LEU F 250 37.36 -22.59 12.33
N TYR F 251 37.35 -23.60 13.19
CA TYR F 251 36.20 -24.52 13.25
C TYR F 251 34.94 -23.77 13.61
N ALA F 252 35.03 -22.92 14.63
CA ALA F 252 33.84 -22.18 15.00
C ALA F 252 33.40 -21.27 13.87
N GLU F 253 34.34 -20.65 13.17
CA GLU F 253 33.94 -19.76 12.08
C GLU F 253 33.28 -20.54 10.94
N TYR F 254 33.86 -21.67 10.57
CA TYR F 254 33.23 -22.51 9.56
C TYR F 254 31.84 -22.89 9.97
N GLN F 255 31.68 -23.35 11.19
CA GLN F 255 30.40 -23.87 11.61
C GLN F 255 29.36 -22.76 11.61
N GLU F 256 29.78 -21.57 11.98
CA GLU F 256 28.93 -20.39 11.83
C GLU F 256 28.49 -20.23 10.38
N THR F 257 29.46 -20.00 9.49
CA THR F 257 29.12 -19.71 8.10
C THR F 257 28.26 -20.82 7.50
N SER F 258 28.49 -22.05 7.92
CA SER F 258 27.74 -23.17 7.39
C SER F 258 26.30 -23.12 7.80
N GLU F 259 26.04 -22.91 9.09
CA GLU F 259 24.65 -22.73 9.49
C GLU F 259 24.02 -21.58 8.74
N LYS F 260 24.79 -20.52 8.51
CA LYS F 260 24.22 -19.34 7.89
C LYS F 260 23.83 -19.60 6.44
N VAL F 261 24.75 -20.18 5.69
CA VAL F 261 24.52 -20.52 4.30
C VAL F 261 23.36 -21.50 4.18
N LEU F 262 23.33 -22.52 5.02
CA LEU F 262 22.27 -23.51 4.91
C LEU F 262 20.92 -22.95 5.29
N SER F 263 20.84 -22.03 6.24
CA SER F 263 19.55 -21.42 6.52
C SER F 263 19.07 -20.61 5.33
N GLU F 264 19.96 -19.81 4.74
CA GLU F 264 19.62 -19.10 3.53
C GLU F 264 19.12 -20.06 2.45
N TYR F 265 19.86 -21.14 2.24
CA TYR F 265 19.53 -22.11 1.22
C TYR F 265 18.16 -22.70 1.47
N ASN F 266 17.86 -23.03 2.71
CA ASN F 266 16.62 -23.72 3.00
C ASN F 266 15.44 -22.80 2.84
N THR F 267 15.59 -21.52 3.14
CA THR F 267 14.41 -20.70 2.98
C THR F 267 14.23 -20.28 1.54
N LYS F 268 15.29 -19.95 0.84
CA LYS F 268 15.10 -19.48 -0.53
C LYS F 268 14.76 -20.61 -1.48
N ALA F 269 15.07 -21.84 -1.14
CA ALA F 269 14.71 -22.96 -1.98
C ALA F 269 13.30 -23.44 -1.76
N ASP F 270 12.47 -22.64 -1.15
CA ASP F 270 11.07 -22.99 -0.94
C ASP F 270 10.26 -22.34 -2.04
N LEU F 271 9.92 -23.12 -3.06
CA LEU F 271 9.35 -22.58 -4.28
C LEU F 271 7.83 -22.55 -4.22
N GLU F 272 7.27 -21.50 -4.76
CA GLU F 272 5.82 -21.41 -4.88
C GLU F 272 5.32 -22.44 -5.87
N PRO F 273 4.21 -23.11 -5.58
CA PRO F 273 3.54 -23.90 -6.60
C PRO F 273 2.93 -23.02 -7.66
N VAL F 274 2.71 -23.61 -8.82
CA VAL F 274 2.14 -22.91 -9.97
C VAL F 274 0.80 -23.55 -10.27
N ASN F 275 -0.29 -22.83 -10.05
CA ASN F 275 -1.57 -23.41 -10.45
C ASN F 275 -2.14 -22.68 -11.65
N PRO F 276 -2.29 -23.38 -12.76
CA PRO F 276 -2.83 -22.75 -13.96
C PRO F 276 -4.32 -22.60 -13.87
N PRO F 277 -4.87 -21.48 -14.31
CA PRO F 277 -6.33 -21.38 -14.43
C PRO F 277 -6.80 -22.26 -15.56
N LYS F 278 -8.01 -22.75 -15.43
CA LYS F 278 -8.55 -23.52 -16.52
C LYS F 278 -8.93 -22.58 -17.66
N PRO F 279 -8.88 -23.05 -18.90
CA PRO F 279 -9.19 -22.18 -20.01
C PRO F 279 -10.65 -21.82 -20.02
N PRO F 280 -11.00 -20.62 -20.48
CA PRO F 280 -12.41 -20.25 -20.58
C PRO F 280 -13.13 -21.17 -21.55
N ALA F 281 -14.40 -21.41 -21.26
CA ALA F 281 -15.18 -22.27 -22.12
C ALA F 281 -15.30 -21.65 -23.50
N ALA F 282 -15.15 -22.49 -24.51
CA ALA F 282 -15.38 -22.04 -25.88
C ALA F 282 -16.85 -21.72 -26.09
N ILE F 283 -17.11 -20.79 -27.00
CA ILE F 283 -18.49 -20.53 -27.36
C ILE F 283 -19.06 -21.74 -28.09
N LYS F 284 -20.31 -22.07 -27.81
CA LYS F 284 -20.95 -23.20 -28.46
C LYS F 284 -21.92 -22.71 -29.52
N ILE F 285 -21.76 -23.21 -30.73
CA ILE F 285 -22.68 -22.94 -31.82
C ILE F 285 -23.17 -24.28 -32.33
N ASP F 286 -24.46 -24.50 -32.25
CA ASP F 286 -24.99 -25.76 -32.70
C ASP F 286 -25.06 -25.82 -34.21
N PRO F 287 -24.99 -27.02 -34.79
CA PRO F 287 -25.20 -27.14 -36.22
C PRO F 287 -26.60 -26.67 -36.57
N PRO F 288 -26.77 -26.09 -37.75
CA PRO F 288 -28.06 -25.64 -38.28
C PRO F 288 -29.08 -26.76 -38.36
N THR G 10 -21.83 -42.08 -29.22
CA THR G 10 -22.96 -41.59 -28.47
C THR G 10 -22.48 -40.94 -27.20
N VAL G 11 -22.82 -41.54 -26.06
CA VAL G 11 -22.35 -41.08 -24.75
C VAL G 11 -21.66 -42.25 -24.08
N ASP G 12 -20.42 -42.01 -23.63
CA ASP G 12 -19.64 -43.04 -22.97
C ASP G 12 -19.90 -43.01 -21.48
N GLN G 13 -20.88 -43.80 -21.05
CA GLN G 13 -21.12 -43.98 -19.63
C GLN G 13 -19.92 -44.59 -18.92
N GLN G 14 -19.18 -45.45 -19.60
CA GLN G 14 -18.08 -46.11 -18.93
C GLN G 14 -17.00 -45.13 -18.54
N GLU G 15 -16.77 -44.11 -19.35
CA GLU G 15 -15.82 -43.07 -18.97
C GLU G 15 -16.28 -42.38 -17.69
N ILE G 16 -17.56 -42.06 -17.59
CA ILE G 16 -18.05 -41.40 -16.41
C ILE G 16 -17.92 -42.28 -15.19
N LEU G 17 -18.25 -43.56 -15.31
CA LEU G 17 -18.14 -44.43 -14.15
C LEU G 17 -16.69 -44.59 -13.71
N ASN G 18 -15.78 -44.71 -14.66
CA ASN G 18 -14.37 -44.82 -14.30
C ASN G 18 -13.90 -43.56 -13.61
N ARG G 19 -14.33 -42.40 -14.08
CA ARG G 19 -13.94 -41.16 -13.44
C ARG G 19 -14.53 -41.04 -12.05
N ALA G 20 -15.74 -41.56 -11.86
CA ALA G 20 -16.33 -41.56 -10.53
C ALA G 20 -15.53 -42.41 -9.57
N ASP G 21 -15.09 -43.57 -10.00
CA ASP G 21 -14.24 -44.35 -9.11
C ASP G 21 -12.90 -43.68 -8.87
N GLU G 22 -12.36 -43.00 -9.87
CA GLU G 22 -11.08 -42.35 -9.71
C GLU G 22 -11.15 -41.16 -8.77
N VAL G 23 -12.29 -40.47 -8.72
CA VAL G 23 -12.30 -39.22 -7.99
C VAL G 23 -12.43 -39.45 -6.49
N GLU G 24 -13.02 -40.57 -6.08
CA GLU G 24 -13.19 -40.86 -4.68
C GLU G 24 -12.20 -41.89 -4.17
N ALA G 25 -11.19 -42.22 -4.95
CA ALA G 25 -10.15 -43.09 -4.45
C ALA G 25 -9.41 -42.37 -3.33
N PRO G 26 -8.88 -43.08 -2.35
CA PRO G 26 -8.18 -42.41 -1.26
C PRO G 26 -7.01 -41.59 -1.77
N MET G 27 -6.82 -40.42 -1.18
CA MET G 27 -5.65 -39.63 -1.46
C MET G 27 -4.56 -40.02 -0.47
N ALA G 28 -3.47 -39.27 -0.47
CA ALA G 28 -2.38 -39.56 0.45
C ALA G 28 -2.84 -39.45 1.88
N THR G 29 -2.26 -40.23 2.73
CA THR G 29 -2.56 -40.13 4.14
C THR G 29 -1.70 -39.06 4.77
N PRO G 30 -2.29 -38.12 5.50
CA PRO G 30 -1.49 -37.07 6.15
C PRO G 30 -0.65 -37.64 7.27
N PRO G 31 0.42 -36.97 7.65
CA PRO G 31 1.24 -37.45 8.77
C PRO G 31 0.49 -37.34 10.08
N THR G 32 0.85 -38.18 11.02
CA THR G 32 0.21 -38.17 12.32
C THR G 32 1.17 -37.95 13.46
N ASP G 33 2.42 -37.65 13.20
CA ASP G 33 3.36 -37.54 14.29
C ASP G 33 3.18 -36.22 15.02
N VAL G 34 3.47 -36.22 16.31
CA VAL G 34 3.20 -35.09 17.19
C VAL G 34 4.52 -34.38 17.46
N PRO G 35 4.64 -33.11 17.11
CA PRO G 35 5.93 -32.42 17.27
C PRO G 35 6.14 -31.99 18.71
N GLN G 36 7.32 -32.23 19.24
CA GLN G 36 7.64 -31.85 20.60
C GLN G 36 8.30 -30.49 20.67
N ALA G 37 8.28 -29.92 21.85
CA ALA G 37 8.91 -28.63 22.05
C ALA G 37 10.41 -28.75 21.85
N PRO G 38 11.02 -27.85 21.11
CA PRO G 38 12.47 -27.94 20.88
C PRO G 38 13.30 -27.75 22.14
N SER G 39 12.81 -27.00 23.11
CA SER G 39 13.56 -26.73 24.33
C SER G 39 12.60 -26.81 25.50
N GLY G 40 13.04 -26.28 26.64
CA GLY G 40 12.22 -26.21 27.81
C GLY G 40 11.55 -24.88 28.03
N LEU G 41 11.81 -23.91 27.16
CA LEU G 41 11.18 -22.61 27.30
C LEU G 41 9.67 -22.71 27.14
N THR G 42 8.96 -21.81 27.80
CA THR G 42 7.51 -21.86 27.76
C THR G 42 6.99 -21.49 26.38
N ALA G 43 7.64 -20.55 25.70
CA ALA G 43 7.23 -20.19 24.36
C ALA G 43 7.41 -21.35 23.41
N ALA G 44 8.46 -22.16 23.62
CA ALA G 44 8.65 -23.33 22.78
C ALA G 44 7.52 -24.33 22.97
N ASN G 45 7.09 -24.54 24.21
CA ASN G 45 5.99 -25.45 24.43
C ASN G 45 4.72 -24.92 23.80
N ASN G 46 4.49 -23.62 23.91
CA ASN G 46 3.35 -23.02 23.24
C ASN G 46 3.40 -23.24 21.75
N ALA G 47 4.57 -23.07 21.14
CA ALA G 47 4.70 -23.26 19.71
C ALA G 47 4.43 -24.69 19.31
N ALA G 48 4.95 -25.64 20.07
CA ALA G 48 4.70 -27.03 19.75
C ALA G 48 3.22 -27.35 19.86
N GLU G 49 2.56 -26.81 20.87
CA GLU G 49 1.14 -27.09 21.01
C GLU G 49 0.33 -26.42 19.91
N GLN G 50 0.71 -25.22 19.51
CA GLN G 50 0.06 -24.57 18.39
C GLN G 50 0.19 -25.41 17.13
N LEU G 51 1.39 -25.95 16.88
CA LEU G 51 1.58 -26.82 15.73
C LEU G 51 0.73 -28.06 15.82
N ALA G 52 0.67 -28.69 16.99
CA ALA G 52 -0.13 -29.89 17.11
C ALA G 52 -1.60 -29.60 16.82
N VAL G 53 -2.11 -28.48 17.33
CA VAL G 53 -3.50 -28.14 17.11
C VAL G 53 -3.76 -27.84 15.64
N SER G 54 -2.86 -27.10 15.01
CA SER G 54 -3.02 -26.82 13.59
C SER G 54 -3.01 -28.10 12.77
N ALA G 55 -2.14 -29.05 13.12
CA ALA G 55 -2.12 -30.32 12.40
C ALA G 55 -3.42 -31.07 12.55
N ASP G 56 -3.94 -31.13 13.78
CA ASP G 56 -5.23 -31.77 14.01
C ASP G 56 -6.32 -31.12 13.18
N ASN G 57 -6.33 -29.79 13.11
CA ASN G 57 -7.39 -29.12 12.39
C ASN G 57 -7.29 -29.38 10.90
N VAL G 58 -6.08 -29.44 10.37
CA VAL G 58 -5.91 -29.76 8.96
C VAL G 58 -6.38 -31.18 8.67
N ARG G 59 -6.08 -32.12 9.55
CA ARG G 59 -6.53 -33.49 9.33
C ARG G 59 -8.04 -33.57 9.33
N LEU G 60 -8.69 -32.84 10.23
CA LEU G 60 -10.14 -32.80 10.27
C LEU G 60 -10.74 -32.29 8.96
N TYR G 61 -10.20 -31.19 8.45
CA TYR G 61 -10.75 -30.70 7.20
C TYR G 61 -10.46 -31.63 6.03
N LEU G 62 -9.39 -32.40 6.10
CA LEU G 62 -9.15 -33.37 5.06
C LEU G 62 -10.24 -34.43 5.05
N GLN G 63 -10.69 -34.84 6.22
CA GLN G 63 -11.83 -35.77 6.26
C GLN G 63 -13.08 -35.14 5.67
N ALA G 64 -13.27 -33.85 5.91
CA ALA G 64 -14.42 -33.19 5.27
C ALA G 64 -14.32 -33.26 3.74
N GLY G 65 -13.13 -32.97 3.20
CA GLY G 65 -12.96 -33.04 1.77
C GLY G 65 -13.20 -34.43 1.22
N GLU G 66 -12.82 -35.44 1.99
CA GLU G 66 -13.09 -36.80 1.60
C GLU G 66 -14.58 -37.05 1.45
N ARG G 67 -15.38 -36.54 2.38
CA ARG G 67 -16.81 -36.69 2.22
C ARG G 67 -17.31 -35.97 0.96
N GLU G 68 -16.80 -34.79 0.69
CA GLU G 68 -17.24 -34.10 -0.51
C GLU G 68 -16.91 -34.90 -1.76
N ARG G 69 -15.79 -35.59 -1.76
CA ARG G 69 -15.46 -36.38 -2.95
C ARG G 69 -16.37 -37.59 -3.07
N GLN G 70 -16.77 -38.20 -1.96
CA GLN G 70 -17.77 -39.26 -2.09
C GLN G 70 -19.06 -38.75 -2.69
N ARG G 71 -19.51 -37.58 -2.25
CA ARG G 71 -20.75 -37.07 -2.80
C ARG G 71 -20.61 -36.73 -4.27
N LEU G 72 -19.46 -36.22 -4.67
CA LEU G 72 -19.24 -35.93 -6.07
C LEU G 72 -19.26 -37.22 -6.90
N ALA G 73 -18.66 -38.29 -6.40
CA ALA G 73 -18.71 -39.56 -7.10
C ALA G 73 -20.12 -40.07 -7.23
N THR G 74 -20.92 -39.93 -6.18
CA THR G 74 -22.32 -40.31 -6.27
C THR G 74 -23.05 -39.51 -7.33
N SER G 75 -22.82 -38.20 -7.37
CA SER G 75 -23.48 -37.41 -8.39
C SER G 75 -23.06 -37.83 -9.79
N LEU G 76 -21.79 -38.18 -9.97
CA LEU G 76 -21.36 -38.65 -11.28
C LEU G 76 -22.04 -39.95 -11.65
N ARG G 77 -22.20 -40.86 -10.71
CA ARG G 77 -22.89 -42.10 -11.02
C ARG G 77 -24.34 -41.86 -11.39
N ASN G 78 -24.99 -40.93 -10.71
CA ASN G 78 -26.35 -40.61 -11.10
C ASN G 78 -26.40 -40.01 -12.50
N ALA G 79 -25.48 -39.09 -12.78
CA ALA G 79 -25.42 -38.50 -14.11
C ALA G 79 -25.19 -39.56 -15.17
N ALA G 80 -24.40 -40.57 -14.86
CA ALA G 80 -24.20 -41.65 -15.79
C ALA G 80 -25.48 -42.45 -15.98
N ALA G 81 -26.20 -42.71 -14.90
CA ALA G 81 -27.45 -43.43 -15.02
C ALA G 81 -28.49 -42.65 -15.81
N ALA G 82 -28.27 -41.38 -16.06
CA ALA G 82 -29.18 -40.64 -16.91
C ALA G 82 -29.26 -41.19 -18.35
N TYR G 83 -28.33 -42.02 -18.78
CA TYR G 83 -28.34 -42.50 -20.16
C TYR G 83 -28.97 -43.87 -20.30
N GLY G 84 -28.43 -44.88 -19.65
CA GLY G 84 -29.03 -46.19 -19.79
C GLY G 84 -28.91 -46.95 -18.50
N GLU G 85 -29.45 -48.16 -18.51
CA GLU G 85 -29.35 -49.03 -17.35
C GLU G 85 -27.88 -49.28 -17.04
N VAL G 86 -27.57 -49.41 -15.76
CA VAL G 86 -26.19 -49.69 -15.39
C VAL G 86 -26.09 -51.10 -14.83
N SER G 130 25.66 -10.95 42.93
CA SER G 130 24.98 -11.29 41.69
C SER G 130 24.86 -12.79 41.54
N ASP G 131 23.65 -13.30 41.64
CA ASP G 131 23.47 -14.74 41.47
C ASP G 131 23.17 -15.06 40.03
N PHE G 132 23.41 -16.31 39.69
CA PHE G 132 23.34 -16.78 38.32
C PHE G 132 22.11 -17.62 38.07
N THR G 133 21.13 -17.57 38.96
CA THR G 133 20.05 -18.53 38.86
C THR G 133 19.06 -18.19 37.75
N ASP G 134 18.86 -16.92 37.43
CA ASP G 134 18.07 -16.64 36.25
C ASP G 134 18.79 -17.07 34.98
N LEU G 135 20.09 -16.82 34.90
CA LEU G 135 20.86 -17.29 33.76
C LEU G 135 20.90 -18.81 33.74
N LYS G 136 21.09 -19.44 34.88
CA LYS G 136 21.14 -20.90 34.88
C LYS G 136 19.80 -21.49 34.50
N THR G 137 18.71 -20.87 34.91
CA THR G 137 17.39 -21.34 34.51
C THR G 137 17.19 -21.19 33.01
N ALA G 138 17.48 -20.01 32.48
CA ALA G 138 17.34 -19.78 31.06
C ALA G 138 18.16 -20.78 30.26
N ALA G 139 19.42 -20.96 30.62
CA ALA G 139 20.27 -21.88 29.88
C ALA G 139 19.79 -23.31 30.01
N THR G 140 19.38 -23.71 31.20
CA THR G 140 18.97 -25.09 31.38
C THR G 140 17.76 -25.40 30.52
N LYS G 141 16.80 -24.50 30.49
CA LYS G 141 15.66 -24.68 29.61
C LYS G 141 16.08 -24.69 28.16
N LEU G 142 16.91 -23.74 27.75
CA LEU G 142 17.28 -23.66 26.35
C LEU G 142 17.99 -24.91 25.87
N GLU G 143 18.72 -25.59 26.72
CA GLU G 143 19.47 -26.74 26.24
C GLU G 143 18.75 -28.05 26.50
N SER G 144 17.56 -28.01 27.05
CA SER G 144 16.78 -29.21 27.23
C SER G 144 16.03 -29.53 25.93
N GLY G 145 15.18 -30.53 25.99
CA GLY G 145 14.40 -30.89 24.84
C GLY G 145 15.24 -31.63 23.81
N ASP G 146 14.65 -31.84 22.65
CA ASP G 146 15.35 -32.55 21.60
C ASP G 146 15.99 -31.63 20.60
N GLN G 147 15.94 -30.33 20.84
CA GLN G 147 16.62 -29.33 20.04
C GLN G 147 16.08 -29.24 18.64
N GLY G 148 14.92 -29.82 18.39
CA GLY G 148 14.22 -29.62 17.16
C GLY G 148 14.18 -30.78 16.20
N THR G 149 14.62 -31.97 16.58
CA THR G 149 14.59 -33.06 15.61
C THR G 149 13.17 -33.48 15.30
N SER G 150 12.29 -33.50 16.29
CA SER G 150 10.92 -33.87 16.00
C SER G 150 10.21 -32.80 15.19
N MET G 151 10.63 -31.55 15.32
CA MET G 151 10.13 -30.52 14.43
C MET G 151 10.52 -30.79 13.01
N VAL G 152 11.75 -31.25 12.78
CA VAL G 152 12.19 -31.51 11.43
C VAL G 152 11.47 -32.72 10.85
N ASN G 153 11.25 -33.75 11.67
CA ASN G 153 10.47 -34.88 11.18
C ASN G 153 9.05 -34.46 10.82
N PHE G 154 8.44 -33.65 11.68
CA PHE G 154 7.12 -33.10 11.41
C PHE G 154 7.10 -32.34 10.09
N ALA G 155 8.07 -31.47 9.89
CA ALA G 155 8.12 -30.67 8.69
C ALA G 155 8.31 -31.53 7.45
N ASP G 156 9.16 -32.55 7.53
CA ASP G 156 9.35 -33.42 6.40
C ASP G 156 8.05 -34.12 6.04
N GLY G 157 7.36 -34.66 7.04
CA GLY G 157 6.11 -35.31 6.76
C GLY G 157 5.11 -34.39 6.10
N TRP G 158 5.01 -33.16 6.58
CA TRP G 158 4.02 -32.29 6.00
C TRP G 158 4.43 -31.76 4.63
N ASN G 159 5.71 -31.59 4.35
CA ASN G 159 6.14 -31.27 3.00
C ASN G 159 5.84 -32.42 2.04
N ASN G 160 6.08 -33.65 2.47
CA ASN G 160 5.73 -34.77 1.63
C ASN G 160 4.25 -34.77 1.33
N PHE G 161 3.43 -34.47 2.34
CA PHE G 161 2.00 -34.44 2.12
C PHE G 161 1.62 -33.34 1.14
N ASN G 162 2.18 -32.15 1.30
CA ASN G 162 2.05 -31.08 0.31
C ASN G 162 2.26 -31.58 -1.11
N LEU G 163 3.42 -32.19 -1.34
CA LEU G 163 3.73 -32.63 -2.69
C LEU G 163 2.77 -33.71 -3.17
N SER G 164 2.43 -34.64 -2.30
CA SER G 164 1.60 -35.74 -2.75
C SER G 164 0.15 -35.29 -3.00
N LEU G 165 -0.32 -34.27 -2.31
CA LEU G 165 -1.59 -33.67 -2.69
C LEU G 165 -1.48 -33.01 -4.05
N GLN G 166 -0.42 -32.25 -4.27
CA GLN G 166 -0.25 -31.62 -5.57
C GLN G 166 -0.18 -32.62 -6.70
N ARG G 167 0.34 -33.81 -6.46
CA ARG G 167 0.41 -34.77 -7.54
C ARG G 167 -0.90 -35.44 -7.83
N ASP G 168 -1.93 -35.17 -7.05
CA ASP G 168 -3.14 -35.97 -7.12
C ASP G 168 -4.34 -35.18 -7.62
N ILE G 169 -4.13 -34.18 -8.45
CA ILE G 169 -5.23 -33.44 -9.02
C ILE G 169 -5.59 -33.92 -10.43
N LYS G 170 -4.94 -34.96 -10.92
CA LYS G 170 -5.41 -35.59 -12.16
C LYS G 170 -6.85 -36.01 -12.06
N ARG G 171 -7.28 -36.46 -10.89
CA ARG G 171 -8.63 -36.95 -10.73
C ARG G 171 -9.67 -35.87 -10.97
N PHE G 172 -9.29 -34.63 -11.20
CA PHE G 172 -10.26 -33.59 -11.49
C PHE G 172 -10.17 -33.05 -12.90
N ARG G 173 -9.42 -33.71 -13.77
CA ARG G 173 -9.32 -33.23 -15.14
C ARG G 173 -10.67 -33.28 -15.84
N ILE G 174 -10.77 -32.49 -16.90
CA ILE G 174 -11.95 -32.48 -17.75
C ILE G 174 -12.15 -33.83 -18.41
N PHE G 175 -13.35 -34.04 -18.91
CA PHE G 175 -13.70 -35.28 -19.56
C PHE G 175 -13.29 -35.26 -21.03
N GLU G 176 -12.93 -36.42 -21.55
CA GLU G 176 -12.69 -36.53 -22.97
C GLU G 176 -13.99 -36.51 -23.76
N ASN G 177 -14.83 -37.51 -23.53
CA ASN G 177 -15.95 -37.78 -24.42
C ASN G 177 -17.30 -37.39 -23.85
N TRP G 178 -17.35 -36.68 -22.74
CA TRP G 178 -18.63 -36.34 -22.16
C TRP G 178 -18.87 -34.86 -22.34
N GLU G 179 -20.10 -34.49 -22.70
CA GLU G 179 -20.39 -33.12 -23.03
C GLU G 179 -21.84 -32.84 -22.69
N GLY G 180 -22.19 -31.58 -22.66
CA GLY G 180 -23.53 -31.17 -22.32
C GLY G 180 -23.57 -30.46 -20.99
N ASP G 181 -24.78 -30.22 -20.50
CA ASP G 181 -24.94 -29.41 -19.30
C ASP G 181 -24.45 -30.12 -18.06
N ALA G 182 -24.81 -31.39 -17.90
CA ALA G 182 -24.36 -32.12 -16.74
C ALA G 182 -22.84 -32.23 -16.71
N ALA G 183 -22.24 -32.48 -17.86
CA ALA G 183 -20.79 -32.56 -17.93
C ALA G 183 -20.15 -31.23 -17.55
N THR G 184 -20.68 -30.12 -18.05
CA THR G 184 -20.13 -28.83 -17.69
C THR G 184 -20.25 -28.58 -16.19
N ALA G 185 -21.40 -28.92 -15.61
CA ALA G 185 -21.59 -28.68 -14.20
C ALA G 185 -20.68 -29.56 -13.35
N CYS G 186 -20.51 -30.81 -13.74
CA CYS G 186 -19.63 -31.70 -13.02
C CYS G 186 -18.17 -31.27 -13.15
N GLU G 187 -17.79 -30.76 -14.31
CA GLU G 187 -16.45 -30.23 -14.46
C GLU G 187 -16.23 -29.02 -13.59
N ALA G 188 -17.22 -28.15 -13.48
CA ALA G 188 -17.09 -27.01 -12.57
C ALA G 188 -16.94 -27.47 -11.13
N SER G 189 -17.70 -28.49 -10.75
CA SER G 189 -17.58 -29.01 -9.41
C SER G 189 -16.21 -29.64 -9.15
N MET G 190 -15.71 -30.43 -10.10
CA MET G 190 -14.38 -30.99 -9.94
C MET G 190 -13.31 -29.91 -9.89
N ASP G 191 -13.49 -28.86 -10.67
CA ASP G 191 -12.56 -27.75 -10.62
C ASP G 191 -12.55 -27.11 -9.24
N GLN G 192 -13.71 -26.97 -8.63
CA GLN G 192 -13.77 -26.42 -7.28
C GLN G 192 -13.05 -27.33 -6.28
N GLN G 193 -13.27 -28.64 -6.40
CA GLN G 193 -12.56 -29.54 -5.52
C GLN G 193 -11.07 -29.44 -5.71
N LYS G 194 -10.63 -29.29 -6.96
CA LYS G 194 -9.22 -29.12 -7.24
C LYS G 194 -8.67 -27.87 -6.58
N GLU G 195 -9.42 -26.78 -6.66
CA GLU G 195 -8.97 -25.55 -6.02
C GLU G 195 -8.84 -25.72 -4.53
N TRP G 196 -9.80 -26.38 -3.91
CA TRP G 196 -9.72 -26.60 -2.48
C TRP G 196 -8.54 -27.47 -2.12
N ILE G 197 -8.26 -28.49 -2.92
CA ILE G 197 -7.13 -29.37 -2.66
C ILE G 197 -5.83 -28.58 -2.75
N LEU G 198 -5.70 -27.71 -3.74
CA LEU G 198 -4.48 -26.92 -3.84
C LEU G 198 -4.33 -25.98 -2.66
N HIS G 199 -5.42 -25.39 -2.21
CA HIS G 199 -5.36 -24.56 -1.01
C HIS G 199 -4.94 -25.38 0.21
N MET G 200 -5.42 -26.61 0.31
CA MET G 200 -5.04 -27.45 1.43
C MET G 200 -3.57 -27.83 1.37
N ALA G 201 -3.07 -28.08 0.17
CA ALA G 201 -1.64 -28.34 0.02
C ALA G 201 -0.82 -27.14 0.44
N LYS G 202 -1.29 -25.95 0.08
CA LYS G 202 -0.60 -24.74 0.49
C LYS G 202 -0.58 -24.59 2.00
N LEU G 203 -1.68 -24.95 2.65
CA LEU G 203 -1.71 -24.91 4.11
C LEU G 203 -0.76 -25.93 4.72
N SER G 204 -0.70 -27.13 4.14
CA SER G 204 0.28 -28.11 4.59
C SER G 204 1.69 -27.57 4.46
N ALA G 205 1.97 -26.90 3.35
CA ALA G 205 3.29 -26.32 3.17
C ALA G 205 3.57 -25.28 4.23
N SER G 206 2.60 -24.43 4.54
CA SER G 206 2.83 -23.42 5.55
C SER G 206 3.05 -24.05 6.91
N LEU G 207 2.39 -25.18 7.17
CA LEU G 207 2.62 -25.91 8.40
C LEU G 207 4.07 -26.37 8.49
N ALA G 208 4.56 -27.00 7.43
CA ALA G 208 5.94 -27.46 7.44
C ALA G 208 6.90 -26.28 7.54
N LYS G 209 6.55 -25.18 6.90
CA LYS G 209 7.39 -23.99 6.96
C LYS G 209 7.51 -23.48 8.38
N GLN G 210 6.41 -23.46 9.13
CA GLN G 210 6.47 -23.04 10.52
C GLN G 210 7.32 -23.99 11.34
N ALA G 211 7.18 -25.29 11.12
CA ALA G 211 8.01 -26.22 11.89
C ALA G 211 9.50 -26.00 11.61
N ASN G 212 9.86 -25.80 10.34
CA ASN G 212 11.23 -25.52 10.01
C ASN G 212 11.70 -24.24 10.66
N PHE G 213 10.82 -23.25 10.70
CA PHE G 213 11.15 -22.00 11.35
C PHE G 213 11.47 -22.21 12.81
N MET G 214 10.70 -23.07 13.49
CA MET G 214 10.97 -23.32 14.89
C MET G 214 12.31 -24.01 15.08
N ALA G 215 12.64 -24.96 14.22
CA ALA G 215 13.94 -25.59 14.33
C ALA G 215 15.08 -24.60 14.13
N GLN G 216 14.96 -23.72 13.14
CA GLN G 216 16.02 -22.75 12.93
C GLN G 216 16.09 -21.76 14.08
N LEU G 217 14.96 -21.42 14.66
CA LEU G 217 14.96 -20.54 15.81
C LEU G 217 15.69 -21.18 16.98
N GLN G 218 15.48 -22.48 17.18
CA GLN G 218 16.19 -23.15 18.25
C GLN G 218 17.69 -23.11 18.03
N LEU G 219 18.14 -23.35 16.80
CA LEU G 219 19.57 -23.26 16.54
C LEU G 219 20.10 -21.85 16.77
N TRP G 220 19.39 -20.86 16.27
CA TRP G 220 19.84 -19.48 16.39
C TRP G 220 19.96 -19.08 17.85
N ALA G 221 19.00 -19.47 18.66
CA ALA G 221 19.04 -19.14 20.06
C ALA G 221 20.15 -19.89 20.75
N ARG G 222 20.43 -21.11 20.33
CA ARG G 222 21.42 -21.88 21.04
C ARG G 222 22.82 -21.35 20.76
N ARG G 223 23.08 -20.86 19.57
CA ARG G 223 24.39 -20.29 19.37
C ARG G 223 24.43 -18.81 19.71
N GLY G 224 23.32 -18.21 20.07
CA GLY G 224 23.38 -16.84 20.49
C GLY G 224 23.36 -16.62 21.98
N HIS G 225 23.28 -17.68 22.75
CA HIS G 225 23.04 -17.60 24.17
C HIS G 225 24.15 -18.29 24.92
N PRO G 226 24.58 -17.71 26.04
CA PRO G 226 25.67 -18.32 26.81
C PRO G 226 25.32 -19.71 27.30
N THR G 227 26.26 -20.61 27.16
CA THR G 227 26.06 -22.00 27.50
C THR G 227 25.87 -22.16 29.01
N LEU G 228 25.31 -23.29 29.42
CA LEU G 228 25.28 -23.64 30.82
C LEU G 228 26.69 -23.81 31.36
N ALA G 229 27.58 -24.41 30.57
CA ALA G 229 28.97 -24.54 30.98
C ALA G 229 29.63 -23.19 31.15
N ASP G 230 29.35 -22.25 30.25
CA ASP G 230 29.92 -20.92 30.41
C ASP G 230 29.40 -20.22 31.65
N ILE G 231 28.16 -20.50 32.03
CA ILE G 231 27.61 -19.86 33.22
C ILE G 231 28.23 -20.47 34.46
N VAL G 232 28.42 -21.78 34.46
CA VAL G 232 29.10 -22.42 35.58
C VAL G 232 30.53 -21.91 35.69
N GLU G 233 31.21 -21.77 34.56
CA GLU G 233 32.52 -21.15 34.57
C GLU G 233 32.49 -19.77 35.18
N LEU G 234 31.61 -18.92 34.70
CA LEU G 234 31.62 -17.54 35.15
C LEU G 234 31.34 -17.47 36.64
N GLU G 235 30.40 -18.28 37.11
CA GLU G 235 30.10 -18.32 38.53
C GLU G 235 31.32 -18.73 39.35
N ARG G 236 31.93 -19.86 39.00
CA ARG G 236 33.07 -20.31 39.78
C ARG G 236 34.19 -19.30 39.74
N LEU G 237 34.63 -18.92 38.55
CA LEU G 237 35.63 -17.86 38.44
C LEU G 237 35.20 -16.58 39.13
N ALA G 238 33.93 -16.45 39.51
CA ALA G 238 33.57 -15.38 40.43
C ALA G 238 33.63 -15.81 41.88
N LYS G 239 33.83 -17.10 42.16
CA LYS G 239 34.00 -17.51 43.54
C LYS G 239 35.38 -17.10 44.08
N ASP G 240 36.35 -16.93 43.21
CA ASP G 240 37.68 -16.49 43.62
C ASP G 240 37.73 -14.96 43.71
N PRO G 241 38.26 -14.39 44.79
CA PRO G 241 38.25 -12.93 44.95
C PRO G 241 39.50 -12.26 44.40
N ASP G 242 39.75 -12.40 43.12
CA ASP G 242 40.76 -11.61 42.43
C ASP G 242 40.29 -11.03 41.11
N TYR G 243 39.24 -11.57 40.50
CA TYR G 243 38.85 -11.26 39.14
C TYR G 243 37.66 -10.34 39.05
N GLN G 244 37.02 -10.03 40.17
CA GLN G 244 35.75 -9.31 40.22
C GLN G 244 35.65 -8.25 39.15
N GLU G 245 36.70 -7.43 39.03
CA GLU G 245 36.78 -6.42 37.98
C GLU G 245 36.35 -6.97 36.63
N GLN G 246 36.52 -8.27 36.42
CA GLN G 246 36.22 -8.87 35.13
C GLN G 246 34.92 -9.67 35.17
N ALA G 247 34.79 -10.53 36.17
CA ALA G 247 33.63 -11.40 36.27
C ALA G 247 32.34 -10.60 36.39
N ILE G 248 32.34 -9.51 37.15
CA ILE G 248 31.10 -8.75 37.29
C ILE G 248 30.70 -8.15 35.96
N LYS G 249 31.68 -7.62 35.22
CA LYS G 249 31.45 -7.15 33.86
C LYS G 249 30.86 -8.26 32.99
N LEU G 250 31.46 -9.44 33.03
CA LEU G 250 30.99 -10.54 32.20
C LEU G 250 29.59 -10.97 32.60
N TYR G 251 29.28 -10.96 33.89
CA TYR G 251 27.93 -11.31 34.34
C TYR G 251 26.92 -10.36 33.76
N ALA G 252 27.21 -9.07 33.82
CA ALA G 252 26.26 -8.12 33.26
C ALA G 252 26.11 -8.33 31.77
N GLU G 253 27.19 -8.63 31.07
CA GLU G 253 27.07 -8.82 29.63
C GLU G 253 26.25 -10.07 29.31
N TYR G 254 26.51 -11.17 30.01
CA TYR G 254 25.70 -12.36 29.82
C TYR G 254 24.24 -12.05 30.07
N GLN G 255 23.94 -11.40 31.16
CA GLN G 255 22.56 -11.20 31.53
C GLN G 255 21.85 -10.32 30.51
N GLU G 256 22.58 -9.35 29.97
CA GLU G 256 22.09 -8.61 28.82
C GLU G 256 21.74 -9.53 27.67
N THR G 257 22.74 -10.21 27.13
CA THR G 257 22.52 -11.03 25.95
C THR G 257 21.41 -12.04 26.17
N SER G 258 21.29 -12.54 27.39
CA SER G 258 20.28 -13.53 27.69
C SER G 258 18.89 -12.95 27.60
N GLU G 259 18.67 -11.81 28.24
CA GLU G 259 17.38 -11.17 28.07
C GLU G 259 17.10 -10.90 26.60
N LYS G 260 18.13 -10.52 25.85
CA LYS G 260 17.92 -10.16 24.46
C LYS G 260 17.50 -11.36 23.62
N VAL G 261 18.25 -12.44 23.75
CA VAL G 261 17.95 -13.67 23.05
C VAL G 261 16.58 -14.20 23.44
N LEU G 262 16.26 -14.21 24.72
CA LEU G 262 14.97 -14.74 25.13
C LEU G 262 13.81 -13.88 24.68
N SER G 263 13.97 -12.56 24.61
CA SER G 263 12.88 -11.76 24.06
C SER G 263 12.66 -12.07 22.60
N GLU G 264 13.75 -12.16 21.83
CA GLU G 264 13.65 -12.58 20.44
C GLU G 264 12.92 -13.92 20.34
N TYR G 265 13.35 -14.88 21.14
CA TYR G 265 12.78 -16.21 21.11
C TYR G 265 11.30 -16.17 21.40
N ASN G 266 10.90 -15.39 22.39
CA ASN G 266 9.52 -15.41 22.80
C ASN G 266 8.64 -14.76 21.77
N THR G 267 9.12 -13.75 21.08
CA THR G 267 8.21 -13.16 20.12
C THR G 267 8.17 -13.94 18.82
N LYS G 268 9.31 -14.45 18.36
CA LYS G 268 9.27 -15.16 17.09
C LYS G 268 8.66 -16.53 17.22
N ALA G 269 8.61 -17.10 18.40
CA ALA G 269 7.99 -18.39 18.59
C ALA G 269 6.50 -18.31 18.77
N ASP G 270 5.90 -17.20 18.41
CA ASP G 270 4.46 -17.03 18.49
C ASP G 270 3.87 -17.33 17.12
N LEU G 271 3.36 -18.54 16.95
CA LEU G 271 2.97 -19.03 15.64
C LEU G 271 1.52 -18.72 15.33
N GLU G 272 1.28 -18.38 14.09
CA GLU G 272 -0.09 -18.18 13.63
C GLU G 272 -0.83 -19.50 13.63
N PRO G 273 -2.08 -19.52 14.05
CA PRO G 273 -2.92 -20.70 13.82
C PRO G 273 -3.25 -20.83 12.35
N VAL G 274 -3.59 -22.05 11.96
CA VAL G 274 -3.93 -22.38 10.59
C VAL G 274 -5.39 -22.80 10.58
N ASN G 275 -6.25 -22.00 9.96
CA ASN G 275 -7.63 -22.47 9.84
C ASN G 275 -7.96 -22.82 8.40
N PRO G 276 -8.27 -24.08 8.14
CA PRO G 276 -8.59 -24.51 6.79
C PRO G 276 -9.99 -24.10 6.42
N PRO G 277 -10.20 -23.63 5.20
CA PRO G 277 -11.57 -23.44 4.73
C PRO G 277 -12.25 -24.77 4.52
N LYS G 278 -13.55 -24.79 4.70
CA LYS G 278 -14.25 -26.02 4.43
C LYS G 278 -14.34 -26.22 2.93
N PRO G 279 -14.39 -27.46 2.48
CA PRO G 279 -14.43 -27.71 1.04
C PRO G 279 -15.74 -27.24 0.46
N PRO G 280 -15.74 -26.77 -0.78
CA PRO G 280 -16.99 -26.39 -1.44
C PRO G 280 -17.92 -27.59 -1.54
N ALA G 281 -19.21 -27.32 -1.47
CA ALA G 281 -20.17 -28.39 -1.57
C ALA G 281 -20.10 -29.03 -2.94
N ALA G 282 -20.16 -30.35 -2.97
CA ALA G 282 -20.24 -31.06 -4.23
C ALA G 282 -21.55 -30.78 -4.93
N ILE G 283 -21.54 -30.83 -6.25
CA ILE G 283 -22.79 -30.73 -6.98
C ILE G 283 -23.64 -31.95 -6.70
N LYS G 284 -24.94 -31.75 -6.55
CA LYS G 284 -25.85 -32.85 -6.30
C LYS G 284 -26.63 -33.19 -7.54
N ILE G 285 -26.59 -34.45 -7.94
CA ILE G 285 -27.37 -34.95 -9.05
C ILE G 285 -28.20 -36.10 -8.51
N ASP G 286 -29.50 -35.98 -8.59
CA ASP G 286 -30.35 -37.04 -8.08
C ASP G 286 -30.39 -38.21 -9.04
N PRO G 287 -30.64 -39.41 -8.53
CA PRO G 287 -30.85 -40.53 -9.43
C PRO G 287 -32.06 -40.28 -10.29
N PRO G 288 -32.04 -40.78 -11.52
CA PRO G 288 -33.15 -40.68 -12.47
C PRO G 288 -34.44 -41.29 -11.94
#